data_2O3X
# 
_entry.id   2O3X 
# 
_audit_conform.dict_name       mmcif_pdbx.dic 
_audit_conform.dict_version    5.377 
_audit_conform.dict_location   http://mmcif.pdb.org/dictionaries/ascii/mmcif_pdbx.dic 
# 
loop_
_database_2.database_id 
_database_2.database_code 
_database_2.pdbx_database_accession 
_database_2.pdbx_DOI 
PDB   2O3X         pdb_00002o3x 10.2210/pdb2o3x/pdb 
NDB   DR0039       ?            ?                   
RCSB  RCSB040655   ?            ?                   
WWPDB D_1000040655 ?            ?                   
# 
loop_
_pdbx_database_related.db_name 
_pdbx_database_related.db_id 
_pdbx_database_related.details 
_pdbx_database_related.content_type 
PDB 2O3V 'Crystal Structure of the Homo sapiens Cytoplasmic Ribosomal Decoding Site complexed with paromamine derivative NB33' 
unspecified 
PDB 2O3W 'Crystal Structure of the Homo sapiens Cytoplasmic Ribosomal Decoding Site in presence of paromomycin'                
unspecified 
PDB 2O3Y 'Crystal Structure of the Homo sapiens Cytoplasmic Ribosomal Decoding Site in Presence of Paromamine Derivative NB30' 
unspecified 
# 
_pdbx_database_status.entry_id                        2O3X 
_pdbx_database_status.deposit_site                    RCSB 
_pdbx_database_status.process_site                    RCSB 
_pdbx_database_status.recvd_initial_deposition_date   2006-12-02 
_pdbx_database_status.status_code                     REL 
_pdbx_database_status.status_code_sf                  REL 
_pdbx_database_status.status_code_mr                  ? 
_pdbx_database_status.SG_entry                        ? 
_pdbx_database_status.pdb_format_compatible           Y 
_pdbx_database_status.status_code_cs                  ? 
_pdbx_database_status.status_code_nmr_data            ? 
_pdbx_database_status.methods_development_category    ? 
# 
loop_
_audit_author.name 
_audit_author.pdbx_ordinal 
'Kondo, J.'           1 
'Hainrichson, M.'     2 
'Nudelman, I.'        3 
'Shallom-Shezifi, D.' 4 
'Baasov, T.'          5 
'Westhof, E.'         6 
# 
_citation.id                        primary 
_citation.title                     
'Differential Selectivity of Natural and Synthetic Aminoglycosides towards the Eukaryotic and Prokaryotic Decoding A Sites.' 
_citation.journal_abbrev            Chembiochem 
_citation.journal_volume            8 
_citation.page_first                1700 
_citation.page_last                 1709 
_citation.year                      2007 
_citation.journal_id_ASTM           ? 
_citation.country                   GE 
_citation.journal_id_ISSN           1439-4227 
_citation.journal_id_CSD            ? 
_citation.book_publisher            ? 
_citation.pdbx_database_id_PubMed   17705310 
_citation.pdbx_database_id_DOI      10.1002/cbic.200700271 
# 
loop_
_citation_author.citation_id 
_citation_author.name 
_citation_author.ordinal 
_citation_author.identifier_ORCID 
primary 'Kondo, J.'           1 ? 
primary 'Hainrichson, M.'     2 ? 
primary 'Nudelman, I.'        3 ? 
primary 'Shallom-Shezifi, D.' 4 ? 
primary 'Barbieri, C.M.'      5 ? 
primary 'Pilch, D.S.'         6 ? 
primary 'Westhof, E.'         7 ? 
primary 'Baasov, T.'          8 ? 
# 
_cell.length_a           33.140 
_cell.length_b           46.830 
_cell.length_c           85.720 
_cell.angle_alpha        90.000 
_cell.angle_beta         90.000 
_cell.angle_gamma        90.000 
_cell.entry_id           2O3X 
_cell.pdbx_unique_axis   ? 
_cell.Z_PDB              8 
_cell.length_a_esd       ? 
_cell.length_b_esd       ? 
_cell.length_c_esd       ? 
_cell.angle_alpha_esd    ? 
_cell.angle_beta_esd     ? 
_cell.angle_gamma_esd    ? 
# 
_symmetry.space_group_name_H-M             'P 21 21 21' 
_symmetry.entry_id                         2O3X 
_symmetry.Int_Tables_number                19 
_symmetry.pdbx_full_space_group_name_H-M   ? 
_symmetry.cell_setting                     ? 
_symmetry.space_group_name_Hall            ? 
# 
loop_
_entity.id 
_entity.type 
_entity.src_method 
_entity.pdbx_description 
_entity.formula_weight 
_entity.pdbx_number_of_molecules 
_entity.pdbx_ec 
_entity.pdbx_mutation 
_entity.pdbx_fragment 
_entity.details 
1 polymer     syn 
;RNA (5'-R(*UP*UP*GP*CP*GP*UP*CP*AP*CP*AP*CP*CP*GP*GP*UP*GP*AP*AP*GP*UP*CP*GP*C)-3')
;
7355.409 2 ? ? ? ? 
2 non-polymer syn 
;(1R,2R,3S,4R,6S)-4,6-DIAMINO-2-[(5-AMINO-5-DEOXY-BETA-D-RIBOFURANOSYL)OXY]-3-HYDROXYCYCLOHEXYL 2-AMINO-2-DEOXY-ALPHA-D-GLUCOPYRANOSIDE
;
454.473  1 ? ? ? ? 
# 
_entity_poly.entity_id                      1 
_entity_poly.type                           polyribonucleotide 
_entity_poly.nstd_linkage                   no 
_entity_poly.nstd_monomer                   no 
_entity_poly.pdbx_seq_one_letter_code       UUGCGUCACACCGGUGAAGUCGC 
_entity_poly.pdbx_seq_one_letter_code_can   UUGCGUCACACCGGUGAAGUCGC 
_entity_poly.pdbx_strand_id                 A,B 
_entity_poly.pdbx_target_identifier         ? 
# 
loop_
_entity_poly_seq.entity_id 
_entity_poly_seq.num 
_entity_poly_seq.mon_id 
_entity_poly_seq.hetero 
1 1  U n 
1 2  U n 
1 3  G n 
1 4  C n 
1 5  G n 
1 6  U n 
1 7  C n 
1 8  A n 
1 9  C n 
1 10 A n 
1 11 C n 
1 12 C n 
1 13 G n 
1 14 G n 
1 15 U n 
1 16 G n 
1 17 A n 
1 18 A n 
1 19 G n 
1 20 U n 
1 21 C n 
1 22 G n 
1 23 C n 
# 
_pdbx_entity_src_syn.entity_id              1 
_pdbx_entity_src_syn.pdbx_src_id            1 
_pdbx_entity_src_syn.pdbx_alt_source_flag   sample 
_pdbx_entity_src_syn.pdbx_beg_seq_num       ? 
_pdbx_entity_src_syn.pdbx_end_seq_num       ? 
_pdbx_entity_src_syn.organism_scientific    ? 
_pdbx_entity_src_syn.organism_common_name   ? 
_pdbx_entity_src_syn.ncbi_taxonomy_id       ? 
_pdbx_entity_src_syn.details                'Chemically synthesized' 
# 
_struct_ref.id                         1 
_struct_ref.db_code                    2O3X 
_struct_ref.db_name                    PDB 
_struct_ref.entity_id                  1 
_struct_ref.pdbx_db_accession          2O3X 
_struct_ref.pdbx_align_begin           1 
_struct_ref.pdbx_seq_one_letter_code   UUGCGUCACACCGGUGAAGUCGC 
_struct_ref.pdbx_db_isoform            ? 
# 
loop_
_struct_ref_seq.align_id 
_struct_ref_seq.ref_id 
_struct_ref_seq.pdbx_PDB_id_code 
_struct_ref_seq.pdbx_strand_id 
_struct_ref_seq.seq_align_beg 
_struct_ref_seq.pdbx_seq_align_beg_ins_code 
_struct_ref_seq.seq_align_end 
_struct_ref_seq.pdbx_seq_align_end_ins_code 
_struct_ref_seq.pdbx_db_accession 
_struct_ref_seq.db_align_beg 
_struct_ref_seq.pdbx_db_align_beg_ins_code 
_struct_ref_seq.db_align_end 
_struct_ref_seq.pdbx_db_align_end_ins_code 
_struct_ref_seq.pdbx_auth_seq_align_beg 
_struct_ref_seq.pdbx_auth_seq_align_end 
1 1 2O3X A 1 ? 23 ? 2O3X 1  ? 23 ? 1  23 
2 1 2O3X B 1 ? 23 ? 2O3X 24 ? 46 ? 24 46 
# 
loop_
_chem_comp.id 
_chem_comp.type 
_chem_comp.mon_nstd_flag 
_chem_comp.name 
_chem_comp.pdbx_synonyms 
_chem_comp.formula 
_chem_comp.formula_weight 
A   'RNA linking' y "ADENOSINE-5'-MONOPHOSPHATE" ? 'C10 H14 N5 O7 P' 347.221 
C   'RNA linking' y "CYTIDINE-5'-MONOPHOSPHATE" ? 'C9 H14 N3 O8 P'  323.197 
G   'RNA linking' y "GUANOSINE-5'-MONOPHOSPHATE" ? 'C10 H14 N5 O8 P' 363.221 
N30 non-polymer   . 
;(1R,2R,3S,4R,6S)-4,6-DIAMINO-2-[(5-AMINO-5-DEOXY-BETA-D-RIBOFURANOSYL)OXY]-3-HYDROXYCYCLOHEXYL 2-AMINO-2-DEOXY-ALPHA-D-GLUCOPYRANOSIDE
;
? 'C17 H34 N4 O10'  454.473 
U   'RNA linking' y "URIDINE-5'-MONOPHOSPHATE" ? 'C9 H13 N2 O9 P'  324.181 
# 
_exptl.crystals_number   1 
_exptl.entry_id          2O3X 
_exptl.method            'X-RAY DIFFRACTION' 
# 
_exptl_crystal.id                    1 
_exptl_crystal.density_Matthews      2.26 
_exptl_crystal.density_meas          ? 
_exptl_crystal.density_percent_sol   45.59 
_exptl_crystal.description           ? 
_exptl_crystal.F_000                 ? 
_exptl_crystal.preparation           ? 
# 
_exptl_crystal_grow.crystal_id      1 
_exptl_crystal_grow.method          'VAPOR DIFFUSION, HANGING DROP' 
_exptl_crystal_grow.pH              6.5 
_exptl_crystal_grow.temp            300 
_exptl_crystal_grow.temp_details    ? 
_exptl_crystal_grow.pdbx_details    
;Sodium Cacodylate, Potassium chloride, 2-methyl-2,4-pentanediol, spermine tetrahydrochloride, glycerol, pH 6.5, VAPOR DIFFUSION, HANGING DROP, temperature 300K
;
_exptl_crystal_grow.pdbx_pH_range   . 
# 
loop_
_exptl_crystal_grow_comp.crystal_id 
_exptl_crystal_grow_comp.id 
_exptl_crystal_grow_comp.sol_id 
_exptl_crystal_grow_comp.name 
_exptl_crystal_grow_comp.conc 
_exptl_crystal_grow_comp.volume 
_exptl_crystal_grow_comp.details 
1 1 1 'Sodium Cacodylate'           ? ? ? 
1 2 1 'Potassium chloride'          ? ? ? 
1 3 1 2-methyl-2,4-pentanediol      ? ? ? 
1 4 1 'spermine tetrahydrochloride' ? ? ? 
1 5 1 glycerol                      ? ? ? 
1 6 2 'Sodium Cacodylate'           ? ? ? 
1 7 2 'Potassium chloride'          ? ? ? 
1 8 2 2-methyl-2,4-pentanediol      ? ? ? 
1 9 2 'spermine tetrahydrochloride' ? ? ? 
# 
_diffrn.id                     1 
_diffrn.ambient_temp           100 
_diffrn.ambient_temp_details   ? 
_diffrn.crystal_id             1 
# 
_diffrn_detector.diffrn_id              1 
_diffrn_detector.detector               CCD 
_diffrn_detector.type                   'ADSC QUANTUM 315' 
_diffrn_detector.pdbx_collection_date   2006-05-22 
_diffrn_detector.details                ? 
# 
_diffrn_radiation.diffrn_id                        1 
_diffrn_radiation.wavelength_id                    1 
_diffrn_radiation.pdbx_diffrn_protocol             'SINGLE WAVELENGTH' 
_diffrn_radiation.monochromator                    'Si(111)' 
_diffrn_radiation.pdbx_monochromatic_or_laue_m_l   M 
_diffrn_radiation.pdbx_scattering_type             x-ray 
# 
_diffrn_radiation_wavelength.id           1 
_diffrn_radiation_wavelength.wavelength   0.9737 
_diffrn_radiation_wavelength.wt           1.0 
# 
_diffrn_source.diffrn_id                   1 
_diffrn_source.source                      SYNCHROTRON 
_diffrn_source.type                        'ESRF BEAMLINE ID29' 
_diffrn_source.pdbx_wavelength             ? 
_diffrn_source.pdbx_wavelength_list        0.9737 
_diffrn_source.pdbx_synchrotron_site       ESRF 
_diffrn_source.pdbx_synchrotron_beamline   ID29 
# 
_reflns.entry_id                     2O3X 
_reflns.d_resolution_high            2.900 
_reflns.d_resolution_low             42.860 
_reflns.number_obs                   3222 
_reflns.pdbx_scaling_rejects         159 
_reflns.pdbx_Rmerge_I_obs            0.163 
_reflns.pdbx_netI_over_sigmaI        8.300 
_reflns.pdbx_chi_squared             0.940 
_reflns.pdbx_redundancy              6.530 
_reflns.percent_possible_obs         99.400 
_reflns.observed_criterion_sigma_F   ? 
_reflns.observed_criterion_sigma_I   ? 
_reflns.number_all                   ? 
_reflns.pdbx_Rsym_value              ? 
_reflns.B_iso_Wilson_estimate        ? 
_reflns.R_free_details               ? 
_reflns.pdbx_diffrn_id               1 
_reflns.pdbx_ordinal                 1 
# 
loop_
_reflns_shell.d_res_high 
_reflns_shell.d_res_low 
_reflns_shell.number_measured_obs 
_reflns_shell.number_measured_all 
_reflns_shell.number_unique_obs 
_reflns_shell.Rmerge_I_obs 
_reflns_shell.meanI_over_sigI_obs 
_reflns_shell.pdbx_Rsym_value 
_reflns_shell.pdbx_chi_squared 
_reflns_shell.pdbx_redundancy 
_reflns_shell.percent_possible_obs 
_reflns_shell.number_unique_all 
_reflns_shell.percent_possible_all 
_reflns_shell.pdbx_diffrn_id 
_reflns_shell.pdbx_ordinal 
2.90 3.00  ? 2266 ? 0.35  3.0  ? 0.570 6.93 ? 327 100.00 ? 1  
3.00 3.12  ? 2093 ? 0.289 2.5  ? 0.340 6.77 ? 309 100.00 ? 2  
3.12 3.27  ? 2092 ? 0.259 3.0  ? 0.350 6.86 ? 305 100.00 ? 3  
3.27 3.44  ? 2153 ? 0.244 3.8  ? 0.500 6.75 ? 319 100.00 ? 4  
3.44 3.65  ? 2196 ? 0.239 5.1  ? 0.810 6.82 ? 322 100.00 ? 5  
3.65 3.94  ? 2103 ? 0.249 5.5  ? 0.840 6.70 ? 314 100.00 ? 6  
3.94 4.33  ? 2135 ? 0.217 6.3  ? 0.940 6.61 ? 322 99.70  ? 7  
4.33 4.96  ? 2041 ? 0.174 9.2  ? 1.340 6.30 ? 322 100.00 ? 8  
4.96 6.24  ? 2008 ? 0.151 14.0 ? 1.500 5.90 ? 337 100.00 ? 9  
6.24 42.86 ? 2105 ? 0.071 32.9 ? 2.470 5.76 ? 345 95.30  ? 10 
# 
_refine.entry_id                                 2O3X 
_refine.ls_d_res_high                            2.900 
_refine.ls_d_res_low                             10.000 
_refine.pdbx_ls_sigma_F                          3 
_refine.ls_percent_reflns_obs                    93.800 
_refine.ls_number_reflns_obs                     2948 
_refine.ls_R_factor_R_work                       0.246 
_refine.ls_R_factor_R_free                       0.285 
_refine.ls_percent_reflns_R_free                 9.300 
_refine.ls_number_reflns_R_free                  292 
_refine.B_iso_mean                               76.921 
_refine.solvent_model_param_bsol                 47.316 
_refine.aniso_B[1][1]                            13.647 
_refine.aniso_B[2][2]                            2.852 
_refine.aniso_B[3][3]                            -16.499 
_refine.aniso_B[1][2]                            0.000 
_refine.aniso_B[1][3]                            0.000 
_refine.aniso_B[2][3]                            0.000 
_refine.overall_FOM_work_R_set                   0.756 
_refine.pdbx_ls_sigma_I                          ? 
_refine.ls_number_reflns_all                     ? 
_refine.ls_R_factor_all                          ? 
_refine.ls_R_factor_obs                          ? 
_refine.ls_redundancy_reflns_obs                 ? 
_refine.pdbx_data_cutoff_high_absF               ? 
_refine.pdbx_data_cutoff_low_absF                ? 
_refine.ls_number_parameters                     ? 
_refine.ls_number_restraints                     ? 
_refine.ls_R_factor_R_free_error                 ? 
_refine.ls_R_factor_R_free_error_details         ? 
_refine.pdbx_method_to_determine_struct          'MOLECULAR REPLACEMENT' 
_refine.pdbx_starting_model                      1J7T 
_refine.pdbx_ls_cross_valid_method               ? 
_refine.pdbx_R_Free_selection_details            ? 
_refine.pdbx_stereochem_target_val_spec_case     ? 
_refine.pdbx_stereochemistry_target_values       ? 
_refine.solvent_model_details                    ? 
_refine.solvent_model_param_ksol                 ? 
_refine.occupancy_max                            ? 
_refine.occupancy_min                            ? 
_refine.pdbx_isotropic_thermal_model             
;G. Parkinson, J. Vojtechovsky, L. Clowney, A.T. Brunger, H.M. Berman, New Parameters for the Refinement of Nucleic Acid Containing Structures, Acta Cryst. D, 52, 57-64 (1996).
;
_refine.details                                  ? 
_refine.correlation_coeff_Fo_to_Fc               ? 
_refine.correlation_coeff_Fo_to_Fc_free          ? 
_refine.pdbx_solvent_vdw_probe_radii             ? 
_refine.pdbx_solvent_ion_probe_radii             ? 
_refine.pdbx_solvent_shrinkage_radii             ? 
_refine.overall_SU_R_Cruickshank_DPI             ? 
_refine.overall_SU_R_free                        ? 
_refine.overall_SU_ML                            ? 
_refine.overall_SU_B                             ? 
_refine.pdbx_overall_ESU_R_Free                  ? 
_refine.pdbx_data_cutoff_high_rms_absF           ? 
_refine.pdbx_overall_ESU_R                       ? 
_refine.ls_wR_factor_R_free                      ? 
_refine.ls_wR_factor_R_work                      ? 
_refine.overall_FOM_free_R_set                   ? 
_refine.pdbx_refine_id                           'X-RAY DIFFRACTION' 
_refine.pdbx_diffrn_id                           1 
_refine.pdbx_TLS_residual_ADP_flag               ? 
_refine.pdbx_overall_phase_error                 ? 
_refine.pdbx_overall_SU_R_free_Cruickshank_DPI   ? 
_refine.pdbx_overall_SU_R_Blow_DPI               ? 
_refine.pdbx_overall_SU_R_free_Blow_DPI          ? 
# 
_refine_hist.pdbx_refine_id                   'X-RAY DIFFRACTION' 
_refine_hist.cycle_id                         LAST 
_refine_hist.pdbx_number_atoms_protein        0 
_refine_hist.pdbx_number_atoms_nucleic_acid   898 
_refine_hist.pdbx_number_atoms_ligand         31 
_refine_hist.number_atoms_solvent             0 
_refine_hist.number_atoms_total               929 
_refine_hist.d_res_high                       2.900 
_refine_hist.d_res_low                        10.000 
# 
loop_
_refine_ls_restr.type 
_refine_ls_restr.number 
_refine_ls_restr.dev_ideal 
_refine_ls_restr.dev_ideal_target 
_refine_ls_restr.weight 
_refine_ls_restr.pdbx_refine_id 
_refine_ls_restr.pdbx_restraint_function 
c_bond_d    ? 0.007 1.500 ? 'X-RAY DIFFRACTION' ? 
c_angle_deg ? 1.234 2.00  ? 'X-RAY DIFFRACTION' ? 
# 
loop_
_refine_ls_shell.d_res_high 
_refine_ls_shell.d_res_low 
_refine_ls_shell.pdbx_total_number_of_bins_used 
_refine_ls_shell.percent_reflns_obs 
_refine_ls_shell.number_reflns_R_work 
_refine_ls_shell.R_factor_all 
_refine_ls_shell.R_factor_R_work 
_refine_ls_shell.R_factor_R_free 
_refine_ls_shell.percent_reflns_R_free 
_refine_ls_shell.number_reflns_R_free 
_refine_ls_shell.R_factor_R_free_error 
_refine_ls_shell.number_reflns_all 
_refine_ls_shell.number_reflns_obs 
_refine_ls_shell.redundancy_reflns_obs 
_refine_ls_shell.pdbx_refine_id 
2.900 3.030  8 . 285 . 0.367 0.456 . 32 . . 317 . 'X-RAY DIFFRACTION' 
3.030 3.180  8 . 313 . 0.311 0.243 . 21 . . 334 . 'X-RAY DIFFRACTION' 
3.180 3.380  8 . 320 . 0.322 0.414 . 42 . . 362 . 'X-RAY DIFFRACTION' 
3.380 3.620  8 . 307 . 0.274 0.314 . 37 . . 344 . 'X-RAY DIFFRACTION' 
3.620 3.970  8 . 336 . 0.285 0.375 . 46 . . 382 . 'X-RAY DIFFRACTION' 
3.970 4.500  8 . 340 . 0.254 0.302 . 45 . . 385 . 'X-RAY DIFFRACTION' 
4.500 5.500  8 . 370 . 0.227 0.269 . 34 . . 404 . 'X-RAY DIFFRACTION' 
5.500 10.000 8 . 385 . 0.185 0.226 . 35 . . 420 . 'X-RAY DIFFRACTION' 
# 
loop_
_pdbx_xplor_file.serial_no 
_pdbx_xplor_file.param_file 
_pdbx_xplor_file.topol_file 
_pdbx_xplor_file.pdbx_refine_id 
1 dna-rna_rep.param dna-rna.top    'X-RAY DIFFRACTION' 
2 nb30_xplor.param  nb30_xplor.top 'X-RAY DIFFRACTION' 
3 water.param       water.top      'X-RAY DIFFRACTION' 
# 
_struct.entry_id                  2O3X 
_struct.title                     
'Crystal Structure of the Prokaryotic Ribosomal Decoding Site Complexed with Paromamine Derivative NB30' 
_struct.pdbx_model_details        ? 
_struct.pdbx_CASP_flag            ? 
_struct.pdbx_model_type_details   ? 
# 
_struct_keywords.entry_id        2O3X 
_struct_keywords.pdbx_keywords   RNA 
_struct_keywords.text            
'aminoglycoside, antibiotics, ribosome, decoding site, Prokaryote, Translation inhibition, Stop codon readthrough, RNA' 
# 
loop_
_struct_asym.id 
_struct_asym.pdbx_blank_PDB_chainid_flag 
_struct_asym.pdbx_modified 
_struct_asym.entity_id 
_struct_asym.details 
A N N 1 ? 
B N N 1 ? 
C N N 2 ? 
# 
_struct_biol.id        1 
_struct_biol.details   ? 
# 
loop_
_struct_conn.id 
_struct_conn.conn_type_id 
_struct_conn.pdbx_leaving_atom_flag 
_struct_conn.pdbx_PDB_id 
_struct_conn.ptnr1_label_asym_id 
_struct_conn.ptnr1_label_comp_id 
_struct_conn.ptnr1_label_seq_id 
_struct_conn.ptnr1_label_atom_id 
_struct_conn.pdbx_ptnr1_label_alt_id 
_struct_conn.pdbx_ptnr1_PDB_ins_code 
_struct_conn.pdbx_ptnr1_standard_comp_id 
_struct_conn.ptnr1_symmetry 
_struct_conn.ptnr2_label_asym_id 
_struct_conn.ptnr2_label_comp_id 
_struct_conn.ptnr2_label_seq_id 
_struct_conn.ptnr2_label_atom_id 
_struct_conn.pdbx_ptnr2_label_alt_id 
_struct_conn.pdbx_ptnr2_PDB_ins_code 
_struct_conn.ptnr1_auth_asym_id 
_struct_conn.ptnr1_auth_comp_id 
_struct_conn.ptnr1_auth_seq_id 
_struct_conn.ptnr2_auth_asym_id 
_struct_conn.ptnr2_auth_comp_id 
_struct_conn.ptnr2_auth_seq_id 
_struct_conn.ptnr2_symmetry 
_struct_conn.pdbx_ptnr3_label_atom_id 
_struct_conn.pdbx_ptnr3_label_seq_id 
_struct_conn.pdbx_ptnr3_label_comp_id 
_struct_conn.pdbx_ptnr3_label_asym_id 
_struct_conn.pdbx_ptnr3_label_alt_id 
_struct_conn.pdbx_ptnr3_PDB_ins_code 
_struct_conn.details 
_struct_conn.pdbx_dist_value 
_struct_conn.pdbx_value_order 
_struct_conn.pdbx_role 
hydrog1  hydrog ? ? A G 3  N1 ? ? ? 1_555 B C 23 N3 ? ? A G 3  B C 46 1_555 ? ? ? ? ? ? WATSON-CRICK ? ? ? 
hydrog2  hydrog ? ? A G 3  N2 ? ? ? 1_555 B C 23 O2 ? ? A G 3  B C 46 1_555 ? ? ? ? ? ? WATSON-CRICK ? ? ? 
hydrog3  hydrog ? ? A G 3  O6 ? ? ? 1_555 B C 23 N4 ? ? A G 3  B C 46 1_555 ? ? ? ? ? ? WATSON-CRICK ? ? ? 
hydrog4  hydrog ? ? A C 4  N3 ? ? ? 1_555 B G 22 N1 ? ? A C 4  B G 45 1_555 ? ? ? ? ? ? WATSON-CRICK ? ? ? 
hydrog5  hydrog ? ? A C 4  N4 ? ? ? 1_555 B G 22 O6 ? ? A C 4  B G 45 1_555 ? ? ? ? ? ? WATSON-CRICK ? ? ? 
hydrog6  hydrog ? ? A C 4  O2 ? ? ? 1_555 B G 22 N2 ? ? A C 4  B G 45 1_555 ? ? ? ? ? ? WATSON-CRICK ? ? ? 
hydrog7  hydrog ? ? A G 5  N1 ? ? ? 1_555 B C 21 N3 ? ? A G 5  B C 44 1_555 ? ? ? ? ? ? WATSON-CRICK ? ? ? 
hydrog8  hydrog ? ? A G 5  N2 ? ? ? 1_555 B C 21 O2 ? ? A G 5  B C 44 1_555 ? ? ? ? ? ? WATSON-CRICK ? ? ? 
hydrog9  hydrog ? ? A G 5  O6 ? ? ? 1_555 B C 21 N4 ? ? A G 5  B C 44 1_555 ? ? ? ? ? ? WATSON-CRICK ? ? ? 
hydrog10 hydrog ? ? A C 7  N3 ? ? ? 1_555 B G 19 N1 ? ? A C 7  B G 42 1_555 ? ? ? ? ? ? WATSON-CRICK ? ? ? 
hydrog11 hydrog ? ? A C 7  N4 ? ? ? 1_555 B G 19 O6 ? ? A C 7  B G 42 1_555 ? ? ? ? ? ? WATSON-CRICK ? ? ? 
hydrog12 hydrog ? ? A C 7  O2 ? ? ? 1_555 B G 19 N2 ? ? A C 7  B G 42 1_555 ? ? ? ? ? ? WATSON-CRICK ? ? ? 
hydrog13 hydrog ? ? A C 9  N3 ? ? ? 1_555 B G 16 N1 ? ? A C 9  B G 39 1_555 ? ? ? ? ? ? WATSON-CRICK ? ? ? 
hydrog14 hydrog ? ? A C 9  N4 ? ? ? 1_555 B G 16 O6 ? ? A C 9  B G 39 1_555 ? ? ? ? ? ? WATSON-CRICK ? ? ? 
hydrog15 hydrog ? ? A C 9  O2 ? ? ? 1_555 B G 16 N2 ? ? A C 9  B G 39 1_555 ? ? ? ? ? ? WATSON-CRICK ? ? ? 
hydrog16 hydrog ? ? A A 10 N1 ? ? ? 1_555 B U 15 N3 ? ? A A 10 B U 38 1_555 ? ? ? ? ? ? WATSON-CRICK ? ? ? 
hydrog17 hydrog ? ? A A 10 N6 ? ? ? 1_555 B U 15 O4 ? ? A A 10 B U 38 1_555 ? ? ? ? ? ? WATSON-CRICK ? ? ? 
hydrog18 hydrog ? ? A C 11 N3 ? ? ? 1_555 B G 14 N1 ? ? A C 11 B G 37 1_555 ? ? ? ? ? ? WATSON-CRICK ? ? ? 
hydrog19 hydrog ? ? A C 11 N4 ? ? ? 1_555 B G 14 O6 ? ? A C 11 B G 37 1_555 ? ? ? ? ? ? WATSON-CRICK ? ? ? 
hydrog20 hydrog ? ? A C 11 O2 ? ? ? 1_555 B G 14 N2 ? ? A C 11 B G 37 1_555 ? ? ? ? ? ? WATSON-CRICK ? ? ? 
hydrog21 hydrog ? ? A C 12 N3 ? ? ? 1_555 B G 13 N1 ? ? A C 12 B G 36 1_555 ? ? ? ? ? ? WATSON-CRICK ? ? ? 
hydrog22 hydrog ? ? A C 12 N4 ? ? ? 1_555 B G 13 O6 ? ? A C 12 B G 36 1_555 ? ? ? ? ? ? WATSON-CRICK ? ? ? 
hydrog23 hydrog ? ? A C 12 O2 ? ? ? 1_555 B G 13 N2 ? ? A C 12 B G 36 1_555 ? ? ? ? ? ? WATSON-CRICK ? ? ? 
hydrog24 hydrog ? ? A G 13 N1 ? ? ? 1_555 B C 12 N3 ? ? A G 13 B C 35 1_555 ? ? ? ? ? ? WATSON-CRICK ? ? ? 
hydrog25 hydrog ? ? A G 13 N2 ? ? ? 1_555 B C 12 O2 ? ? A G 13 B C 35 1_555 ? ? ? ? ? ? WATSON-CRICK ? ? ? 
hydrog26 hydrog ? ? A G 13 O6 ? ? ? 1_555 B C 12 N4 ? ? A G 13 B C 35 1_555 ? ? ? ? ? ? WATSON-CRICK ? ? ? 
hydrog27 hydrog ? ? A G 14 N1 ? ? ? 1_555 B C 11 N3 ? ? A G 14 B C 34 1_555 ? ? ? ? ? ? WATSON-CRICK ? ? ? 
hydrog28 hydrog ? ? A G 14 N2 ? ? ? 1_555 B C 11 O2 ? ? A G 14 B C 34 1_555 ? ? ? ? ? ? WATSON-CRICK ? ? ? 
hydrog29 hydrog ? ? A G 14 O6 ? ? ? 1_555 B C 11 N4 ? ? A G 14 B C 34 1_555 ? ? ? ? ? ? WATSON-CRICK ? ? ? 
hydrog30 hydrog ? ? A U 15 N3 ? ? ? 1_555 B A 10 N1 ? ? A U 15 B A 33 1_555 ? ? ? ? ? ? WATSON-CRICK ? ? ? 
hydrog31 hydrog ? ? A U 15 O4 ? ? ? 1_555 B A 10 N6 ? ? A U 15 B A 33 1_555 ? ? ? ? ? ? WATSON-CRICK ? ? ? 
hydrog32 hydrog ? ? A G 16 N1 ? ? ? 1_555 B C 9  N3 ? ? A G 16 B C 32 1_555 ? ? ? ? ? ? WATSON-CRICK ? ? ? 
hydrog33 hydrog ? ? A G 16 N2 ? ? ? 1_555 B C 9  O2 ? ? A G 16 B C 32 1_555 ? ? ? ? ? ? WATSON-CRICK ? ? ? 
hydrog34 hydrog ? ? A G 16 O6 ? ? ? 1_555 B C 9  N4 ? ? A G 16 B C 32 1_555 ? ? ? ? ? ? WATSON-CRICK ? ? ? 
hydrog35 hydrog ? ? A G 19 N1 ? ? ? 1_555 B C 7  N3 ? ? A G 19 B C 30 1_555 ? ? ? ? ? ? WATSON-CRICK ? ? ? 
hydrog36 hydrog ? ? A G 19 N2 ? ? ? 1_555 B C 7  O2 ? ? A G 19 B C 30 1_555 ? ? ? ? ? ? WATSON-CRICK ? ? ? 
hydrog37 hydrog ? ? A G 19 O6 ? ? ? 1_555 B C 7  N4 ? ? A G 19 B C 30 1_555 ? ? ? ? ? ? WATSON-CRICK ? ? ? 
hydrog38 hydrog ? ? A U 20 N3 ? ? ? 1_555 B U 6  O2 ? ? A U 20 B U 29 1_555 ? ? ? ? ? ? TYPE_16_PAIR ? ? ? 
hydrog39 hydrog ? ? A U 20 O4 ? ? ? 1_555 B U 6  N3 ? ? A U 20 B U 29 1_555 ? ? ? ? ? ? TYPE_16_PAIR ? ? ? 
hydrog40 hydrog ? ? A C 21 N3 ? ? ? 1_555 B G 5  N1 ? ? A C 21 B G 28 1_555 ? ? ? ? ? ? WATSON-CRICK ? ? ? 
hydrog41 hydrog ? ? A C 21 N4 ? ? ? 1_555 B G 5  O6 ? ? A C 21 B G 28 1_555 ? ? ? ? ? ? WATSON-CRICK ? ? ? 
hydrog42 hydrog ? ? A C 21 O2 ? ? ? 1_555 B G 5  N2 ? ? A C 21 B G 28 1_555 ? ? ? ? ? ? WATSON-CRICK ? ? ? 
hydrog43 hydrog ? ? A G 22 N1 ? ? ? 1_555 B C 4  N3 ? ? A G 22 B C 27 1_555 ? ? ? ? ? ? WATSON-CRICK ? ? ? 
hydrog44 hydrog ? ? A G 22 N2 ? ? ? 1_555 B C 4  O2 ? ? A G 22 B C 27 1_555 ? ? ? ? ? ? WATSON-CRICK ? ? ? 
hydrog45 hydrog ? ? A G 22 O6 ? ? ? 1_555 B C 4  N4 ? ? A G 22 B C 27 1_555 ? ? ? ? ? ? WATSON-CRICK ? ? ? 
hydrog46 hydrog ? ? A C 23 N3 ? ? ? 1_555 B G 3  N1 ? ? A C 23 B G 26 1_555 ? ? ? ? ? ? WATSON-CRICK ? ? ? 
hydrog47 hydrog ? ? A C 23 N4 ? ? ? 1_555 B G 3  O6 ? ? A C 23 B G 26 1_555 ? ? ? ? ? ? WATSON-CRICK ? ? ? 
hydrog48 hydrog ? ? A C 23 O2 ? ? ? 1_555 B G 3  N2 ? ? A C 23 B G 26 1_555 ? ? ? ? ? ? WATSON-CRICK ? ? ? 
# 
_struct_conn_type.id          hydrog 
_struct_conn_type.criteria    ? 
_struct_conn_type.reference   ? 
# 
loop_
_struct_site.id 
_struct_site.pdbx_evidence_code 
_struct_site.pdbx_auth_asym_id 
_struct_site.pdbx_auth_comp_id 
_struct_site.pdbx_auth_seq_id 
_struct_site.pdbx_auth_ins_code 
_struct_site.pdbx_num_residues 
_struct_site.details 
AC1 Software B N30 1 ? 10 'BINDING SITE FOR RESIDUE N30 B 1' 
1   ?        ? ?   ? ? ?  ?                                  
# 
loop_
_struct_site_gen.id 
_struct_site_gen.site_id 
_struct_site_gen.pdbx_num_res 
_struct_site_gen.label_comp_id 
_struct_site_gen.label_asym_id 
_struct_site_gen.label_seq_id 
_struct_site_gen.pdbx_auth_ins_code 
_struct_site_gen.auth_comp_id 
_struct_site_gen.auth_asym_id 
_struct_site_gen.auth_seq_id 
_struct_site_gen.label_atom_id 
_struct_site_gen.label_alt_id 
_struct_site_gen.symmetry 
_struct_site_gen.details 
1  AC1 10 G A 5  ? G A 5  . ? 1_555 ? 
2  AC1 10 C A 7  ? C A 7  . ? 1_555 ? 
3  AC1 10 A A 8  ? A A 8  . ? 1_555 ? 
4  AC1 10 A A 17 ? A A 17 . ? 3_645 ? 
5  AC1 10 G B 16 ? G B 39 . ? 1_555 ? 
6  AC1 10 A B 17 ? A B 40 . ? 1_555 ? 
7  AC1 10 A B 18 ? A B 41 . ? 1_555 ? 
8  AC1 10 G B 19 ? G B 42 . ? 1_555 ? 
9  AC1 10 U B 20 ? U B 43 . ? 1_555 ? 
10 AC1 10 C B 21 ? C B 44 . ? 1_555 ? 
# 
_atom_sites.entry_id                    2O3X 
_atom_sites.fract_transf_matrix[1][1]   0.00211458 
_atom_sites.fract_transf_matrix[1][2]   0.03009740 
_atom_sites.fract_transf_matrix[1][3]   0.00045380 
_atom_sites.fract_transf_matrix[2][1]   -0.02054157 
_atom_sites.fract_transf_matrix[2][2]   0.00135765 
_atom_sites.fract_transf_matrix[2][3]   0.00567398 
_atom_sites.fract_transf_matrix[3][1]   0.00308065 
_atom_sites.fract_transf_matrix[3][2]   -0.00038599 
_atom_sites.fract_transf_matrix[3][3]   0.01124527 
_atom_sites.fract_transf_vector[1]      0.414431 
_atom_sites.fract_transf_vector[2]      0.444446 
_atom_sites.fract_transf_vector[3]      0.132400 
# 
loop_
_atom_type.symbol 
C 
N 
O 
P 
# 
loop_
_atom_site.group_PDB 
_atom_site.id 
_atom_site.type_symbol 
_atom_site.label_atom_id 
_atom_site.label_alt_id 
_atom_site.label_comp_id 
_atom_site.label_asym_id 
_atom_site.label_entity_id 
_atom_site.label_seq_id 
_atom_site.pdbx_PDB_ins_code 
_atom_site.Cartn_x 
_atom_site.Cartn_y 
_atom_site.Cartn_z 
_atom_site.occupancy 
_atom_site.B_iso_or_equiv 
_atom_site.pdbx_formal_charge 
_atom_site.auth_seq_id 
_atom_site.auth_comp_id 
_atom_site.auth_asym_id 
_atom_site.auth_atom_id 
_atom_site.pdbx_PDB_model_num 
ATOM   1   P P     . G   A 1 3  ? 21.418  6.540   -13.003 1.00 105.06 ? 3  G   A P     1 
ATOM   2   O OP1   . G   A 1 3  ? 22.229  6.837   -14.260 1.00 105.36 ? 3  G   A OP1   1 
ATOM   3   O OP2   . G   A 1 3  ? 20.838  5.130   -13.026 1.00 104.26 ? 3  G   A OP2   1 
ATOM   4   O "O5'" . G   A 1 3  ? 22.464  6.543   -11.748 1.00 102.60 ? 3  G   A "O5'" 1 
ATOM   5   C "C5'" . G   A 1 3  ? 23.503  5.546   -11.656 1.00 99.89  ? 3  G   A "C5'" 1 
ATOM   6   C "C4'" . G   A 1 3  ? 24.149  5.573   -10.288 1.00 97.31  ? 3  G   A "C4'" 1 
ATOM   7   O "O4'" . G   A 1 3  ? 24.886  6.810   -10.107 1.00 95.67  ? 3  G   A "O4'" 1 
ATOM   8   C "C3'" . G   A 1 3  ? 23.193  5.532   -9.109  1.00 95.89  ? 3  G   A "C3'" 1 
ATOM   9   O "O3'" . G   A 1 3  ? 22.801  4.204   -8.817  1.00 95.22  ? 3  G   A "O3'" 1 
ATOM   10  C "C2'" . G   A 1 3  ? 24.028  6.148   -7.995  1.00 94.55  ? 3  G   A "C2'" 1 
ATOM   11  O "O2'" . G   A 1 3  ? 24.962  5.248   -7.431  1.00 93.66  ? 3  G   A "O2'" 1 
ATOM   12  C "C1'" . G   A 1 3  ? 24.752  7.255   -8.763  1.00 93.37  ? 3  G   A "C1'" 1 
ATOM   13  N N9    . G   A 1 3  ? 23.974  8.487   -8.785  1.00 90.35  ? 3  G   A N9    1 
ATOM   14  C C8    . G   A 1 3  ? 23.284  9.011   -9.854  1.00 88.96  ? 3  G   A C8    1 
ATOM   15  N N7    . G   A 1 3  ? 22.682  10.133  -9.573  1.00 87.00  ? 3  G   A N7    1 
ATOM   16  C C5    . G   A 1 3  ? 22.991  10.361  -8.240  1.00 86.00  ? 3  G   A C5    1 
ATOM   17  C C6    . G   A 1 3  ? 22.616  11.412  -7.397  1.00 85.38  ? 3  G   A C6    1 
ATOM   18  O O6    . G   A 1 3  ? 21.905  12.386  -7.666  1.00 85.33  ? 3  G   A O6    1 
ATOM   19  N N1    . G   A 1 3  ? 23.148  11.258  -6.115  1.00 84.24  ? 3  G   A N1    1 
ATOM   20  C C2    . G   A 1 3  ? 23.936  10.204  -5.705  1.00 84.18  ? 3  G   A C2    1 
ATOM   21  N N2    . G   A 1 3  ? 24.358  10.221  -4.429  1.00 81.82  ? 3  G   A N2    1 
ATOM   22  N N3    . G   A 1 3  ? 24.285  9.206   -6.494  1.00 85.47  ? 3  G   A N3    1 
ATOM   23  C C4    . G   A 1 3  ? 23.785  9.350   -7.740  1.00 87.32  ? 3  G   A C4    1 
ATOM   24  P P     . C   A 1 4  ? 21.380  3.946   -8.130  1.00 95.07  ? 4  C   A P     1 
ATOM   25  O OP1   . C   A 1 4  ? 21.266  2.473   -7.962  1.00 94.77  ? 4  C   A OP1   1 
ATOM   26  O OP2   . C   A 1 4  ? 20.342  4.677   -8.906  1.00 93.66  ? 4  C   A OP2   1 
ATOM   27  O "O5'" . C   A 1 4  ? 21.545  4.622   -6.691  1.00 92.48  ? 4  C   A "O5'" 1 
ATOM   28  C "C5'" . C   A 1 4  ? 22.439  4.061   -5.731  1.00 88.78  ? 4  C   A "C5'" 1 
ATOM   29  C "C4'" . C   A 1 4  ? 22.496  4.907   -4.476  1.00 86.67  ? 4  C   A "C4'" 1 
ATOM   30  O "O4'" . C   A 1 4  ? 22.901  6.261   -4.824  1.00 85.83  ? 4  C   A "O4'" 1 
ATOM   31  C "C3'" . C   A 1 4  ? 21.202  5.145   -3.712  1.00 86.37  ? 4  C   A "C3'" 1 
ATOM   32  O "O3'" . C   A 1 4  ? 20.796  4.051   -2.889  1.00 86.90  ? 4  C   A "O3'" 1 
ATOM   33  C "C2'" . C   A 1 4  ? 21.573  6.353   -2.864  1.00 84.49  ? 4  C   A "C2'" 1 
ATOM   34  O "O2'" . C   A 1 4  ? 22.412  6.007   -1.773  1.00 83.74  ? 4  C   A "O2'" 1 
ATOM   35  C "C1'" . C   A 1 4  ? 22.362  7.178   -3.877  1.00 82.71  ? 4  C   A "C1'" 1 
ATOM   36  N N1    . C   A 1 4  ? 21.532  8.154   -4.595  1.00 78.93  ? 4  C   A N1    1 
ATOM   37  C C2    . C   A 1 4  ? 21.234  9.380   -3.975  1.00 77.85  ? 4  C   A C2    1 
ATOM   38  O O2    . C   A 1 4  ? 21.625  9.578   -2.812  1.00 77.83  ? 4  C   A O2    1 
ATOM   39  N N3    . C   A 1 4  ? 20.527  10.314  -4.655  1.00 75.75  ? 4  C   A N3    1 
ATOM   40  C C4    . C   A 1 4  ? 20.109  10.057  -5.895  1.00 75.26  ? 4  C   A C4    1 
ATOM   41  N N4    . C   A 1 4  ? 19.447  11.022  -6.541  1.00 74.63  ? 4  C   A N4    1 
ATOM   42  C C5    . C   A 1 4  ? 20.362  8.803   -6.535  1.00 75.93  ? 4  C   A C5    1 
ATOM   43  C C6    . C   A 1 4  ? 21.070  7.890   -5.853  1.00 77.16  ? 4  C   A C6    1 
ATOM   44  P P     . G   A 1 5  ? 19.237  3.895   -2.514  1.00 86.53  ? 5  G   A P     1 
ATOM   45  O OP1   . G   A 1 5  ? 19.043  2.587   -1.833  1.00 85.38  ? 5  G   A OP1   1 
ATOM   46  O OP2   . G   A 1 5  ? 18.471  4.195   -3.760  1.00 85.45  ? 5  G   A OP2   1 
ATOM   47  O "O5'" . G   A 1 5  ? 18.972  5.084   -1.474  1.00 83.98  ? 5  G   A "O5'" 1 
ATOM   48  C "C5'" . G   A 1 5  ? 19.695  5.165   -0.241  1.00 79.61  ? 5  G   A "C5'" 1 
ATOM   49  C "C4'" . G   A 1 5  ? 19.209  6.343   0.582   1.00 76.84  ? 5  G   A "C4'" 1 
ATOM   50  O "O4'" . G   A 1 5  ? 19.621  7.596   -0.033  1.00 75.47  ? 5  G   A "O4'" 1 
ATOM   51  C "C3'" . G   A 1 5  ? 17.703  6.488   0.700   1.00 75.34  ? 5  G   A "C3'" 1 
ATOM   52  O "O3'" . G   A 1 5  ? 17.168  5.640   1.691   1.00 75.16  ? 5  G   A "O3'" 1 
ATOM   53  C "C2'" . G   A 1 5  ? 17.549  7.960   1.063   1.00 73.40  ? 5  G   A "C2'" 1 
ATOM   54  O "O2'" . G   A 1 5  ? 17.800  8.246   2.429   1.00 72.23  ? 5  G   A "O2'" 1 
ATOM   55  C "C1'" . G   A 1 5  ? 18.620  8.588   0.172   1.00 71.74  ? 5  G   A "C1'" 1 
ATOM   56  N N9    . G   A 1 5  ? 18.084  8.969   -1.131  1.00 67.73  ? 5  G   A N9    1 
ATOM   57  C C8    . G   A 1 5  ? 18.192  8.277   -2.314  1.00 66.31  ? 5  G   A C8    1 
ATOM   58  N N7    . G   A 1 5  ? 17.604  8.880   -3.315  1.00 64.47  ? 5  G   A N7    1 
ATOM   59  C C5    . G   A 1 5  ? 17.083  10.035  -2.759  1.00 62.94  ? 5  G   A C5    1 
ATOM   60  C C6    . G   A 1 5  ? 16.358  11.086  -3.356  1.00 61.89  ? 5  G   A C6    1 
ATOM   61  O O6    . G   A 1 5  ? 16.040  11.226  -4.546  1.00 59.92  ? 5  G   A O6    1 
ATOM   62  N N1    . G   A 1 5  ? 15.998  12.053  -2.419  1.00 61.80  ? 5  G   A N1    1 
ATOM   63  C C2    . G   A 1 5  ? 16.314  12.008  -1.081  1.00 63.07  ? 5  G   A C2    1 
ATOM   64  N N2    . G   A 1 5  ? 15.857  12.994  -0.323  1.00 62.04  ? 5  G   A N2    1 
ATOM   65  N N3    . G   A 1 5  ? 17.024  11.046  -0.521  1.00 64.02  ? 5  G   A N3    1 
ATOM   66  C C4    . G   A 1 5  ? 17.365  10.098  -1.408  1.00 65.20  ? 5  G   A C4    1 
ATOM   67  P P     . U   A 1 6  ? 15.586  5.521   1.834   1.00 75.59  ? 6  U   A P     1 
ATOM   68  O OP1   . U   A 1 6  ? 15.234  4.088   1.961   1.00 76.66  ? 6  U   A OP1   1 
ATOM   69  O OP2   . U   A 1 6  ? 15.006  6.316   0.734   1.00 77.59  ? 6  U   A OP2   1 
ATOM   70  O "O5'" . U   A 1 6  ? 15.269  6.272   3.204   1.00 76.51  ? 6  U   A "O5'" 1 
ATOM   71  C "C5'" . U   A 1 6  ? 14.385  7.382   3.232   1.00 75.96  ? 6  U   A "C5'" 1 
ATOM   72  C "C4'" . U   A 1 6  ? 13.299  7.163   4.257   1.00 76.51  ? 6  U   A "C4'" 1 
ATOM   73  O "O4'" . U   A 1 6  ? 13.878  7.029   5.579   1.00 76.61  ? 6  U   A "O4'" 1 
ATOM   74  C "C3'" . U   A 1 6  ? 12.335  8.327   4.376   1.00 76.90  ? 6  U   A "C3'" 1 
ATOM   75  O "O3'" . U   A 1 6  ? 11.422  8.361   3.249   1.00 77.86  ? 6  U   A "O3'" 1 
ATOM   76  C "C2'" . U   A 1 6  ? 11.851  8.306   5.840   1.00 76.79  ? 6  U   A "C2'" 1 
ATOM   77  O "O2'" . U   A 1 6  ? 10.590  7.723   6.138   1.00 74.81  ? 6  U   A "O2'" 1 
ATOM   78  C "C1'" . U   A 1 6  ? 12.989  7.554   6.551   1.00 77.17  ? 6  U   A "C1'" 1 
ATOM   79  N N1    . U   A 1 6  ? 13.779  8.317   7.528   1.00 77.24  ? 6  U   A N1    1 
ATOM   80  C C2    . U   A 1 6  ? 13.663  7.957   8.861   1.00 77.37  ? 6  U   A C2    1 
ATOM   81  O O2    . U   A 1 6  ? 12.922  7.067   9.242   1.00 77.02  ? 6  U   A O2    1 
ATOM   82  N N3    . U   A 1 6  ? 14.453  8.677   9.728   1.00 76.83  ? 6  U   A N3    1 
ATOM   83  C C4    . U   A 1 6  ? 15.329  9.696   9.404   1.00 76.19  ? 6  U   A C4    1 
ATOM   84  O O4    . U   A 1 6  ? 16.017  10.204  10.286  1.00 74.82  ? 6  U   A O4    1 
ATOM   85  C C5    . U   A 1 6  ? 15.380  10.019  8.010   1.00 76.33  ? 6  U   A C5    1 
ATOM   86  C C6    . U   A 1 6  ? 14.619  9.338   7.141   1.00 77.28  ? 6  U   A C6    1 
ATOM   87  P P     . C   A 1 7  ? 10.239  7.254   3.060   1.00 75.72  ? 7  C   A P     1 
ATOM   88  O OP1   . C   A 1 7  ? 9.921   6.548   4.324   1.00 75.23  ? 7  C   A OP1   1 
ATOM   89  O OP2   . C   A 1 7  ? 10.553  6.455   1.854   1.00 76.31  ? 7  C   A OP2   1 
ATOM   90  O "O5'" . C   A 1 7  ? 8.999   8.191   2.712   1.00 73.83  ? 7  C   A "O5'" 1 
ATOM   91  C "C5'" . C   A 1 7  ? 8.762   9.361   3.502   1.00 70.17  ? 7  C   A "C5'" 1 
ATOM   92  C "C4'" . C   A 1 7  ? 8.382   10.549  2.640   1.00 67.02  ? 7  C   A "C4'" 1 
ATOM   93  O "O4'" . C   A 1 7  ? 9.490   11.010  1.816   1.00 64.59  ? 7  C   A "O4'" 1 
ATOM   94  C "C3'" . C   A 1 7  ? 7.276   10.324  1.634   1.00 65.83  ? 7  C   A "C3'" 1 
ATOM   95  O "O3'" . C   A 1 7  ? 6.009   10.306  2.246   1.00 65.27  ? 7  C   A "O3'" 1 
ATOM   96  C "C2'" . C   A 1 7  ? 7.448   11.530  0.729   1.00 64.92  ? 7  C   A "C2'" 1 
ATOM   97  O "O2'" . C   A 1 7  ? 6.980   12.720  1.293   1.00 66.58  ? 7  C   A "O2'" 1 
ATOM   98  C "C1'" . C   A 1 7  ? 8.967   11.606  0.638   1.00 64.39  ? 7  C   A "C1'" 1 
ATOM   99  N N1    . C   A 1 7  ? 9.370   10.818  -0.526  1.00 63.58  ? 7  C   A N1    1 
ATOM   100 C C2    . C   A 1 7  ? 9.190   11.379  -1.780  1.00 63.85  ? 7  C   A C2    1 
ATOM   101 O O2    . C   A 1 7  ? 8.699   12.521  -1.860  1.00 64.40  ? 7  C   A O2    1 
ATOM   102 N N3    . C   A 1 7  ? 9.546   10.680  -2.870  1.00 63.13  ? 7  C   A N3    1 
ATOM   103 C C4    . C   A 1 7  ? 10.061  9.468   -2.739  1.00 60.94  ? 7  C   A C4    1 
ATOM   104 N N4    . C   A 1 7  ? 10.423  8.828   -3.842  1.00 62.09  ? 7  C   A N4    1 
ATOM   105 C C5    . C   A 1 7  ? 10.238  8.862   -1.472  1.00 61.42  ? 7  C   A C5    1 
ATOM   106 C C6    . C   A 1 7  ? 9.888   9.568   -0.397  1.00 62.15  ? 7  C   A C6    1 
ATOM   107 P P     . A   A 1 8  ? 4.844   9.442   1.584   1.00 66.94  ? 8  A   A P     1 
ATOM   108 O OP1   . A   A 1 8  ? 3.663   9.560   2.477   1.00 67.65  ? 8  A   A OP1   1 
ATOM   109 O OP2   . A   A 1 8  ? 5.399   8.099   1.262   1.00 65.44  ? 8  A   A OP2   1 
ATOM   110 O "O5'" . A   A 1 8  ? 4.515   10.229  0.242   1.00 64.77  ? 8  A   A "O5'" 1 
ATOM   111 C "C5'" . A   A 1 8  ? 4.104   11.581  0.305   1.00 64.31  ? 8  A   A "C5'" 1 
ATOM   112 C "C4'" . A   A 1 8  ? 3.786   12.085  -1.069  1.00 65.07  ? 8  A   A "C4'" 1 
ATOM   113 O "O4'" . A   A 1 8  ? 4.993   12.125  -1.860  1.00 65.11  ? 8  A   A "O4'" 1 
ATOM   114 C "C3'" . A   A 1 8  ? 2.864   11.194  -1.864  1.00 66.13  ? 8  A   A "C3'" 1 
ATOM   115 O "O3'" . A   A 1 8  ? 1.523   11.490  -1.535  1.00 69.10  ? 8  A   A "O3'" 1 
ATOM   116 C "C2'" . A   A 1 8  ? 3.181   11.615  -3.289  1.00 65.62  ? 8  A   A "C2'" 1 
ATOM   117 O "O2'" . A   A 1 8  ? 2.560   12.837  -3.590  1.00 65.89  ? 8  A   A "O2'" 1 
ATOM   118 C "C1'" . A   A 1 8  ? 4.694   11.813  -3.213  1.00 64.87  ? 8  A   A "C1'" 1 
ATOM   119 N N9    . A   A 1 8  ? 5.441   10.604  -3.577  1.00 64.67  ? 8  A   A N9    1 
ATOM   120 C C8    . A   A 1 8  ? 5.940   9.632   -2.733  1.00 64.25  ? 8  A   A C8    1 
ATOM   121 N N7    . A   A 1 8  ? 6.524   8.638   -3.356  1.00 62.29  ? 8  A   A N7    1 
ATOM   122 C C5    . A   A 1 8  ? 6.412   8.979   -4.696  1.00 61.82  ? 8  A   A C5    1 
ATOM   123 C C6    . A   A 1 8  ? 6.819   8.327   -5.864  1.00 60.85  ? 8  A   A C6    1 
ATOM   124 N N6    . A   A 1 8  ? 7.434   7.145   -5.876  1.00 60.26  ? 8  A   A N6    1 
ATOM   125 N N1    . A   A 1 8  ? 6.566   8.933   -7.037  1.00 60.95  ? 8  A   A N1    1 
ATOM   126 C C2    . A   A 1 8  ? 5.942   10.122  -7.024  1.00 62.39  ? 8  A   A C2    1 
ATOM   127 N N3    . A   A 1 8  ? 5.506   10.834  -5.991  1.00 62.20  ? 8  A   A N3    1 
ATOM   128 C C4    . A   A 1 8  ? 5.768   10.196  -4.844  1.00 62.43  ? 8  A   A C4    1 
ATOM   129 P P     . C   A 1 9  ? 0.409   10.348  -1.678  1.00 73.02  ? 9  C   A P     1 
ATOM   130 O OP1   . C   A 1 9  ? -0.886  10.989  -1.312  1.00 73.60  ? 9  C   A OP1   1 
ATOM   131 O OP2   . C   A 1 9  ? 0.872   9.150   -0.924  1.00 73.82  ? 9  C   A OP2   1 
ATOM   132 O "O5'" . C   A 1 9  ? 0.408   10.017  -3.245  1.00 72.86  ? 9  C   A "O5'" 1 
ATOM   133 C "C5'" . C   A 1 9  ? -0.020  10.999  -4.186  1.00 73.05  ? 9  C   A "C5'" 1 
ATOM   134 C "C4'" . C   A 1 9  ? 0.157   10.513  -5.614  1.00 73.38  ? 9  C   A "C4'" 1 
ATOM   135 O "O4'" . C   A 1 9  ? 1.562   10.517  -6.000  1.00 71.79  ? 9  C   A "O4'" 1 
ATOM   136 C "C3'" . C   A 1 9  ? -0.330  9.106   -5.943  1.00 72.86  ? 9  C   A "C3'" 1 
ATOM   137 O "O3'" . C   A 1 9  ? -1.737  9.043   -6.162  1.00 72.67  ? 9  C   A "O3'" 1 
ATOM   138 C "C2'" . C   A 1 9  ? 0.451   8.803   -7.216  1.00 71.74  ? 9  C   A "C2'" 1 
ATOM   139 O "O2'" . C   A 1 9  ? -0.119  9.391   -8.369  1.00 70.35  ? 9  C   A "O2'" 1 
ATOM   140 C "C1'" . C   A 1 9  ? 1.811   9.427   -6.880  1.00 71.42  ? 9  C   A "C1'" 1 
ATOM   141 N N1    . C   A 1 9  ? 2.621   8.447   -6.150  1.00 70.57  ? 9  C   A N1    1 
ATOM   142 C C2    . C   A 1 9  ? 3.363   7.515   -6.866  1.00 70.13  ? 9  C   A C2    1 
ATOM   143 O O2    . C   A 1 9  ? 3.362   7.573   -8.099  1.00 69.71  ? 9  C   A O2    1 
ATOM   144 N N3    . C   A 1 9  ? 4.063   6.574   -6.198  1.00 70.80  ? 9  C   A N3    1 
ATOM   145 C C4    . C   A 1 9  ? 4.046   6.557   -4.866  1.00 71.48  ? 9  C   A C4    1 
ATOM   146 N N4    . C   A 1 9  ? 4.743   5.606   -4.239  1.00 73.18  ? 9  C   A N4    1 
ATOM   147 C C5    . C   A 1 9  ? 3.314   7.513   -4.112  1.00 71.54  ? 9  C   A C5    1 
ATOM   148 C C6    . C   A 1 9  ? 2.626   8.434   -4.787  1.00 70.47  ? 9  C   A C6    1 
ATOM   149 P P     . A   A 1 10 ? -2.575  7.801   -5.576  1.00 73.47  ? 10 A   A P     1 
ATOM   150 O OP1   . A   A 1 10 ? -4.020  8.131   -5.681  1.00 73.31  ? 10 A   A OP1   1 
ATOM   151 O OP2   . A   A 1 10 ? -2.006  7.439   -4.250  1.00 72.59  ? 10 A   A OP2   1 
ATOM   152 O "O5'" . A   A 1 10 ? -2.260  6.628   -6.611  1.00 71.98  ? 10 A   A "O5'" 1 
ATOM   153 C "C5'" . A   A 1 10 ? -2.620  6.763   -7.981  1.00 69.71  ? 10 A   A "C5'" 1 
ATOM   154 C "C4'" . A   A 1 10 ? -2.044  5.630   -8.802  1.00 68.18  ? 10 A   A "C4'" 1 
ATOM   155 O "O4'" . A   A 1 10 ? -0.595  5.715   -8.777  1.00 68.81  ? 10 A   A "O4'" 1 
ATOM   156 C "C3'" . A   A 1 10 ? -2.314  4.224   -8.305  1.00 67.42  ? 10 A   A "C3'" 1 
ATOM   157 O "O3'" . A   A 1 10 ? -3.600  3.767   -8.672  1.00 67.18  ? 10 A   A "O3'" 1 
ATOM   158 C "C2'" . A   A 1 10 ? -1.210  3.437   -8.993  1.00 67.35  ? 10 A   A "C2'" 1 
ATOM   159 O "O2'" . A   A 1 10 ? -1.476  3.183   -10.359 1.00 66.10  ? 10 A   A "O2'" 1 
ATOM   160 C "C1'" . A   A 1 10 ? -0.040  4.413   -8.868  1.00 67.29  ? 10 A   A "C1'" 1 
ATOM   161 N N9    . A   A 1 10 ? 0.761   4.173   -7.672  1.00 66.28  ? 10 A   A N9    1 
ATOM   162 C C8    . A   A 1 10 ? 0.737   4.821   -6.461  1.00 65.48  ? 10 A   A C8    1 
ATOM   163 N N7    . A   A 1 10 ? 1.609   4.356   -5.599  1.00 66.23  ? 10 A   A N7    1 
ATOM   164 C C5    . A   A 1 10 ? 2.250   3.334   -6.291  1.00 65.93  ? 10 A   A C5    1 
ATOM   165 C C6    . A   A 1 10 ? 3.291   2.450   -5.944  1.00 64.68  ? 10 A   A C6    1 
ATOM   166 N N6    . A   A 1 10 ? 3.913   2.447   -4.771  1.00 63.82  ? 10 A   A N6    1 
ATOM   167 N N1    . A   A 1 10 ? 3.676   1.549   -6.863  1.00 64.32  ? 10 A   A N1    1 
ATOM   168 C C2    . A   A 1 10 ? 3.063   1.536   -8.047  1.00 66.21  ? 10 A   A C2    1 
ATOM   169 N N3    . A   A 1 10 ? 2.081   2.314   -8.496  1.00 65.98  ? 10 A   A N3    1 
ATOM   170 C C4    . A   A 1 10 ? 1.722   3.204   -7.560  1.00 65.89  ? 10 A   A C4    1 
ATOM   171 P P     . C   A 1 11 ? -4.413  2.813   -7.662  1.00 69.30  ? 11 C   A P     1 
ATOM   172 O OP1   . C   A 1 11 ? -5.769  2.663   -8.235  1.00 70.02  ? 11 C   A OP1   1 
ATOM   173 O OP2   . C   A 1 11 ? -4.259  3.286   -6.255  1.00 70.32  ? 11 C   A OP2   1 
ATOM   174 O "O5'" . C   A 1 11 ? -3.659  1.416   -7.776  1.00 68.16  ? 11 C   A "O5'" 1 
ATOM   175 C "C5'" . C   A 1 11 ? -3.529  0.773   -9.033  1.00 64.88  ? 11 C   A "C5'" 1 
ATOM   176 C "C4'" . C   A 1 11 ? -2.372  -0.184  -9.013  1.00 62.07  ? 11 C   A "C4'" 1 
ATOM   177 O "O4'" . C   A 1 11 ? -1.187  0.522   -8.580  1.00 60.15  ? 11 C   A "O4'" 1 
ATOM   178 C "C3'" . C   A 1 11 ? -2.448  -1.301  -7.996  1.00 62.45  ? 11 C   A "C3'" 1 
ATOM   179 O "O3'" . C   A 1 11 ? -3.283  -2.364  -8.414  1.00 61.36  ? 11 C   A "O3'" 1 
ATOM   180 C "C2'" . C   A 1 11 ? -0.996  -1.743  -7.903  1.00 62.54  ? 11 C   A "C2'" 1 
ATOM   181 O "O2'" . C   A 1 11 ? -0.590  -2.621  -8.933  1.00 64.01  ? 11 C   A "O2'" 1 
ATOM   182 C "C1'" . C   A 1 11 ? -0.271  -0.411  -8.047  1.00 61.61  ? 11 C   A "C1'" 1 
ATOM   183 N N1    . C   A 1 11 ? 0.207   0.059   -6.754  1.00 62.70  ? 11 C   A N1    1 
ATOM   184 C C2    . C   A 1 11 ? 1.424   -0.445  -6.300  1.00 63.55  ? 11 C   A C2    1 
ATOM   185 O O2    . C   A 1 11 ? 2.046   -1.246  -7.030  1.00 63.05  ? 11 C   A O2    1 
ATOM   186 N N3    . C   A 1 11 ? 1.896   -0.052  -5.096  1.00 63.05  ? 11 C   A N3    1 
ATOM   187 C C4    . C   A 1 11 ? 1.203   0.811   -4.360  1.00 62.66  ? 11 C   A C4    1 
ATOM   188 N N4    . C   A 1 11 ? 1.714   1.163   -3.189  1.00 62.62  ? 11 C   A N4    1 
ATOM   189 C C5    . C   A 1 11 ? -0.041  1.351   -4.801  1.00 63.14  ? 11 C   A C5    1 
ATOM   190 C C6    . C   A 1 11 ? -0.500  0.948   -5.997  1.00 63.18  ? 11 C   A C6    1 
ATOM   191 P P     . C   A 1 12 ? -3.916  -3.336  -7.304  1.00 63.35  ? 12 C   A P     1 
ATOM   192 O OP1   . C   A 1 12 ? -5.111  -3.958  -7.919  1.00 63.93  ? 12 C   A OP1   1 
ATOM   193 O OP2   . C   A 1 12 ? -4.058  -2.599  -6.021  1.00 63.15  ? 12 C   A OP2   1 
ATOM   194 O "O5'" . C   A 1 12 ? -2.789  -4.435  -7.075  1.00 61.32  ? 12 C   A "O5'" 1 
ATOM   195 C "C5'" . C   A 1 12 ? -2.369  -5.266  -8.139  1.00 58.86  ? 12 C   A "C5'" 1 
ATOM   196 C "C4'" . C   A 1 12 ? -1.188  -6.080  -7.710  1.00 57.53  ? 12 C   A "C4'" 1 
ATOM   197 O "O4'" . C   A 1 12 ? -0.084  -5.195  -7.390  1.00 58.51  ? 12 C   A "O4'" 1 
ATOM   198 C "C3'" . C   A 1 12 ? -1.372  -6.835  -6.421  1.00 57.78  ? 12 C   A "C3'" 1 
ATOM   199 O "O3'" . C   A 1 12 ? -2.128  -7.997  -6.680  1.00 61.89  ? 12 C   A "O3'" 1 
ATOM   200 C "C2'" . C   A 1 12 ? 0.074   -7.112  -6.040  1.00 56.11  ? 12 C   A "C2'" 1 
ATOM   201 O "O2'" . C   A 1 12 ? 0.689   -8.069  -6.869  1.00 57.34  ? 12 C   A "O2'" 1 
ATOM   202 C "C1'" . C   A 1 12 ? 0.712   -5.774  -6.378  1.00 55.33  ? 12 C   A "C1'" 1 
ATOM   203 N N1    . C   A 1 12 ? 0.696   -4.880  -5.236  1.00 55.48  ? 12 C   A N1    1 
ATOM   204 C C2    . C   A 1 12 ? 1.586   -5.128  -4.209  1.00 56.84  ? 12 C   A C2    1 
ATOM   205 O O2    . C   A 1 12 ? 2.328   -6.118  -4.301  1.00 58.10  ? 12 C   A O2    1 
ATOM   206 N N3    . C   A 1 12 ? 1.614   -4.298  -3.134  1.00 56.92  ? 12 C   A N3    1 
ATOM   207 C C4    . C   A 1 12 ? 0.776   -3.258  -3.078  1.00 57.05  ? 12 C   A C4    1 
ATOM   208 N N4    . C   A 1 12 ? 0.854   -2.444  -2.020  1.00 57.46  ? 12 C   A N4    1 
ATOM   209 C C5    . C   A 1 12 ? -0.173  -2.997  -4.113  1.00 55.68  ? 12 C   A C5    1 
ATOM   210 C C6    . C   A 1 12 ? -0.174  -3.824  -5.167  1.00 55.60  ? 12 C   A C6    1 
ATOM   211 P P     . G   A 1 13 ? -3.083  -8.597  -5.534  1.00 64.60  ? 13 G   A P     1 
ATOM   212 O OP1   . G   A 1 13 ? -3.668  -9.834  -6.109  1.00 63.26  ? 13 G   A OP1   1 
ATOM   213 O OP2   . G   A 1 13 ? -3.979  -7.551  -4.974  1.00 62.81  ? 13 G   A OP2   1 
ATOM   214 O "O5'" . G   A 1 13 ? -2.049  -9.053  -4.422  1.00 62.67  ? 13 G   A "O5'" 1 
ATOM   215 C "C5'" . G   A 1 13 ? -1.210  -10.153 -4.685  1.00 62.65  ? 13 G   A "C5'" 1 
ATOM   216 C "C4'" . G   A 1 13 ? -0.147  -10.262 -3.637  1.00 63.15  ? 13 G   A "C4'" 1 
ATOM   217 O "O4'" . G   A 1 13 ? 0.520   -8.985  -3.490  1.00 63.49  ? 13 G   A "O4'" 1 
ATOM   218 C "C3'" . G   A 1 13 ? -0.620  -10.521 -2.232  1.00 63.47  ? 13 G   A "C3'" 1 
ATOM   219 O "O3'" . G   A 1 13 ? -0.962  -11.882 -2.087  1.00 65.66  ? 13 G   A "O3'" 1 
ATOM   220 C "C2'" . G   A 1 13 ? 0.631   -10.170 -1.461  1.00 63.79  ? 13 G   A "C2'" 1 
ATOM   221 O "O2'" . G   A 1 13 ? 1.607   -11.169 -1.687  1.00 64.38  ? 13 G   A "O2'" 1 
ATOM   222 C "C1'" . G   A 1 13 ? 1.054   -8.892  -2.187  1.00 63.06  ? 13 G   A "C1'" 1 
ATOM   223 N N9    . G   A 1 13 ? 0.541   -7.673  -1.581  1.00 63.04  ? 13 G   A N9    1 
ATOM   224 C C8    . G   A 1 13 ? -0.518  -6.907  -2.006  1.00 63.91  ? 13 G   A C8    1 
ATOM   225 N N7    . G   A 1 13 ? -0.717  -5.851  -1.260  1.00 63.60  ? 13 G   A N7    1 
ATOM   226 C C5    . G   A 1 13 ? 0.267   -5.936  -0.286  1.00 63.77  ? 13 G   A C5    1 
ATOM   227 C C6    . G   A 1 13 ? 0.553   -5.080  0.796   1.00 64.73  ? 13 G   A C6    1 
ATOM   228 O O6    . G   A 1 13 ? -0.018  -4.020  1.118   1.00 67.60  ? 13 G   A O6    1 
ATOM   229 N N1    . G   A 1 13 ? 1.621   -5.552  1.548   1.00 64.08  ? 13 G   A N1    1 
ATOM   230 C C2    . G   A 1 13 ? 2.321   -6.701  1.285   1.00 64.93  ? 13 G   A C2    1 
ATOM   231 N N2    . G   A 1 13 ? 3.295   -7.015  2.144   1.00 66.08  ? 13 G   A N2    1 
ATOM   232 N N3    . G   A 1 13 ? 2.078   -7.495  0.265   1.00 63.93  ? 13 G   A N3    1 
ATOM   233 C C4    . G   A 1 13 ? 1.043   -7.058  -0.470  1.00 63.39  ? 13 G   A C4    1 
ATOM   234 P P     . G   A 1 14 ? -2.092  -12.299 -1.023  1.00 66.88  ? 14 G   A P     1 
ATOM   235 O OP1   . G   A 1 14 ? -2.306  -13.760 -1.206  1.00 66.52  ? 14 G   A OP1   1 
ATOM   236 O OP2   . G   A 1 14 ? -3.263  -11.371 -1.111  1.00 65.75  ? 14 G   A OP2   1 
ATOM   237 O "O5'" . G   A 1 14 ? -1.340  -12.059 0.359   1.00 65.21  ? 14 G   A "O5'" 1 
ATOM   238 C "C5'" . G   A 1 14 ? -0.082  -12.662 0.580   1.00 65.55  ? 14 G   A "C5'" 1 
ATOM   239 C "C4'" . G   A 1 14 ? 0.449   -12.285 1.934   1.00 67.26  ? 14 G   A "C4'" 1 
ATOM   240 O "O4'" . G   A 1 14 ? 1.044   -10.962 1.906   1.00 65.41  ? 14 G   A "O4'" 1 
ATOM   241 C "C3'" . G   A 1 14 ? -0.560  -12.189 3.063   1.00 68.01  ? 14 G   A "C3'" 1 
ATOM   242 O "O3'" . G   A 1 14 ? -0.936  -13.466 3.566   1.00 69.43  ? 14 G   A "O3'" 1 
ATOM   243 C "C2'" . G   A 1 14 ? 0.253   -11.406 4.079   1.00 66.89  ? 14 G   A "C2'" 1 
ATOM   244 O "O2'" . G   A 1 14 ? 1.288   -12.210 4.609   1.00 67.90  ? 14 G   A "O2'" 1 
ATOM   245 C "C1'" . G   A 1 14 ? 0.900   -10.355 3.180   1.00 63.86  ? 14 G   A "C1'" 1 
ATOM   246 N N9    . G   A 1 14 ? 0.086   -9.150  3.034   1.00 61.04  ? 14 G   A N9    1 
ATOM   247 C C8    . G   A 1 14 ? -0.796  -8.862  2.018   1.00 61.28  ? 14 G   A C8    1 
ATOM   248 N N7    . G   A 1 14 ? -1.343  -7.679  2.135   1.00 60.16  ? 14 G   A N7    1 
ATOM   249 C C5    . G   A 1 14 ? -0.798  -7.164  3.303   1.00 59.39  ? 14 G   A C5    1 
ATOM   250 C C6    . G   A 1 14 ? -1.010  -5.919  3.939   1.00 60.12  ? 14 G   A C6    1 
ATOM   251 O O6    . G   A 1 14 ? -1.737  -4.982  3.581   1.00 60.65  ? 14 G   A O6    1 
ATOM   252 N N1    . G   A 1 14 ? -0.270  -5.809  5.109   1.00 59.38  ? 14 G   A N1    1 
ATOM   253 C C2    . G   A 1 14 ? 0.562   -6.769  5.608   1.00 60.03  ? 14 G   A C2    1 
ATOM   254 N N2    . G   A 1 14 ? 1.188   -6.467  6.762   1.00 59.75  ? 14 G   A N2    1 
ATOM   255 N N3    . G   A 1 14 ? 0.771   -7.941  5.023   1.00 59.63  ? 14 G   A N3    1 
ATOM   256 C C4    . G   A 1 14 ? 0.069   -8.066  3.881   1.00 59.55  ? 14 G   A C4    1 
ATOM   257 P P     . U   A 1 15 ? -2.157  -13.576 4.601   1.00 71.66  ? 15 U   A P     1 
ATOM   258 O OP1   . U   A 1 15 ? -2.168  -14.974 5.122   1.00 70.45  ? 15 U   A OP1   1 
ATOM   259 O OP2   . U   A 1 15 ? -3.384  -13.011 3.987   1.00 70.83  ? 15 U   A OP2   1 
ATOM   260 O "O5'" . U   A 1 15 ? -1.733  -12.593 5.775   1.00 70.86  ? 15 U   A "O5'" 1 
ATOM   261 C "C5'" . U   A 1 15 ? -0.686  -12.943 6.658   1.00 72.05  ? 15 U   A "C5'" 1 
ATOM   262 C "C4'" . U   A 1 15 ? -0.659  -11.980 7.811   1.00 74.02  ? 15 U   A "C4'" 1 
ATOM   263 O "O4'" . U   A 1 15 ? -0.270  -10.666 7.342   1.00 74.96  ? 15 U   A "O4'" 1 
ATOM   264 C "C3'" . U   A 1 15 ? -2.005  -11.743 8.468   1.00 75.02  ? 15 U   A "C3'" 1 
ATOM   265 O "O3'" . U   A 1 15 ? -2.247  -12.738 9.433   1.00 76.38  ? 15 U   A "O3'" 1 
ATOM   266 C "C2'" . U   A 1 15 ? -1.794  -10.397 9.131   1.00 74.78  ? 15 U   A "C2'" 1 
ATOM   267 O "O2'" . U   A 1 15 ? -1.029  -10.511 10.313  1.00 74.57  ? 15 U   A "O2'" 1 
ATOM   268 C "C1'" . U   A 1 15 ? -0.988  -9.676  8.056   1.00 74.29  ? 15 U   A "C1'" 1 
ATOM   269 N N1    . U   A 1 15 ? -1.858  -8.970  7.109   1.00 72.77  ? 15 U   A N1    1 
ATOM   270 C C2    . U   A 1 15 ? -2.063  -7.639  7.344   1.00 72.36  ? 15 U   A C2    1 
ATOM   271 O O2    . U   A 1 15 ? -1.574  -7.065  8.313   1.00 72.47  ? 15 U   A O2    1 
ATOM   272 N N3    . U   A 1 15 ? -2.858  -7.001  6.417   1.00 71.54  ? 15 U   A N3    1 
ATOM   273 C C4    . U   A 1 15 ? -3.464  -7.565  5.315   1.00 71.46  ? 15 U   A C4    1 
ATOM   274 O O4    . U   A 1 15 ? -4.130  -6.856  4.555   1.00 70.78  ? 15 U   A O4    1 
ATOM   275 C C5    . U   A 1 15 ? -3.215  -8.965  5.155   1.00 72.14  ? 15 U   A C5    1 
ATOM   276 C C6    . U   A 1 15 ? -2.437  -9.605  6.035   1.00 71.95  ? 15 U   A C6    1 
ATOM   277 P P     . G   A 1 16 ? -3.686  -12.843 10.103  1.00 76.88  ? 16 G   A P     1 
ATOM   278 O OP1   . G   A 1 16 ? -3.481  -13.762 11.252  1.00 77.72  ? 16 G   A OP1   1 
ATOM   279 O OP2   . G   A 1 16 ? -4.692  -13.172 9.061   1.00 74.33  ? 16 G   A OP2   1 
ATOM   280 O "O5'" . G   A 1 16 ? -3.941  -11.369 10.655  1.00 77.21  ? 16 G   A "O5'" 1 
ATOM   281 C "C5'" . G   A 1 16 ? -3.219  -10.875 11.785  1.00 78.36  ? 16 G   A "C5'" 1 
ATOM   282 C "C4'" . G   A 1 16 ? -3.775  -9.541  12.213  1.00 79.61  ? 16 G   A "C4'" 1 
ATOM   283 O "O4'" . G   A 1 16 ? -3.614  -8.581  11.141  1.00 79.28  ? 16 G   A "O4'" 1 
ATOM   284 C "C3'" . G   A 1 16 ? -5.265  -9.549  12.499  1.00 81.63  ? 16 G   A "C3'" 1 
ATOM   285 O "O3'" . G   A 1 16 ? -5.471  -9.928  13.863  1.00 84.33  ? 16 G   A "O3'" 1 
ATOM   286 C "C2'" . G   A 1 16 ? -5.652  -8.090  12.282  1.00 80.85  ? 16 G   A "C2'" 1 
ATOM   287 O "O2'" . G   A 1 16 ? -5.370  -7.346  13.457  1.00 83.76  ? 16 G   A "O2'" 1 
ATOM   288 C "C1'" . G   A 1 16 ? -4.701  -7.666  11.153  1.00 78.59  ? 16 G   A "C1'" 1 
ATOM   289 N N9    . G   A 1 16 ? -5.241  -7.573  9.794   1.00 75.26  ? 16 G   A N9    1 
ATOM   290 C C8    . G   A 1 16 ? -5.254  -8.571  8.851   1.00 75.24  ? 16 G   A C8    1 
ATOM   291 N N7    . G   A 1 16 ? -5.735  -8.187  7.699   1.00 74.35  ? 16 G   A N7    1 
ATOM   292 C C5    . G   A 1 16 ? -6.078  -6.857  7.893   1.00 74.10  ? 16 G   A C5    1 
ATOM   293 C C6    . G   A 1 16 ? -6.650  -5.897  6.981   1.00 74.77  ? 16 G   A C6    1 
ATOM   294 O O6    . G   A 1 16 ? -6.967  -6.047  5.779   1.00 75.76  ? 16 G   A O6    1 
ATOM   295 N N1    . G   A 1 16 ? -6.841  -4.663  7.596   1.00 72.40  ? 16 G   A N1    1 
ATOM   296 C C2    . G   A 1 16 ? -6.532  -4.381  8.903   1.00 71.47  ? 16 G   A C2    1 
ATOM   297 N N2    . G   A 1 16 ? -6.814  -3.132  9.309   1.00 67.91  ? 16 G   A N2    1 
ATOM   298 N N3    . G   A 1 16 ? -5.993  -5.256  9.753   1.00 71.97  ? 16 G   A N3    1 
ATOM   299 C C4    . G   A 1 16 ? -5.795  -6.462  9.184   1.00 73.06  ? 16 G   A C4    1 
ATOM   300 P P     . A   A 1 17 ? -6.652  -10.962 14.251  1.00 86.16  ? 17 A   A P     1 
ATOM   301 O OP1   . A   A 1 17 ? -6.076  -12.334 14.407  1.00 85.93  ? 17 A   A OP1   1 
ATOM   302 O OP2   . A   A 1 17 ? -7.804  -10.738 13.328  1.00 86.14  ? 17 A   A OP2   1 
ATOM   303 O "O5'" . A   A 1 17 ? -7.099  -10.438 15.675  1.00 84.66  ? 17 A   A "O5'" 1 
ATOM   304 C "C5'" . A   A 1 17 ? -7.305  -9.051  15.853  1.00 85.08  ? 17 A   A "C5'" 1 
ATOM   305 C "C4'" . A   A 1 17 ? -8.658  -8.800  16.444  1.00 83.64  ? 17 A   A "C4'" 1 
ATOM   306 O "O4'" . A   A 1 17 ? -8.615  -9.119  17.859  1.00 80.70  ? 17 A   A "O4'" 1 
ATOM   307 C "C3'" . A   A 1 17 ? -9.061  -7.344  16.361  1.00 84.83  ? 17 A   A "C3'" 1 
ATOM   308 O "O3'" . A   A 1 17 ? -9.563  -7.086  15.028  1.00 90.43  ? 17 A   A "O3'" 1 
ATOM   309 C "C2'" . A   A 1 17 ? -9.934  -7.161  17.598  1.00 82.48  ? 17 A   A "C2'" 1 
ATOM   310 O "O2'" . A   A 1 17 ? -11.256 -7.627  17.438  1.00 84.47  ? 17 A   A "O2'" 1 
ATOM   311 C "C1'" . A   A 1 17 ? -9.236  -8.094  18.595  1.00 78.42  ? 17 A   A "C1'" 1 
ATOM   312 N N9    . A   A 1 17 ? -8.250  -7.528  19.520  1.00 72.22  ? 17 A   A N9    1 
ATOM   313 C C8    . A   A 1 17 ? -8.091  -7.904  20.830  1.00 70.52  ? 17 A   A C8    1 
ATOM   314 N N7    . A   A 1 17 ? -7.180  -7.222  21.475  1.00 67.89  ? 17 A   A N7    1 
ATOM   315 C C5    . A   A 1 17 ? -6.690  -6.346  20.524  1.00 67.60  ? 17 A   A C5    1 
ATOM   316 C C6    . A   A 1 17 ? -5.710  -5.355  20.586  1.00 66.32  ? 17 A   A C6    1 
ATOM   317 N N6    . A   A 1 17 ? -5.031  -5.063  21.691  1.00 66.43  ? 17 A   A N6    1 
ATOM   318 N N1    . A   A 1 17 ? -5.447  -4.659  19.465  1.00 64.89  ? 17 A   A N1    1 
ATOM   319 C C2    . A   A 1 17 ? -6.145  -4.948  18.357  1.00 67.30  ? 17 A   A C2    1 
ATOM   320 N N3    . A   A 1 17 ? -7.101  -5.859  18.171  1.00 67.97  ? 17 A   A N3    1 
ATOM   321 C C4    . A   A 1 17 ? -7.332  -6.532  19.308  1.00 69.10  ? 17 A   A C4    1 
ATOM   322 P P     . A   A 1 18 ? -11.154 -7.015  14.708  1.00 93.42  ? 18 A   A P     1 
ATOM   323 O OP1   . A   A 1 18 ? -11.301 -6.856  13.248  1.00 93.24  ? 18 A   A OP1   1 
ATOM   324 O OP2   . A   A 1 18 ? -11.805 -6.031  15.608  1.00 94.72  ? 18 A   A OP2   1 
ATOM   325 O "O5'" . A   A 1 18 ? -11.710 -8.471  15.019  1.00 95.48  ? 18 A   A "O5'" 1 
ATOM   326 C "C5'" . A   A 1 18 ? -12.870 -8.944  14.354  1.00 101.31 ? 18 A   A "C5'" 1 
ATOM   327 C "C4'" . A   A 1 18 ? -14.092 -8.761  15.230  1.00 106.06 ? 18 A   A "C4'" 1 
ATOM   328 O "O4'" . A   A 1 18 ? -14.040 -9.672  16.347  1.00 108.82 ? 18 A   A "O4'" 1 
ATOM   329 C "C3'" . A   A 1 18 ? -14.288 -7.383  15.854  1.00 107.50 ? 18 A   A "C3'" 1 
ATOM   330 O "O3'" . A   A 1 18 ? -15.022 -6.576  14.928  1.00 108.61 ? 18 A   A "O3'" 1 
ATOM   331 C "C2'" . A   A 1 18 ? -15.112 -7.664  17.120  1.00 108.30 ? 18 A   A "C2'" 1 
ATOM   332 O "O2'" . A   A 1 18 ? -16.502 -7.519  16.937  1.00 108.95 ? 18 A   A "O2'" 1 
ATOM   333 C "C1'" . A   A 1 18 ? -14.808 -9.140  17.408  1.00 110.23 ? 18 A   A "C1'" 1 
ATOM   334 N N9    . A   A 1 18 ? -14.159 -9.474  18.675  1.00 112.97 ? 18 A   A N9    1 
ATOM   335 C C8    . A   A 1 18 ? -13.190 -8.802  19.379  1.00 114.07 ? 18 A   A C8    1 
ATOM   336 N N7    . A   A 1 18 ? -12.812 -9.418  20.478  1.00 115.19 ? 18 A   A N7    1 
ATOM   337 C C5    . A   A 1 18 ? -13.591 -10.569 20.500  1.00 115.47 ? 18 A   A C5    1 
ATOM   338 C C6    . A   A 1 18 ? -13.663 -11.655 21.402  1.00 116.05 ? 18 A   A C6    1 
ATOM   339 N N6    . A   A 1 18 ? -12.897 -11.767 22.493  1.00 116.34 ? 18 A   A N6    1 
ATOM   340 N N1    . A   A 1 18 ? -14.556 -12.638 21.133  1.00 116.15 ? 18 A   A N1    1 
ATOM   341 C C2    . A   A 1 18 ? -15.306 -12.539 20.024  1.00 115.36 ? 18 A   A C2    1 
ATOM   342 N N3    . A   A 1 18 ? -15.319 -11.580 19.099  1.00 114.98 ? 18 A   A N3    1 
ATOM   343 C C4    . A   A 1 18 ? -14.430 -10.612 19.401  1.00 114.57 ? 18 A   A C4    1 
ATOM   344 P P     . G   A 1 19 ? -14.981 -4.968  15.033  1.00 109.68 ? 19 G   A P     1 
ATOM   345 O OP1   . G   A 1 19 ? -13.611 -4.497  14.671  1.00 110.29 ? 19 G   A OP1   1 
ATOM   346 O OP2   . G   A 1 19 ? -15.578 -4.576  16.345  1.00 109.47 ? 19 G   A OP2   1 
ATOM   347 O "O5'" . G   A 1 19 ? -15.982 -4.466  13.893  1.00 105.94 ? 19 G   A "O5'" 1 
ATOM   348 C "C5'" . G   A 1 19 ? -16.732 -3.273  14.089  1.00 101.62 ? 19 G   A "C5'" 1 
ATOM   349 C "C4'" . G   A 1 19 ? -16.524 -2.313  12.944  1.00 98.22  ? 19 G   A "C4'" 1 
ATOM   350 O "O4'" . G   A 1 19 ? -15.118 -2.284  12.569  1.00 96.74  ? 19 G   A "O4'" 1 
ATOM   351 C "C3'" . G   A 1 19 ? -17.190 -2.671  11.635  1.00 97.95  ? 19 G   A "C3'" 1 
ATOM   352 O "O3'" . G   A 1 19 ? -18.556 -2.307  11.632  1.00 99.59  ? 19 G   A "O3'" 1 
ATOM   353 C "C2'" . G   A 1 19 ? -16.429 -1.793  10.657  1.00 96.49  ? 19 G   A "C2'" 1 
ATOM   354 O "O2'" . G   A 1 19 ? -16.876 -0.453  10.682  1.00 96.30  ? 19 G   A "O2'" 1 
ATOM   355 C "C1'" . G   A 1 19 ? -15.004 -1.913  11.195  1.00 94.65  ? 19 G   A "C1'" 1 
ATOM   356 N N9    . G   A 1 19 ? -14.298 -2.969  10.474  1.00 91.67  ? 19 G   A N9    1 
ATOM   357 C C8    . G   A 1 19 ? -13.633 -4.052  11.007  1.00 90.36  ? 19 G   A C8    1 
ATOM   358 N N7    . G   A 1 19 ? -13.186 -4.875  10.094  1.00 88.61  ? 19 G   A N7    1 
ATOM   359 C C5    . G   A 1 19 ? -13.568 -4.295  8.886   1.00 88.15  ? 19 G   A C5    1 
ATOM   360 C C6    . G   A 1 19 ? -13.398 -4.750  7.546   1.00 87.93  ? 19 G   A C6    1 
ATOM   361 O O6    . G   A 1 19 ? -12.896 -5.808  7.150   1.00 90.09  ? 19 G   A O6    1 
ATOM   362 N N1    . G   A 1 19 ? -13.906 -3.841  6.623   1.00 85.67  ? 19 G   A N1    1 
ATOM   363 C C2    . G   A 1 19 ? -14.513 -2.659  6.939   1.00 85.97  ? 19 G   A C2    1 
ATOM   364 N N2    . G   A 1 19 ? -14.908 -1.920  5.895   1.00 84.97  ? 19 G   A N2    1 
ATOM   365 N N3    . G   A 1 19 ? -14.716 -2.236  8.182   1.00 86.79  ? 19 G   A N3    1 
ATOM   366 C C4    . G   A 1 19 ? -14.219 -3.100  9.098   1.00 88.73  ? 19 G   A C4    1 
ATOM   367 P P     . U   A 1 20 ? -19.553 -3.017  10.593  1.00 100.84 ? 20 U   A P     1 
ATOM   368 O OP1   . U   A 1 20 ? -20.882 -2.365  10.721  1.00 101.56 ? 20 U   A OP1   1 
ATOM   369 O OP2   . U   A 1 20 ? -19.421 -4.489  10.799  1.00 99.45  ? 20 U   A OP2   1 
ATOM   370 O "O5'" . U   A 1 20 ? -18.990 -2.615  9.154   1.00 99.54  ? 20 U   A "O5'" 1 
ATOM   371 C "C5'" . U   A 1 20 ? -19.120 -1.281  8.668   1.00 97.52  ? 20 U   A "C5'" 1 
ATOM   372 C "C4'" . U   A 1 20 ? -18.998 -1.257  7.163   1.00 96.49  ? 20 U   A "C4'" 1 
ATOM   373 O "O4'" . U   A 1 20 ? -17.710 -1.795  6.781   1.00 94.94  ? 20 U   A "O4'" 1 
ATOM   374 C "C3'" . U   A 1 20 ? -19.985 -2.132  6.411   1.00 96.81  ? 20 U   A "C3'" 1 
ATOM   375 O "O3'" . U   A 1 20 ? -21.214 -1.445  6.229   1.00 99.34  ? 20 U   A "O3'" 1 
ATOM   376 C "C2'" . U   A 1 20 ? -19.278 -2.343  5.081   1.00 95.18  ? 20 U   A "C2'" 1 
ATOM   377 O "O2'" . U   A 1 20 ? -19.408 -1.241  4.214   1.00 94.47  ? 20 U   A "O2'" 1 
ATOM   378 C "C1'" . U   A 1 20 ? -17.824 -2.443  5.528   1.00 94.19  ? 20 U   A "C1'" 1 
ATOM   379 N N1    . U   A 1 20 ? -17.347 -3.818  5.675   1.00 93.39  ? 20 U   A N1    1 
ATOM   380 C C2    . U   A 1 20 ? -17.262 -4.580  4.535   1.00 93.42  ? 20 U   A C2    1 
ATOM   381 O O2    . U   A 1 20 ? -17.651 -4.181  3.454   1.00 93.16  ? 20 U   A O2    1 
ATOM   382 N N3    . U   A 1 20 ? -16.717 -5.831  4.708   1.00 93.40  ? 20 U   A N3    1 
ATOM   383 C C4    . U   A 1 20 ? -16.285 -6.389  5.894   1.00 93.84  ? 20 U   A C4    1 
ATOM   384 O O4    . U   A 1 20 ? -15.773 -7.514  5.893   1.00 94.08  ? 20 U   A O4    1 
ATOM   385 C C5    . U   A 1 20 ? -16.459 -5.546  7.040   1.00 94.24  ? 20 U   A C5    1 
ATOM   386 C C6    . U   A 1 20 ? -16.973 -4.320  6.892   1.00 93.65  ? 20 U   A C6    1 
ATOM   387 P P     . C   A 1 21 ? -22.598 -2.194  6.550   1.00 101.29 ? 21 C   A P     1 
ATOM   388 O OP1   . C   A 1 21 ? -23.649 -1.151  6.689   1.00 100.93 ? 21 C   A OP1   1 
ATOM   389 O OP2   . C   A 1 21 ? -22.340 -3.140  7.667   1.00 101.97 ? 21 C   A OP2   1 
ATOM   390 O "O5'" . C   A 1 21 ? -22.924 -3.025  5.231   1.00 100.79 ? 21 C   A "O5'" 1 
ATOM   391 C "C5'" . C   A 1 21 ? -23.209 -2.353  4.019   1.00 100.29 ? 21 C   A "C5'" 1 
ATOM   392 C "C4'" . C   A 1 21 ? -22.657 -3.125  2.851   1.00 101.14 ? 21 C   A "C4'" 1 
ATOM   393 O "O4'" . C   A 1 21 ? -21.251 -3.438  3.086   1.00 101.50 ? 21 C   A "O4'" 1 
ATOM   394 C "C3'" . C   A 1 21 ? -23.236 -4.504  2.627   1.00 101.33 ? 21 C   A "C3'" 1 
ATOM   395 O "O3'" . C   A 1 21 ? -24.523 -4.484  2.048   1.00 102.42 ? 21 C   A "O3'" 1 
ATOM   396 C "C2'" . C   A 1 21 ? -22.189 -5.115  1.708   1.00 101.11 ? 21 C   A "C2'" 1 
ATOM   397 O "O2'" . C   A 1 21 ? -22.216 -4.647  0.371   1.00 100.46 ? 21 C   A "O2'" 1 
ATOM   398 C "C1'" . C   A 1 21 ? -20.914 -4.641  2.399   1.00 100.47 ? 21 C   A "C1'" 1 
ATOM   399 N N1    . C   A 1 21 ? -20.499 -5.659  3.371   1.00 99.61  ? 21 C   A N1    1 
ATOM   400 C C2    . C   A 1 21 ? -20.172 -6.926  2.881   1.00 99.27  ? 21 C   A C2    1 
ATOM   401 O O2    . C   A 1 21 ? -20.252 -7.123  1.665   1.00 98.27  ? 21 C   A O2    1 
ATOM   402 N N3    . C   A 1 21 ? -19.791 -7.899  3.738   1.00 100.00 ? 21 C   A N3    1 
ATOM   403 C C4    . C   A 1 21 ? -19.738 -7.648  5.050   1.00 100.75 ? 21 C   A C4    1 
ATOM   404 N N4    . C   A 1 21 ? -19.357 -8.652  5.862   1.00 100.13 ? 21 C   A N4    1 
ATOM   405 C C5    . C   A 1 21 ? -20.073 -6.358  5.584   1.00 100.07 ? 21 C   A C5    1 
ATOM   406 C C6    . C   A 1 21 ? -20.441 -5.401  4.714   1.00 99.37  ? 21 C   A C6    1 
ATOM   407 P P     . G   A 1 22 ? -25.475 -5.764  2.229   1.00 103.96 ? 22 G   A P     1 
ATOM   408 O OP1   . G   A 1 22 ? -26.736 -5.475  1.494   1.00 104.66 ? 22 G   A OP1   1 
ATOM   409 O OP2   . G   A 1 22 ? -25.528 -6.101  3.675   1.00 104.56 ? 22 G   A OP2   1 
ATOM   410 O "O5'" . G   A 1 22 ? -24.708 -6.922  1.448   1.00 101.16 ? 22 G   A "O5'" 1 
ATOM   411 C "C5'" . G   A 1 22 ? -24.609 -6.871  0.029   1.00 98.67  ? 22 G   A "C5'" 1 
ATOM   412 C "C4'" . G   A 1 22 ? -24.250 -8.225  -0.530  1.00 97.09  ? 22 G   A "C4'" 1 
ATOM   413 O "O4'" . G   A 1 22 ? -22.850 -8.520  -0.273  1.00 93.75  ? 22 G   A "O4'" 1 
ATOM   414 C "C3'" . G   A 1 22 ? -24.983 -9.417  0.068   1.00 97.55  ? 22 G   A "C3'" 1 
ATOM   415 O "O3'" . G   A 1 22 ? -26.301 -9.581  -0.437  1.00 100.77 ? 22 G   A "O3'" 1 
ATOM   416 C "C2'" . G   A 1 22 ? -24.057 -10.560 -0.319  1.00 94.59  ? 22 G   A "C2'" 1 
ATOM   417 O "O2'" . G   A 1 22 ? -24.157 -10.927 -1.680  1.00 94.98  ? 22 G   A "O2'" 1 
ATOM   418 C "C1'" . G   A 1 22 ? -22.700 -9.915  -0.053  1.00 91.03  ? 22 G   A "C1'" 1 
ATOM   419 N N9    . G   A 1 22 ? -22.300 -10.128 1.337   1.00 85.39  ? 22 G   A N9    1 
ATOM   420 C C8    . G   A 1 22 ? -22.507 -9.306  2.420   1.00 82.95  ? 22 G   A C8    1 
ATOM   421 N N7    . G   A 1 22 ? -22.006 -9.788  3.527   1.00 80.40  ? 22 G   A N7    1 
ATOM   422 C C5    . G   A 1 22 ? -21.440 -10.994 3.146   1.00 80.27  ? 22 G   A C5    1 
ATOM   423 C C6    . G   A 1 22 ? -20.718 -11.957 3.901   1.00 80.36  ? 22 G   A C6    1 
ATOM   424 O O6    . G   A 1 22 ? -20.418 -11.929 5.105   1.00 80.87  ? 22 G   A O6    1 
ATOM   425 N N1    . G   A 1 22 ? -20.317 -13.032 3.106   1.00 79.22  ? 22 G   A N1    1 
ATOM   426 C C2    . G   A 1 22 ? -20.573 -13.157 1.760   1.00 78.63  ? 22 G   A C2    1 
ATOM   427 N N2    . G   A 1 22 ? -20.119 -14.250 1.159   1.00 76.42  ? 22 G   A N2    1 
ATOM   428 N N3    . G   A 1 22 ? -21.232 -12.266 1.052   1.00 79.75  ? 22 G   A N3    1 
ATOM   429 C C4    . G   A 1 22 ? -21.628 -11.221 1.799   1.00 81.74  ? 22 G   A C4    1 
ATOM   430 P P     . C   A 1 23 ? -27.373 -10.425 0.417   1.00 103.10 ? 23 C   A P     1 
ATOM   431 O OP1   . C   A 1 23 ? -28.691 -10.214 -0.241  1.00 103.06 ? 23 C   A OP1   1 
ATOM   432 O OP2   . C   A 1 23 ? -27.213 -10.117 1.872   1.00 102.26 ? 23 C   A OP2   1 
ATOM   433 O "O5'" . C   A 1 23 ? -26.932 -11.930 0.167   1.00 99.82  ? 23 C   A "O5'" 1 
ATOM   434 C "C5'" . C   A 1 23 ? -26.738 -12.413 -1.154  1.00 98.10  ? 23 C   A "C5'" 1 
ATOM   435 C "C4'" . C   A 1 23 ? -26.083 -13.759 -1.094  1.00 97.72  ? 23 C   A "C4'" 1 
ATOM   436 O "O4'" . C   A 1 23 ? -24.778 -13.594 -0.481  1.00 96.52  ? 23 C   A "O4'" 1 
ATOM   437 C "C3'" . C   A 1 23 ? -26.812 -14.742 -0.187  1.00 97.43  ? 23 C   A "C3'" 1 
ATOM   438 O "O3'" . C   A 1 23 ? -27.938 -15.408 -0.801  1.00 97.67  ? 23 C   A "O3'" 1 
ATOM   439 C "C2'" . C   A 1 23 ? -25.691 -15.660 0.279   1.00 96.23  ? 23 C   A "C2'" 1 
ATOM   440 O "O2'" . C   A 1 23 ? -25.378 -16.684 -0.645  1.00 96.17  ? 23 C   A "O2'" 1 
ATOM   441 C "C1'" . C   A 1 23 ? -24.523 -14.676 0.395   1.00 94.98  ? 23 C   A "C1'" 1 
ATOM   442 N N1    . C   A 1 23 ? -24.337 -14.140 1.753   1.00 92.60  ? 23 C   A N1    1 
ATOM   443 C C2    . C   A 1 23 ? -23.542 -14.862 2.650   1.00 91.71  ? 23 C   A C2    1 
ATOM   444 O O2    . C   A 1 23 ? -23.068 -15.954 2.283   1.00 92.20  ? 23 C   A O2    1 
ATOM   445 N N3    . C   A 1 23 ? -23.314 -14.359 3.890   1.00 89.49  ? 23 C   A N3    1 
ATOM   446 C C4    . C   A 1 23 ? -23.852 -13.192 4.243   1.00 89.18  ? 23 C   A C4    1 
ATOM   447 N N4    . C   A 1 23 ? -23.570 -12.719 5.457   1.00 87.32  ? 23 C   A N4    1 
ATOM   448 C C5    . C   A 1 23 ? -24.695 -12.450 3.360   1.00 90.27  ? 23 C   A C5    1 
ATOM   449 C C6    . C   A 1 23 ? -24.910 -12.958 2.135   1.00 91.20  ? 23 C   A C6    1 
ATOM   450 P P     . G   B 1 3  ? -16.160 -17.235 11.377  1.00 111.04 ? 26 G   B P     1 
ATOM   451 O OP1   . G   B 1 3  ? -15.001 -17.611 12.293  1.00 110.87 ? 26 G   B OP1   1 
ATOM   452 O OP2   . G   B 1 3  ? -15.696 -16.755 10.009  1.00 111.05 ? 26 G   B OP2   1 
ATOM   453 O "O5'" . G   B 1 3  ? -16.983 -18.612 11.077  1.00 109.98 ? 26 G   B "O5'" 1 
ATOM   454 C "C5'" . G   B 1 3  ? -16.326 -19.754 10.491  1.00 108.24 ? 26 G   B "C5'" 1 
ATOM   455 C "C4'" . G   B 1 3  ? -16.907 -20.053 9.127   1.00 107.44 ? 26 G   B "C4'" 1 
ATOM   456 O "O4'" . G   B 1 3  ? -18.332 -19.782 9.135   1.00 106.11 ? 26 G   B "O4'" 1 
ATOM   457 C "C3'" . G   B 1 3  ? -16.383 -19.206 7.983   1.00 107.42 ? 26 G   B "C3'" 1 
ATOM   458 O "O3'" . G   B 1 3  ? -15.166 -19.749 7.492   1.00 109.35 ? 26 G   B "O3'" 1 
ATOM   459 C "C2'" . G   B 1 3  ? -17.501 -19.310 6.950   1.00 105.64 ? 26 G   B "C2'" 1 
ATOM   460 O "O2'" . G   B 1 3  ? -17.418 -20.463 6.138   1.00 105.89 ? 26 G   B "O2'" 1 
ATOM   461 C "C1'" . G   B 1 3  ? -18.744 -19.369 7.841   1.00 103.92 ? 26 G   B "C1'" 1 
ATOM   462 N N9    . G   B 1 3  ? -19.425 -18.087 7.967   1.00 100.70 ? 26 G   B N9    1 
ATOM   463 C C8    . G   B 1 3  ? -19.387 -17.224 9.034   1.00 99.48  ? 26 G   B C8    1 
ATOM   464 N N7    . G   B 1 3  ? -20.106 -16.153 8.848   1.00 98.61  ? 26 G   B N7    1 
ATOM   465 C C5    . G   B 1 3  ? -20.647 -16.322 7.581   1.00 98.41  ? 26 G   B C5    1 
ATOM   466 C C6    . G   B 1 3  ? -21.500 -15.483 6.829   1.00 98.75  ? 26 G   B C6    1 
ATOM   467 O O6    . G   B 1 3  ? -21.973 -14.378 7.147   1.00 98.72  ? 26 G   B O6    1 
ATOM   468 N N1    . G   B 1 3  ? -21.796 -16.039 5.587   1.00 98.67  ? 26 G   B N1    1 
ATOM   469 C C2    . G   B 1 3  ? -21.325 -17.247 5.131   1.00 98.73  ? 26 G   B C2    1 
ATOM   470 N N2    . G   B 1 3  ? -21.714 -17.621 3.900   1.00 98.41  ? 26 G   B N2    1 
ATOM   471 N N3    . G   B 1 3  ? -20.531 -18.034 5.827   1.00 98.33  ? 26 G   B N3    1 
ATOM   472 C C4    . G   B 1 3  ? -20.233 -17.514 7.029   1.00 98.54  ? 26 G   B C4    1 
ATOM   473 P P     . C   B 1 4  ? -14.033 -18.764 6.914   1.00 110.90 ? 27 C   B P     1 
ATOM   474 O OP1   . C   B 1 4  ? -12.741 -19.508 6.930   1.00 109.70 ? 27 C   B OP1   1 
ATOM   475 O OP2   . C   B 1 4  ? -14.147 -17.456 7.622   1.00 109.96 ? 27 C   B OP2   1 
ATOM   476 O "O5'" . C   B 1 4  ? -14.466 -18.539 5.400   1.00 108.21 ? 27 C   B "O5'" 1 
ATOM   477 C "C5'" . C   B 1 4  ? -14.356 -19.592 4.455   1.00 106.56 ? 27 C   B "C5'" 1 
ATOM   478 C "C4'" . C   B 1 4  ? -15.143 -19.246 3.227   1.00 105.06 ? 27 C   B "C4'" 1 
ATOM   479 O "O4'" . C   B 1 4  ? -16.542 -19.131 3.602   1.00 104.83 ? 27 C   B "O4'" 1 
ATOM   480 C "C3'" . C   B 1 4  ? -14.834 -17.874 2.659   1.00 104.56 ? 27 C   B "C3'" 1 
ATOM   481 O "O3'" . C   B 1 4  ? -13.678 -17.847 1.852   1.00 103.95 ? 27 C   B "O3'" 1 
ATOM   482 C "C2'" . C   B 1 4  ? -16.099 -17.565 1.881   1.00 104.16 ? 27 C   B "C2'" 1 
ATOM   483 O "O2'" . C   B 1 4  ? -16.182 -18.249 0.645   1.00 104.35 ? 27 C   B "O2'" 1 
ATOM   484 C "C1'" . C   B 1 4  ? -17.150 -18.077 2.865   1.00 103.30 ? 27 C   B "C1'" 1 
ATOM   485 N N1    . C   B 1 4  ? -17.496 -17.004 3.799   1.00 100.61 ? 27 C   B N1    1 
ATOM   486 C C2    . C   B 1 4  ? -18.437 -16.077 3.406   1.00 98.60  ? 27 C   B C2    1 
ATOM   487 O O2    . C   B 1 4  ? -18.969 -16.221 2.307   1.00 96.43  ? 27 C   B O2    1 
ATOM   488 N N3    . C   B 1 4  ? -18.743 -15.049 4.229   1.00 98.77  ? 27 C   B N3    1 
ATOM   489 C C4    . C   B 1 4  ? -18.138 -14.942 5.413   1.00 99.62  ? 27 C   B C4    1 
ATOM   490 N N4    . C   B 1 4  ? -18.457 -13.902 6.190   1.00 99.44  ? 27 C   B N4    1 
ATOM   491 C C5    . C   B 1 4  ? -17.177 -15.896 5.854   1.00 100.28 ? 27 C   B C5    1 
ATOM   492 C C6    . C   B 1 4  ? -16.891 -16.906 5.022   1.00 100.39 ? 27 C   B C6    1 
ATOM   493 P P     . G   B 1 5  ? -12.883 -16.469 1.687   1.00 103.69 ? 28 G   B P     1 
ATOM   494 O OP1   . G   B 1 5  ? -11.618 -16.784 0.975   1.00 104.13 ? 28 G   B OP1   1 
ATOM   495 O OP2   . G   B 1 5  ? -12.836 -15.775 3.007   1.00 103.13 ? 28 G   B OP2   1 
ATOM   496 O "O5'" . G   B 1 5  ? -13.815 -15.625 0.716   1.00 100.85 ? 28 G   B "O5'" 1 
ATOM   497 C "C5'" . G   B 1 5  ? -13.909 -15.954 -0.662  1.00 97.86  ? 28 G   B "C5'" 1 
ATOM   498 C "C4'" . G   B 1 5  ? -14.836 -14.989 -1.348  1.00 96.24  ? 28 G   B "C4'" 1 
ATOM   499 O "O4'" . G   B 1 5  ? -16.101 -15.011 -0.625  1.00 95.03  ? 28 G   B "O4'" 1 
ATOM   500 C "C3'" . G   B 1 5  ? -14.447 -13.521 -1.268  1.00 95.53  ? 28 G   B "C3'" 1 
ATOM   501 O "O3'" . G   B 1 5  ? -13.490 -13.092 -2.217  1.00 95.41  ? 28 G   B "O3'" 1 
ATOM   502 C "C2'" . G   B 1 5  ? -15.785 -12.848 -1.499  1.00 94.48  ? 28 G   B "C2'" 1 
ATOM   503 O "O2'" . G   B 1 5  ? -16.224 -12.931 -2.844  1.00 94.31  ? 28 G   B "O2'" 1 
ATOM   504 C "C1'" . G   B 1 5  ? -16.666 -13.705 -0.600  1.00 92.98  ? 28 G   B "C1'" 1 
ATOM   505 N N9    . G   B 1 5  ? -16.636 -13.192 0.770   1.00 89.93  ? 28 G   B N9    1 
ATOM   506 C C8    . G   B 1 5  ? -15.992 -13.717 1.867   1.00 88.29  ? 28 G   B C8    1 
ATOM   507 N N7    . G   B 1 5  ? -16.179 -13.012 2.953   1.00 86.66  ? 28 G   B N7    1 
ATOM   508 C C5    . G   B 1 5  ? -16.993 -11.964 2.546   1.00 86.38  ? 28 G   B C5    1 
ATOM   509 C C6    . G   B 1 5  ? -17.551 -10.877 3.284   1.00 86.04  ? 28 G   B C6    1 
ATOM   510 O O6    . G   B 1 5  ? -17.460 -10.629 4.495   1.00 85.77  ? 28 G   B O6    1 
ATOM   511 N N1    . G   B 1 5  ? -18.294 -10.034 2.463   1.00 85.22  ? 28 G   B N1    1 
ATOM   512 C C2    . G   B 1 5  ? -18.490 -10.222 1.117   1.00 85.70  ? 28 G   B C2    1 
ATOM   513 N N2    . G   B 1 5  ? -19.207 -9.296  0.485   1.00 86.07  ? 28 G   B N2    1 
ATOM   514 N N3    . G   B 1 5  ? -18.010 -11.241 0.432   1.00 86.10  ? 28 G   B N3    1 
ATOM   515 C C4    . G   B 1 5  ? -17.272 -12.059 1.200   1.00 87.37  ? 28 G   B C4    1 
ATOM   516 P P     . U   B 1 6  ? -12.736 -11.691 -1.975  1.00 96.85  ? 29 U   B P     1 
ATOM   517 O OP1   . U   B 1 6  ? -12.042 -11.301 -3.237  1.00 96.99  ? 29 U   B OP1   1 
ATOM   518 O OP2   . U   B 1 6  ? -11.960 -11.799 -0.706  1.00 94.80  ? 29 U   B OP2   1 
ATOM   519 O "O5'" . U   B 1 6  ? -13.915 -10.634 -1.755  1.00 94.96  ? 29 U   B "O5'" 1 
ATOM   520 C "C5'" . U   B 1 6  ? -14.694 -10.164 -2.854  1.00 92.24  ? 29 U   B "C5'" 1 
ATOM   521 C "C4'" . U   B 1 6  ? -15.326 -8.835  -2.512  1.00 90.64  ? 29 U   B "C4'" 1 
ATOM   522 O "O4'" . U   B 1 6  ? -16.231 -9.001  -1.385  1.00 90.16  ? 29 U   B "O4'" 1 
ATOM   523 C "C3'" . U   B 1 6  ? -14.354 -7.754  -2.077  1.00 89.69  ? 29 U   B "C3'" 1 
ATOM   524 O "O3'" . U   B 1 6  ? -13.841 -7.084  -3.223  1.00 88.91  ? 29 U   B "O3'" 1 
ATOM   525 C "C2'" . U   B 1 6  ? -15.231 -6.860  -1.204  1.00 89.61  ? 29 U   B "C2'" 1 
ATOM   526 O "O2'" . U   B 1 6  ? -16.043 -5.969  -1.936  1.00 88.86  ? 29 U   B "O2'" 1 
ATOM   527 C "C1'" . U   B 1 6  ? -16.118 -7.895  -0.507  1.00 88.81  ? 29 U   B "C1'" 1 
ATOM   528 N N1    . U   B 1 6  ? -15.531 -8.384  0.751   1.00 87.96  ? 29 U   B N1    1 
ATOM   529 C C2    . U   B 1 6  ? -15.807 -7.681  1.918   1.00 87.41  ? 29 U   B C2    1 
ATOM   530 O O2    . U   B 1 6  ? -16.514 -6.679  1.941   1.00 85.92  ? 29 U   B O2    1 
ATOM   531 N N3    . U   B 1 6  ? -15.219 -8.193  3.053   1.00 87.01  ? 29 U   B N3    1 
ATOM   532 C C4    . U   B 1 6  ? -14.400 -9.309  3.136   1.00 87.35  ? 29 U   B C4    1 
ATOM   533 O O4    . U   B 1 6  ? -13.944 -9.654  4.233   1.00 87.61  ? 29 U   B O4    1 
ATOM   534 C C5    . U   B 1 6  ? -14.169 -9.974  1.884   1.00 87.03  ? 29 U   B C5    1 
ATOM   535 C C6    . U   B 1 6  ? -14.728 -9.502  0.767   1.00 86.46  ? 29 U   B C6    1 
ATOM   536 P P     . C   B 1 7  ? -12.543 -6.139  -3.090  1.00 88.92  ? 30 C   B P     1 
ATOM   537 O OP1   . C   B 1 7  ? -11.618 -6.427  -4.217  1.00 87.32  ? 30 C   B OP1   1 
ATOM   538 O OP2   . C   B 1 7  ? -12.041 -6.217  -1.694  1.00 87.96  ? 30 C   B OP2   1 
ATOM   539 O "O5'" . C   B 1 7  ? -13.142 -4.685  -3.320  1.00 87.50  ? 30 C   B "O5'" 1 
ATOM   540 C "C5'" . C   B 1 7  ? -12.610 -3.582  -2.622  1.00 86.88  ? 30 C   B "C5'" 1 
ATOM   541 C "C4'" . C   B 1 7  ? -13.672 -2.940  -1.772  1.00 86.04  ? 30 C   B "C4'" 1 
ATOM   542 O "O4'" . C   B 1 7  ? -14.301 -3.914  -0.898  1.00 86.37  ? 30 C   B "O4'" 1 
ATOM   543 C "C3'" . C   B 1 7  ? -13.076 -1.941  -0.815  1.00 86.89  ? 30 C   B "C3'" 1 
ATOM   544 O "O3'" . C   B 1 7  ? -12.872 -0.735  -1.501  1.00 87.41  ? 30 C   B "O3'" 1 
ATOM   545 C "C2'" . C   B 1 7  ? -14.118 -1.855  0.288   1.00 86.99  ? 30 C   B "C2'" 1 
ATOM   546 O "O2'" . C   B 1 7  ? -15.200 -1.015  -0.052  1.00 89.24  ? 30 C   B "O2'" 1 
ATOM   547 C "C1'" . C   B 1 7  ? -14.593 -3.305  0.360   1.00 85.64  ? 30 C   B "C1'" 1 
ATOM   548 N N1    . C   B 1 7  ? -13.949 -4.093  1.426   1.00 83.14  ? 30 C   B N1    1 
ATOM   549 C C2    . C   B 1 7  ? -14.135 -3.716  2.772   1.00 81.99  ? 30 C   B C2    1 
ATOM   550 O O2    . C   B 1 7  ? -14.782 -2.686  3.030   1.00 79.69  ? 30 C   B O2    1 
ATOM   551 N N3    . C   B 1 7  ? -13.598 -4.487  3.753   1.00 81.80  ? 30 C   B N3    1 
ATOM   552 C C4    . C   B 1 7  ? -12.890 -5.581  3.432   1.00 81.97  ? 30 C   B C4    1 
ATOM   553 N N4    . C   B 1 7  ? -12.409 -6.333  4.421   1.00 81.35  ? 30 C   B N4    1 
ATOM   554 C C5    . C   B 1 7  ? -12.653 -5.956  2.076   1.00 81.64  ? 30 C   B C5    1 
ATOM   555 C C6    . C   B 1 7  ? -13.194 -5.193  1.116   1.00 82.47  ? 30 C   B C6    1 
ATOM   556 P P     . A   B 1 8  ? -11.417 -0.084  -1.491  1.00 89.15  ? 31 A   B P     1 
ATOM   557 O OP1   . A   B 1 8  ? -11.395 0.985   -2.527  1.00 88.34  ? 31 A   B OP1   1 
ATOM   558 O OP2   . A   B 1 8  ? -10.436 -1.203  -1.561  1.00 86.79  ? 31 A   B OP2   1 
ATOM   559 O "O5'" . A   B 1 8  ? -11.350 0.581   -0.044  1.00 88.24  ? 31 A   B "O5'" 1 
ATOM   560 C "C5'" . A   B 1 8  ? -12.355 1.499   0.375   1.00 86.26  ? 31 A   B "C5'" 1 
ATOM   561 C "C4'" . A   B 1 8  ? -12.334 1.649   1.877   1.00 85.36  ? 31 A   B "C4'" 1 
ATOM   562 O "O4'" . A   B 1 8  ? -12.801 0.432   2.515   1.00 83.31  ? 31 A   B "O4'" 1 
ATOM   563 C "C3'" . A   B 1 8  ? -10.973 1.848   2.516   1.00 86.37  ? 31 A   B "C3'" 1 
ATOM   564 O "O3'" . A   B 1 8  ? -10.502 3.178   2.368   1.00 88.30  ? 31 A   B "O3'" 1 
ATOM   565 C "C2'" . A   B 1 8  ? -11.266 1.519   3.974   1.00 84.81  ? 31 A   B "C2'" 1 
ATOM   566 O "O2'" . A   B 1 8  ? -11.904 2.602   4.621   1.00 86.38  ? 31 A   B "O2'" 1 
ATOM   567 C "C1'" . A   B 1 8  ? -12.259 0.360   3.830   1.00 82.22  ? 31 A   B "C1'" 1 
ATOM   568 N N9    . A   B 1 8  ? -11.659 -0.962  4.034   1.00 77.88  ? 31 A   B N9    1 
ATOM   569 C C8    . A   B 1 8  ? -11.353 -1.916  3.094   1.00 76.80  ? 31 A   B C8    1 
ATOM   570 N N7    . A   B 1 8  ? -10.829 -3.007  3.600   1.00 75.28  ? 31 A   B N7    1 
ATOM   571 C C5    . A   B 1 8  ? -10.785 -2.755  4.965   1.00 73.64  ? 31 A   B C5    1 
ATOM   572 C C6    . A   B 1 8  ? -10.341 -3.526  6.059   1.00 72.12  ? 31 A   B C6    1 
ATOM   573 N N6    . A   B 1 8  ? -9.839  -4.758  5.947   1.00 71.48  ? 31 A   B N6    1 
ATOM   574 N N1    . A   B 1 8  ? -10.434 -2.981  7.289   1.00 70.87  ? 31 A   B N1    1 
ATOM   575 C C2    . A   B 1 8  ? -10.944 -1.750  7.406   1.00 72.38  ? 31 A   B C2    1 
ATOM   576 N N3    . A   B 1 8  ? -11.398 -0.929  6.456   1.00 73.75  ? 31 A   B N3    1 
ATOM   577 C C4    . A   B 1 8  ? -11.289 -1.499  5.245   1.00 74.69  ? 31 A   B C4    1 
ATOM   578 P P     . C   B 1 9  ? -8.916  3.451   2.312   1.00 89.71  ? 32 C   B P     1 
ATOM   579 O OP1   . C   B 1 9  ? -8.759  4.894   1.972   1.00 90.50  ? 32 C   B OP1   1 
ATOM   580 O OP2   . C   B 1 9  ? -8.260  2.416   1.463   1.00 89.18  ? 32 C   B OP2   1 
ATOM   581 O "O5'" . C   B 1 9  ? -8.431  3.235   3.812   1.00 85.34  ? 32 C   B "O5'" 1 
ATOM   582 C "C5'" . C   B 1 9  ? -8.778  4.170   4.818   1.00 80.74  ? 32 C   B "C5'" 1 
ATOM   583 C "C4'" . C   B 1 9  ? -8.440  3.606   6.162   1.00 77.36  ? 32 C   B "C4'" 1 
ATOM   584 O "O4'" . C   B 1 9  ? -9.126  2.336   6.290   1.00 74.72  ? 32 C   B "O4'" 1 
ATOM   585 C "C3'" . C   B 1 9  ? -6.977  3.235   6.343   1.00 76.65  ? 32 C   B "C3'" 1 
ATOM   586 O "O3'" . C   B 1 9  ? -6.208  4.352   6.766   1.00 78.56  ? 32 C   B "O3'" 1 
ATOM   587 C "C2'" . C   B 1 9  ? -7.033  2.169   7.433   1.00 73.61  ? 32 C   B "C2'" 1 
ATOM   588 O "O2'" . C   B 1 9  ? -7.047  2.710   8.731   1.00 73.30  ? 32 C   B "O2'" 1 
ATOM   589 C "C1'" . C   B 1 9  ? -8.366  1.480   7.124   1.00 70.88  ? 32 C   B "C1'" 1 
ATOM   590 N N1    . C   B 1 9  ? -8.135  0.214   6.430   1.00 64.96  ? 32 C   B N1    1 
ATOM   591 C C2    . C   B 1 9  ? -7.794  -0.864  7.207   1.00 62.48  ? 32 C   B C2    1 
ATOM   592 O O2    . C   B 1 9  ? -7.797  -0.718  8.435   1.00 62.75  ? 32 C   B O2    1 
ATOM   593 N N3    . C   B 1 9  ? -7.474  -2.029  6.625   1.00 60.97  ? 32 C   B N3    1 
ATOM   594 C C4    . C   B 1 9  ? -7.504  -2.137  5.302   1.00 60.22  ? 32 C   B C4    1 
ATOM   595 N N4    . C   B 1 9  ? -7.136  -3.309  4.778   1.00 61.70  ? 32 C   B N4    1 
ATOM   596 C C5    . C   B 1 9  ? -7.905  -1.049  4.465   1.00 58.68  ? 32 C   B C5    1 
ATOM   597 C C6    . C   B 1 9  ? -8.213  0.098   5.068   1.00 61.33  ? 32 C   B C6    1 
ATOM   598 P P     . A   B 1 10 ? -4.627  4.180   6.977   1.00 79.49  ? 33 A   B P     1 
ATOM   599 O OP1   . A   B 1 10 ? -4.122  5.393   7.671   1.00 79.16  ? 33 A   B OP1   1 
ATOM   600 O OP2   . A   B 1 10 ? -4.033  3.775   5.679   1.00 80.21  ? 33 A   B OP2   1 
ATOM   601 O "O5'" . A   B 1 10 ? -4.526  2.960   7.987   1.00 76.00  ? 33 A   B "O5'" 1 
ATOM   602 C "C5'" . A   B 1 10 ? -4.562  3.199   9.372   1.00 73.65  ? 33 A   B "C5'" 1 
ATOM   603 C "C4'" . A   B 1 10 ? -3.788  2.138   10.073  1.00 72.81  ? 33 A   B "C4'" 1 
ATOM   604 O "O4'" . A   B 1 10 ? -4.500  0.886   9.938   1.00 71.85  ? 33 A   B "O4'" 1 
ATOM   605 C "C3'" . A   B 1 10 ? -2.447  1.857   9.440   1.00 72.43  ? 33 A   B "C3'" 1 
ATOM   606 O "O3'" . A   B 1 10 ? -1.476  2.786   9.878   1.00 72.45  ? 33 A   B "O3'" 1 
ATOM   607 C "C2'" . A   B 1 10 ? -2.171  0.437   9.905   1.00 71.48  ? 33 A   B "C2'" 1 
ATOM   608 O "O2'" . A   B 1 10 ? -1.682  0.378   11.224  1.00 72.14  ? 33 A   B "O2'" 1 
ATOM   609 C "C1'" . A   B 1 10 ? -3.572  -0.173  9.831   1.00 70.22  ? 33 A   B "C1'" 1 
ATOM   610 N N9    . A   B 1 10 ? -3.824  -0.831  8.563   1.00 69.22  ? 33 A   B N9    1 
ATOM   611 C C8    . A   B 1 10 ? -4.392  -0.299  7.428   1.00 69.87  ? 33 A   B C8    1 
ATOM   612 N N7    . A   B 1 10 ? -4.517  -1.163  6.446   1.00 68.82  ? 33 A   B N7    1 
ATOM   613 C C5    . A   B 1 10 ? -3.997  -2.337  6.974   1.00 68.53  ? 33 A   B C5    1 
ATOM   614 C C6    . A   B 1 10 ? -3.856  -3.625  6.447   1.00 68.91  ? 33 A   B C6    1 
ATOM   615 N N6    . A   B 1 10 ? -4.279  -3.978  5.227   1.00 70.49  ? 33 A   B N6    1 
ATOM   616 N N1    . A   B 1 10 ? -3.270  -4.559  7.229   1.00 68.62  ? 33 A   B N1    1 
ATOM   617 C C2    . A   B 1 10 ? -2.873  -4.213  8.467   1.00 67.59  ? 33 A   B C2    1 
ATOM   618 N N3    . A   B 1 10 ? -2.970  -3.039  9.079   1.00 67.59  ? 33 A   B N3    1 
ATOM   619 C C4    . A   B 1 10 ? -3.548  -2.137  8.269   1.00 68.60  ? 33 A   B C4    1 
ATOM   620 P P     . C   B 1 11 ? -0.231  3.124   8.925   1.00 74.06  ? 34 C   B P     1 
ATOM   621 O OP1   . C   B 1 11 ? 0.457   4.306   9.509   1.00 73.59  ? 34 C   B OP1   1 
ATOM   622 O OP2   . C   B 1 11 ? -0.705  3.163   7.511   1.00 73.53  ? 34 C   B OP2   1 
ATOM   623 O "O5'" . C   B 1 11 ? 0.723   1.876   9.141   1.00 70.97  ? 34 C   B "O5'" 1 
ATOM   624 C "C5'" . C   B 1 11 ? 1.226   1.634   10.428  1.00 69.72  ? 34 C   B "C5'" 1 
ATOM   625 C "C4'" . C   B 1 11 ? 1.626   0.207   10.563  1.00 69.57  ? 34 C   B "C4'" 1 
ATOM   626 O "O4'" . C   B 1 11 ? 0.485   -0.653  10.335  1.00 68.36  ? 34 C   B "O4'" 1 
ATOM   627 C "C3'" . C   B 1 11 ? 2.631   -0.276  9.549   1.00 70.46  ? 34 C   B "C3'" 1 
ATOM   628 O "O3'" . C   B 1 11 ? 3.915   0.153   9.953   1.00 75.77  ? 34 C   B "O3'" 1 
ATOM   629 C "C2'" . C   B 1 11 ? 2.451   -1.782  9.674   1.00 69.15  ? 34 C   B "C2'" 1 
ATOM   630 O "O2'" . C   B 1 11 ? 3.027   -2.312  10.855  1.00 67.59  ? 34 C   B "O2'" 1 
ATOM   631 C "C1'" . C   B 1 11 ? 0.928   -1.874  9.770   1.00 65.70  ? 34 C   B "C1'" 1 
ATOM   632 N N1    . C   B 1 11 ? 0.329   -1.991  8.446   1.00 60.69  ? 34 C   B N1    1 
ATOM   633 C C2    . C   B 1 11 ? 0.331   -3.219  7.844   1.00 58.78  ? 34 C   B C2    1 
ATOM   634 O O2    . C   B 1 11 ? 0.873   -4.158  8.432   1.00 59.28  ? 34 C   B O2    1 
ATOM   635 N N3    . C   B 1 11 ? -0.241  -3.366  6.632   1.00 58.07  ? 34 C   B N3    1 
ATOM   636 C C4    . C   B 1 11 ? -0.783  -2.319  6.021   1.00 56.69  ? 34 C   B C4    1 
ATOM   637 N N4    . C   B 1 11 ? -1.338  -2.515  4.823   1.00 55.59  ? 34 C   B N4    1 
ATOM   638 C C5    . C   B 1 11 ? -0.781  -1.028  6.611   1.00 57.77  ? 34 C   B C5    1 
ATOM   639 C C6    . C   B 1 11 ? -0.220  -0.911  7.818   1.00 59.73  ? 34 C   B C6    1 
ATOM   640 P P     . C   B 1 12 ? 5.100   0.239   8.878   1.00 80.73  ? 35 C   B P     1 
ATOM   641 O OP1   . C   B 1 12 ? 6.318   0.588   9.666   1.00 80.60  ? 35 C   B OP1   1 
ATOM   642 O OP2   . C   B 1 12 ? 4.675   1.112   7.746   1.00 79.22  ? 35 C   B OP2   1 
ATOM   643 O "O5'" . C   B 1 12 ? 5.264   -1.264  8.359   1.00 79.72  ? 35 C   B "O5'" 1 
ATOM   644 C "C5'" . C   B 1 12 ? 5.762   -2.276  9.227   1.00 78.23  ? 35 C   B "C5'" 1 
ATOM   645 C "C4'" . C   B 1 12 ? 5.815   -3.597  8.506   1.00 78.63  ? 35 C   B "C4'" 1 
ATOM   646 O "O4'" . C   B 1 12 ? 4.470   -3.999  8.142   1.00 78.34  ? 35 C   B "O4'" 1 
ATOM   647 C "C3'" . C   B 1 12 ? 6.527   -3.596  7.168   1.00 80.09  ? 35 C   B "C3'" 1 
ATOM   648 O "O3'" . C   B 1 12 ? 7.933   -3.649  7.288   1.00 83.59  ? 35 C   B "O3'" 1 
ATOM   649 C "C2'" . C   B 1 12 ? 5.972   -4.852  6.518   1.00 78.98  ? 35 C   B "C2'" 1 
ATOM   650 O "O2'" . C   B 1 12 ? 6.537   -6.051  7.025   1.00 76.65  ? 35 C   B "O2'" 1 
ATOM   651 C "C1'" . C   B 1 12 ? 4.506   -4.737  6.923   1.00 78.13  ? 35 C   B "C1'" 1 
ATOM   652 N N1    . C   B 1 12 ? 3.726   -4.009  5.907   1.00 76.24  ? 35 C   B N1    1 
ATOM   653 C C2    . C   B 1 12 ? 3.180   -4.734  4.850   1.00 75.75  ? 35 C   B C2    1 
ATOM   654 O O2    . C   B 1 12 ? 3.438   -5.945  4.761   1.00 76.66  ? 35 C   B O2    1 
ATOM   655 N N3    . C   B 1 12 ? 2.405   -4.104  3.944   1.00 73.83  ? 35 C   B N3    1 
ATOM   656 C C4    . C   B 1 12 ? 2.195   -2.796  4.047   1.00 73.18  ? 35 C   B C4    1 
ATOM   657 N N4    . C   B 1 12 ? 1.403   -2.228  3.147   1.00 72.82  ? 35 C   B N4    1 
ATOM   658 C C5    . C   B 1 12 ? 2.782   -2.018  5.084   1.00 73.96  ? 35 C   B C5    1 
ATOM   659 C C6    . C   B 1 12 ? 3.529   -2.661  5.993   1.00 74.79  ? 35 C   B C6    1 
ATOM   660 P P     . G   B 1 13 ? 8.827   -2.756  6.301   1.00 85.76  ? 36 G   B P     1 
ATOM   661 O OP1   . G   B 1 13 ? 10.200  -2.711  6.892   1.00 84.38  ? 36 G   B OP1   1 
ATOM   662 O OP2   . G   B 1 13 ? 8.074   -1.483  6.063   1.00 82.73  ? 36 G   B OP2   1 
ATOM   663 O "O5'" . G   B 1 13 ? 8.847   -3.614  4.952   1.00 83.08  ? 36 G   B "O5'" 1 
ATOM   664 C "C5'" . G   B 1 13 ? 9.401   -4.933  4.931   1.00 77.56  ? 36 G   B "C5'" 1 
ATOM   665 C "C4'" . G   B 1 13 ? 8.940   -5.708  3.701   1.00 74.70  ? 36 G   B "C4'" 1 
ATOM   666 O "O4'" . G   B 1 13 ? 7.485   -5.823  3.684   1.00 73.42  ? 36 G   B "O4'" 1 
ATOM   667 C "C3'" . G   B 1 13 ? 9.198   -5.122  2.323   1.00 72.88  ? 36 G   B "C3'" 1 
ATOM   668 O "O3'" . G   B 1 13 ? 10.534  -5.231  1.880   1.00 72.71  ? 36 G   B "O3'" 1 
ATOM   669 C "C2'" . G   B 1 13 ? 8.289   -5.987  1.467   1.00 71.26  ? 36 G   B "C2'" 1 
ATOM   670 O "O2'" . G   B 1 13 ? 8.815   -7.285  1.276   1.00 68.68  ? 36 G   B "O2'" 1 
ATOM   671 C "C1'" . G   B 1 13 ? 7.043   -6.042  2.346   1.00 70.52  ? 36 G   B "C1'" 1 
ATOM   672 N N9    . G   B 1 13 ? 6.098   -4.993  1.968   1.00 68.38  ? 36 G   B N9    1 
ATOM   673 C C8    . G   B 1 13 ? 5.838   -3.814  2.627   1.00 68.02  ? 36 G   B C8    1 
ATOM   674 N N7    . G   B 1 13 ? 4.955   -3.071  2.011   1.00 67.08  ? 36 G   B N7    1 
ATOM   675 C C5    . G   B 1 13 ? 4.609   -3.807  0.886   1.00 66.71  ? 36 G   B C5    1 
ATOM   676 C C6    . G   B 1 13 ? 3.694   -3.515  -0.164  1.00 67.09  ? 36 G   B C6    1 
ATOM   677 O O6    . G   B 1 13 ? 3.000   -2.506  -0.322  1.00 65.96  ? 36 G   B O6    1 
ATOM   678 N N1    . G   B 1 13 ? 3.639   -4.543  -1.096  1.00 66.81  ? 36 G   B N1    1 
ATOM   679 C C2    . G   B 1 13 ? 4.380   -5.697  -1.037  1.00 67.51  ? 36 G   B C2    1 
ATOM   680 N N2    . G   B 1 13 ? 4.199   -6.573  -2.040  1.00 68.33  ? 36 G   B N2    1 
ATOM   681 N N3    . G   B 1 13 ? 5.239   -5.976  -0.069  1.00 65.97  ? 36 G   B N3    1 
ATOM   682 C C4    . G   B 1 13 ? 5.300   -4.997  0.850   1.00 66.28  ? 36 G   B C4    1 
ATOM   683 P P     . G   B 1 14 ? 11.107  -4.130  0.859   1.00 72.85  ? 37 G   B P     1 
ATOM   684 O OP1   . G   B 1 14 ? 12.530  -4.481  0.710   1.00 75.09  ? 37 G   B OP1   1 
ATOM   685 O OP2   . G   B 1 14 ? 10.738  -2.772  1.323   1.00 73.16  ? 37 G   B OP2   1 
ATOM   686 O "O5'" . G   B 1 14 ? 10.352  -4.404  -0.523  1.00 70.19  ? 37 G   B "O5'" 1 
ATOM   687 C "C5'" . G   B 1 14 ? 10.573  -5.622  -1.222  1.00 68.24  ? 37 G   B "C5'" 1 
ATOM   688 C "C4'" . G   B 1 14 ? 9.607   -5.785  -2.378  1.00 67.10  ? 37 G   B "C4'" 1 
ATOM   689 O "O4'" . G   B 1 14 ? 8.229   -5.690  -1.929  1.00 66.94  ? 37 G   B "O4'" 1 
ATOM   690 C "C3'" . G   B 1 14 ? 9.661   -4.760  -3.483  1.00 66.27  ? 37 G   B "C3'" 1 
ATOM   691 O "O3'" . G   B 1 14 ? 10.707  -5.048  -4.371  1.00 67.19  ? 37 G   B "O3'" 1 
ATOM   692 C "C2'" . G   B 1 14 ? 8.339   -5.007  -4.185  1.00 65.33  ? 37 G   B "C2'" 1 
ATOM   693 O "O2'" . G   B 1 14 ? 8.403   -6.183  -4.961  1.00 65.10  ? 37 G   B "O2'" 1 
ATOM   694 C "C1'" . G   B 1 14 ? 7.415   -5.211  -2.988  1.00 64.47  ? 37 G   B "C1'" 1 
ATOM   695 N N9    . G   B 1 14 ? 6.829   -3.951  -2.554  1.00 63.16  ? 37 G   B N9    1 
ATOM   696 C C8    . G   B 1 14 ? 7.210   -3.191  -1.481  1.00 61.21  ? 37 G   B C8    1 
ATOM   697 N N7    . G   B 1 14 ? 6.500   -2.107  -1.348  1.00 61.28  ? 37 G   B N7    1 
ATOM   698 C C5    . G   B 1 14 ? 5.599   -2.153  -2.399  1.00 61.77  ? 37 G   B C5    1 
ATOM   699 C C6    . G   B 1 14 ? 4.567   -1.251  -2.766  1.00 62.73  ? 37 G   B C6    1 
ATOM   700 O O6    . G   B 1 14 ? 4.254   -0.175  -2.232  1.00 64.44  ? 37 G   B O6    1 
ATOM   701 N N1    . G   B 1 14 ? 3.866   -1.702  -3.883  1.00 60.51  ? 37 G   B N1    1 
ATOM   702 C C2    . G   B 1 14 ? 4.127   -2.860  -4.558  1.00 59.76  ? 37 G   B C2    1 
ATOM   703 N N2    . G   B 1 14 ? 3.328   -3.133  -5.589  1.00 57.72  ? 37 G   B N2    1 
ATOM   704 N N3    . G   B 1 14 ? 5.101   -3.698  -4.239  1.00 61.88  ? 37 G   B N3    1 
ATOM   705 C C4    . G   B 1 14 ? 5.786   -3.286  -3.151  1.00 62.41  ? 37 G   B C4    1 
ATOM   706 P P     . U   B 1 15 ? 11.248  -3.885  -5.318  1.00 67.81  ? 38 U   B P     1 
ATOM   707 O OP1   . U   B 1 15 ? 12.534  -4.321  -5.924  1.00 69.07  ? 38 U   B OP1   1 
ATOM   708 O OP2   . U   B 1 15 ? 11.220  -2.668  -4.468  1.00 68.14  ? 38 U   B OP2   1 
ATOM   709 O "O5'" . U   B 1 15 ? 10.126  -3.793  -6.450  1.00 65.23  ? 38 U   B "O5'" 1 
ATOM   710 C "C5'" . U   B 1 15 ? 9.784   -4.943  -7.214  1.00 63.37  ? 38 U   B "C5'" 1 
ATOM   711 C "C4'" . U   B 1 15 ? 8.671   -4.633  -8.189  1.00 61.22  ? 38 U   B "C4'" 1 
ATOM   712 O "O4'" . U   B 1 15 ? 7.425   -4.420  -7.479  1.00 59.57  ? 38 U   B "O4'" 1 
ATOM   713 C "C3'" . U   B 1 15 ? 8.834   -3.368  -9.008  1.00 61.73  ? 38 U   B "C3'" 1 
ATOM   714 O "O3'" . U   B 1 15 ? 9.663   -3.566  -10.135 1.00 63.76  ? 38 U   B "O3'" 1 
ATOM   715 C "C2'" . U   B 1 15 ? 7.402   -3.102  -9.430  1.00 60.24  ? 38 U   B "C2'" 1 
ATOM   716 O "O2'" . U   B 1 15 ? 6.988   -3.998  -10.437 1.00 56.95  ? 38 U   B "O2'" 1 
ATOM   717 C "C1'" . U   B 1 15 ? 6.673   -3.404  -8.127  1.00 58.88  ? 38 U   B "C1'" 1 
ATOM   718 N N1    . U   B 1 15 ? 6.643   -2.236  -7.235  1.00 56.61  ? 38 U   B N1    1 
ATOM   719 C C2    . U   B 1 15 ? 5.668   -1.282  -7.444  1.00 54.54  ? 38 U   B C2    1 
ATOM   720 O O2    . U   B 1 15 ? 4.867   -1.333  -8.368  1.00 49.77  ? 38 U   B O2    1 
ATOM   721 N N3    . U   B 1 15 ? 5.666   -0.259  -6.532  1.00 56.44  ? 38 U   B N3    1 
ATOM   722 C C4    . U   B 1 15 ? 6.534   -0.081  -5.461  1.00 59.08  ? 38 U   B C4    1 
ATOM   723 O O4    . U   B 1 15 ? 6.346   0.856   -4.663  1.00 60.79  ? 38 U   B O4    1 
ATOM   724 C C5    . U   B 1 15 ? 7.539   -1.093  -5.346  1.00 58.24  ? 38 U   B C5    1 
ATOM   725 C C6    . U   B 1 15 ? 7.556   -2.109  -6.212  1.00 57.70  ? 38 U   B C6    1 
ATOM   726 P P     . G   B 1 16 ? 10.425  -2.307  -10.777 1.00 64.69  ? 39 G   B P     1 
ATOM   727 O OP1   . G   B 1 16 ? 11.022  -2.884  -11.993 1.00 64.37  ? 39 G   B OP1   1 
ATOM   728 O OP2   . G   B 1 16 ? 11.312  -1.666  -9.750  1.00 62.74  ? 39 G   B OP2   1 
ATOM   729 O "O5'" . G   B 1 16 ? 9.245   -1.329  -11.228 1.00 59.04  ? 39 G   B "O5'" 1 
ATOM   730 C "C5'" . G   B 1 16 ? 8.488   -1.652  -12.380 1.00 59.49  ? 39 G   B "C5'" 1 
ATOM   731 C "C4'" . G   B 1 16 ? 7.677   -0.470  -12.843 1.00 61.12  ? 39 G   B "C4'" 1 
ATOM   732 O "O4'" . G   B 1 16 ? 6.608   -0.213  -11.901 1.00 59.52  ? 39 G   B "O4'" 1 
ATOM   733 C "C3'" . G   B 1 16 ? 8.404   0.858   -12.971 1.00 63.10  ? 39 G   B "C3'" 1 
ATOM   734 O "O3'" . G   B 1 16 ? 9.082   0.976   -14.225 1.00 65.99  ? 39 G   B "O3'" 1 
ATOM   735 C "C2'" . G   B 1 16 ? 7.243   1.836   -12.898 1.00 61.84  ? 39 G   B "C2'" 1 
ATOM   736 O "O2'" . G   B 1 16 ? 6.600   1.874   -14.161 1.00 63.05  ? 39 G   B "O2'" 1 
ATOM   737 C "C1'" . G   B 1 16 ? 6.349   1.179   -11.828 1.00 57.78  ? 39 G   B "C1'" 1 
ATOM   738 N N9    . G   B 1 16 ? 6.638   1.609   -10.459 1.00 53.96  ? 39 G   B N9    1 
ATOM   739 C C8    . G   B 1 16 ? 7.595   1.086   -9.613  1.00 53.13  ? 39 G   B C8    1 
ATOM   740 N N7    . G   B 1 16 ? 7.662   1.706   -8.462  1.00 50.66  ? 39 G   B N7    1 
ATOM   741 C C5    . G   B 1 16 ? 6.683   2.690   -8.544  1.00 52.12  ? 39 G   B C5    1 
ATOM   742 C C6    . G   B 1 16 ? 6.290   3.695   -7.599  1.00 52.16  ? 39 G   B C6    1 
ATOM   743 O O6    . G   B 1 16 ? 6.743   3.924   -6.463  1.00 54.52  ? 39 G   B O6    1 
ATOM   744 N N1    . G   B 1 16 ? 5.266   4.480   -8.092  1.00 48.89  ? 39 G   B N1    1 
ATOM   745 C C2    . G   B 1 16 ? 4.693   4.342   -9.322  1.00 49.23  ? 39 G   B C2    1 
ATOM   746 N N2    . G   B 1 16 ? 3.728   5.215   -9.609  1.00 49.52  ? 39 G   B N2    1 
ATOM   747 N N3    . G   B 1 16 ? 5.037   3.420   -10.211 1.00 51.23  ? 39 G   B N3    1 
ATOM   748 C C4    . G   B 1 16 ? 6.033   2.633   -9.761  1.00 52.21  ? 39 G   B C4    1 
ATOM   749 P P     . A   B 1 17 ? 10.537  1.673   -14.281 1.00 69.03  ? 40 A   B P     1 
ATOM   750 O OP1   . A   B 1 17 ? 11.256  1.203   -15.495 1.00 69.81  ? 40 A   B OP1   1 
ATOM   751 O OP2   . A   B 1 17 ? 11.185  1.533   -12.956 1.00 67.16  ? 40 A   B OP2   1 
ATOM   752 O "O5'" . A   B 1 17 ? 10.185  3.202   -14.537 1.00 71.64  ? 40 A   B "O5'" 1 
ATOM   753 C "C5'" . A   B 1 17 ? 9.361   3.563   -15.637 1.00 74.32  ? 40 A   B "C5'" 1 
ATOM   754 C "C4'" . A   B 1 17 ? 9.996   4.679   -16.421 1.00 75.56  ? 40 A   B "C4'" 1 
ATOM   755 O "O4'" . A   B 1 17 ? 9.570   4.587   -17.806 1.00 76.52  ? 40 A   B "O4'" 1 
ATOM   756 C "C3'" . A   B 1 17 ? 9.629   6.094   -16.022 1.00 75.87  ? 40 A   B "C3'" 1 
ATOM   757 O "O3'" . A   B 1 17 ? 10.370  6.529   -14.889 1.00 78.09  ? 40 A   B "O3'" 1 
ATOM   758 C "C2'" . A   B 1 17 ? 9.992   6.854   -17.294 1.00 75.98  ? 40 A   B "C2'" 1 
ATOM   759 O "O2'" . A   B 1 17 ? 11.392  6.975   -17.469 1.00 77.31  ? 40 A   B "O2'" 1 
ATOM   760 C "C1'" . A   B 1 17 ? 9.515   5.882   -18.369 1.00 74.30  ? 40 A   B "C1'" 1 
ATOM   761 N N9    . A   B 1 17 ? 8.156   6.101   -18.842 1.00 72.13  ? 40 A   B N9    1 
ATOM   762 C C8    . A   B 1 17 ? 6.977   5.790   -18.217 1.00 70.88  ? 40 A   B C8    1 
ATOM   763 N N7    . A   B 1 17 ? 5.914   6.060   -18.934 1.00 70.96  ? 40 A   B N7    1 
ATOM   764 C C5    . A   B 1 17 ? 6.429   6.600   -20.102 1.00 71.42  ? 40 A   B C5    1 
ATOM   765 C C6    . A   B 1 17 ? 5.817   7.082   -21.269 1.00 72.65  ? 40 A   B C6    1 
ATOM   766 N N6    . A   B 1 17 ? 4.496   7.104   -21.458 1.00 73.60  ? 40 A   B N6    1 
ATOM   767 N N1    . A   B 1 17 ? 6.621   7.551   -22.253 1.00 73.78  ? 40 A   B N1    1 
ATOM   768 C C2    . A   B 1 17 ? 7.953   7.530   -22.059 1.00 72.68  ? 40 A   B C2    1 
ATOM   769 N N3    . A   B 1 17 ? 8.642   7.104   -21.002 1.00 71.04  ? 40 A   B N3    1 
ATOM   770 C C4    . A   B 1 17 ? 7.811   6.645   -20.050 1.00 71.59  ? 40 A   B C4    1 
ATOM   771 P P     . A   B 1 18 ? 9.608   7.318   -13.712 1.00 80.83  ? 41 A   B P     1 
ATOM   772 O OP1   . A   B 1 18 ? 10.256  7.079   -12.390 1.00 81.06  ? 41 A   B OP1   1 
ATOM   773 O OP2   . A   B 1 18 ? 8.166   7.031   -13.888 1.00 80.76  ? 41 A   B OP2   1 
ATOM   774 O "O5'" . A   B 1 18 ? 9.807   8.858   -14.050 1.00 82.15  ? 41 A   B "O5'" 1 
ATOM   775 C "C5'" . A   B 1 18 ? 11.100  9.414   -14.279 1.00 80.46  ? 41 A   B "C5'" 1 
ATOM   776 C "C4'" . A   B 1 18 ? 10.968  10.545  -15.258 1.00 79.35  ? 41 A   B "C4'" 1 
ATOM   777 O "O4'" . A   B 1 18 ? 10.297  9.997   -16.420 1.00 78.24  ? 41 A   B "O4'" 1 
ATOM   778 C "C3'" . A   B 1 18 ? 10.062  11.677  -14.789 1.00 79.79  ? 41 A   B "C3'" 1 
ATOM   779 O "O3'" . A   B 1 18 ? 10.862  12.681  -14.163 1.00 80.33  ? 41 A   B "O3'" 1 
ATOM   780 C "C2'" . A   B 1 18 ? 9.496   12.215  -16.104 1.00 80.11  ? 41 A   B "C2'" 1 
ATOM   781 O "O2'" . A   B 1 18 ? 10.377  13.127  -16.740 1.00 84.15  ? 41 A   B "O2'" 1 
ATOM   782 C "C1'" . A   B 1 18 ? 9.434   10.956  -16.974 1.00 77.83  ? 41 A   B "C1'" 1 
ATOM   783 N N9    . A   B 1 18 ? 8.115   10.354  -17.151 1.00 75.70  ? 41 A   B N9    1 
ATOM   784 C C8    . A   B 1 18 ? 7.351   9.653   -16.251 1.00 75.70  ? 41 A   B C8    1 
ATOM   785 N N7    . A   B 1 18 ? 6.193   9.260   -16.735 1.00 75.16  ? 41 A   B N7    1 
ATOM   786 C C5    . A   B 1 18 ? 6.200   9.726   -18.042 1.00 74.91  ? 41 A   B C5    1 
ATOM   787 C C6    . A   B 1 18 ? 5.264   9.635   -19.089 1.00 74.33  ? 41 A   B C6    1 
ATOM   788 N N6    . A   B 1 18 ? 4.088   9.028   -18.981 1.00 74.20  ? 41 A   B N6    1 
ATOM   789 N N1    . A   B 1 18 ? 5.583   10.204  -20.270 1.00 76.19  ? 41 A   B N1    1 
ATOM   790 C C2    . A   B 1 18 ? 6.765   10.821  -20.386 1.00 76.63  ? 41 A   B C2    1 
ATOM   791 N N3    . A   B 1 18 ? 7.729   10.975  -19.476 1.00 77.21  ? 41 A   B N3    1 
ATOM   792 C C4    . A   B 1 18 ? 7.380   10.398  -18.313 1.00 75.87  ? 41 A   B C4    1 
ATOM   793 P P     . G   B 1 19 ? 10.546  13.169  -12.658 1.00 81.22  ? 42 G   B P     1 
ATOM   794 O OP1   . G   B 1 19 ? 11.141  14.527  -12.543 1.00 81.12  ? 42 G   B OP1   1 
ATOM   795 O OP2   . G   B 1 19 ? 10.977  12.101  -11.719 1.00 81.50  ? 42 G   B OP2   1 
ATOM   796 O "O5'" . G   B 1 19 ? 8.956   13.318  -12.558 1.00 78.80  ? 42 G   B "O5'" 1 
ATOM   797 C "C5'" . G   B 1 19 ? 8.300   14.559  -12.847 1.00 74.76  ? 42 G   B "C5'" 1 
ATOM   798 C "C4'" . G   B 1 19 ? 7.717   15.179  -11.586 1.00 71.81  ? 42 G   B "C4'" 1 
ATOM   799 O "O4'" . G   B 1 19 ? 6.857   14.216  -10.914 1.00 70.88  ? 42 G   B "O4'" 1 
ATOM   800 C "C3'" . G   B 1 19 ? 8.705   15.611  -10.512 1.00 70.57  ? 42 G   B "C3'" 1 
ATOM   801 O "O3'" . G   B 1 19 ? 9.223   16.914  -10.740 1.00 68.50  ? 42 G   B "O3'" 1 
ATOM   802 C "C2'" . G   B 1 19 ? 7.848   15.583  -9.253  1.00 70.46  ? 42 G   B "C2'" 1 
ATOM   803 O "O2'" . G   B 1 19 ? 7.031   16.723  -9.090  1.00 69.65  ? 42 G   B "O2'" 1 
ATOM   804 C "C1'" . G   B 1 19 ? 7.007   14.334  -9.503  1.00 70.54  ? 42 G   B "C1'" 1 
ATOM   805 N N9    . G   B 1 19 ? 7.727   13.155  -9.043  1.00 70.71  ? 42 G   B N9    1 
ATOM   806 C C8    . G   B 1 19 ? 8.349   12.216  -9.835  1.00 70.20  ? 42 G   B C8    1 
ATOM   807 N N7    . G   B 1 19 ? 8.932   11.275  -9.148  1.00 68.51  ? 42 G   B N7    1 
ATOM   808 C C5    . G   B 1 19 ? 8.679   11.607  -7.824  1.00 68.57  ? 42 G   B C5    1 
ATOM   809 C C6    . G   B 1 19 ? 9.063   10.958  -6.629  1.00 68.84  ? 42 G   B C6    1 
ATOM   810 O O6    . G   B 1 19 ? 9.711   9.911   -6.492  1.00 69.29  ? 42 G   B O6    1 
ATOM   811 N N1    . G   B 1 19 ? 8.617   11.646  -5.510  1.00 68.07  ? 42 G   B N1    1 
ATOM   812 C C2    . G   B 1 19 ? 7.903   12.806  -5.537  1.00 68.01  ? 42 G   B C2    1 
ATOM   813 N N2    . G   B 1 19 ? 7.628   13.331  -4.355  1.00 68.89  ? 42 G   B N2    1 
ATOM   814 N N3    . G   B 1 19 ? 7.508   13.412  -6.643  1.00 68.09  ? 42 G   B N3    1 
ATOM   815 C C4    . G   B 1 19 ? 7.935   12.765  -7.744  1.00 69.38  ? 42 G   B C4    1 
ATOM   816 P P     . U   B 1 20 ? 10.514  17.399  -9.919  1.00 68.00  ? 43 U   B P     1 
ATOM   817 O OP1   . U   B 1 20 ? 10.826  18.806  -10.251 1.00 68.58  ? 43 U   B OP1   1 
ATOM   818 O OP2   . U   B 1 20 ? 11.572  16.370  -10.080 1.00 66.09  ? 43 U   B OP2   1 
ATOM   819 O "O5'" . U   B 1 20 ? 10.013  17.407  -8.409  1.00 65.38  ? 43 U   B "O5'" 1 
ATOM   820 C "C5'" . U   B 1 20 ? 9.165   18.438  -7.932  1.00 61.96  ? 43 U   B "C5'" 1 
ATOM   821 C "C4'" . U   B 1 20 ? 9.144   18.439  -6.417  1.00 61.90  ? 43 U   B "C4'" 1 
ATOM   822 O "O4'" . U   B 1 20 ? 8.714   17.138  -5.951  1.00 60.29  ? 43 U   B "O4'" 1 
ATOM   823 C "C3'" . U   B 1 20 ? 10.479  18.665  -5.722  1.00 62.55  ? 43 U   B "C3'" 1 
ATOM   824 O "O3'" . U   B 1 20 ? 10.700  20.060  -5.515  1.00 64.34  ? 43 U   B "O3'" 1 
ATOM   825 C "C2'" . U   B 1 20 ? 10.261  17.989  -4.381  1.00 60.03  ? 43 U   B "C2'" 1 
ATOM   826 O "O2'" . U   B 1 20 ? 9.491   18.800  -3.536  1.00 61.48  ? 43 U   B "O2'" 1 
ATOM   827 C "C1'" . U   B 1 20 ? 9.418   16.789  -4.782  1.00 59.17  ? 43 U   B "C1'" 1 
ATOM   828 N N1    . U   B 1 20 ? 10.220  15.601  -5.078  1.00 59.53  ? 43 U   B N1    1 
ATOM   829 C C2    . U   B 1 20 ? 10.829  14.975  -4.034  1.00 60.49  ? 43 U   B C2    1 
ATOM   830 O O2    . U   B 1 20 ? 10.771  15.393  -2.899  1.00 63.09  ? 43 U   B O2    1 
ATOM   831 N N3    . U   B 1 20 ? 11.511  13.836  -4.358  1.00 59.22  ? 43 U   B N3    1 
ATOM   832 C C4    . U   B 1 20 ? 11.635  13.279  -5.594  1.00 57.49  ? 43 U   B C4    1 
ATOM   833 O O4    . U   B 1 20 ? 12.108  12.154  -5.696  1.00 57.75  ? 43 U   B O4    1 
ATOM   834 C C5    . U   B 1 20 ? 11.007  14.008  -6.630  1.00 59.00  ? 43 U   B C5    1 
ATOM   835 C C6    . U   B 1 20 ? 10.337  15.123  -6.342  1.00 60.19  ? 43 U   B C6    1 
ATOM   836 P P     . C   B 1 21 ? 12.193  20.647  -5.544  1.00 64.72  ? 44 C   B P     1 
ATOM   837 O OP1   . C   B 1 21 ? 12.059  22.128  -5.514  1.00 63.35  ? 44 C   B OP1   1 
ATOM   838 O OP2   . C   B 1 21 ? 12.923  19.986  -6.652  1.00 64.30  ? 44 C   B OP2   1 
ATOM   839 O "O5'" . C   B 1 21 ? 12.841  20.152  -4.184  1.00 64.37  ? 44 C   B "O5'" 1 
ATOM   840 C "C5'" . C   B 1 21 ? 12.269  20.525  -2.947  1.00 67.16  ? 44 C   B "C5'" 1 
ATOM   841 C "C4'" . C   B 1 21 ? 12.917  19.755  -1.833  1.00 68.07  ? 44 C   B "C4'" 1 
ATOM   842 O "O4'" . C   B 1 21 ? 12.501  18.368  -1.884  1.00 67.41  ? 44 C   B "O4'" 1 
ATOM   843 C "C3'" . C   B 1 21 ? 14.432  19.694  -1.905  1.00 68.29  ? 44 C   B "C3'" 1 
ATOM   844 O "O3'" . C   B 1 21 ? 15.009  20.846  -1.320  1.00 68.54  ? 44 C   B "O3'" 1 
ATOM   845 C "C2'" . C   B 1 21 ? 14.742  18.457  -1.077  1.00 68.57  ? 44 C   B "C2'" 1 
ATOM   846 O "O2'" . C   B 1 21 ? 14.767  18.741  0.305   1.00 68.55  ? 44 C   B "O2'" 1 
ATOM   847 C "C1'" . C   B 1 21 ? 13.561  17.547  -1.426  1.00 67.53  ? 44 C   B "C1'" 1 
ATOM   848 N N1    . C   B 1 21 ? 13.880  16.599  -2.489  1.00 67.75  ? 44 C   B N1    1 
ATOM   849 C C2    . C   B 1 21 ? 14.553  15.428  -2.156  1.00 67.84  ? 44 C   B C2    1 
ATOM   850 O O2    . C   B 1 21 ? 14.868  15.245  -0.982  1.00 66.82  ? 44 C   B O2    1 
ATOM   851 N N3    . C   B 1 21 ? 14.838  14.529  -3.123  1.00 68.04  ? 44 C   B N3    1 
ATOM   852 C C4    . C   B 1 21 ? 14.472  14.770  -4.384  1.00 69.90  ? 44 C   B C4    1 
ATOM   853 N N4    . C   B 1 21 ? 14.763  13.846  -5.307  1.00 71.05  ? 44 C   B N4    1 
ATOM   854 C C5    . C   B 1 21 ? 13.789  15.967  -4.756  1.00 69.55  ? 44 C   B C5    1 
ATOM   855 C C6    . C   B 1 21 ? 13.520  16.850  -3.783  1.00 68.91  ? 44 C   B C6    1 
ATOM   856 P P     . G   B 1 22 ? 16.542  21.192  -1.621  1.00 70.18  ? 45 G   B P     1 
ATOM   857 O OP1   . G   B 1 22 ? 16.902  22.410  -0.848  1.00 69.73  ? 45 G   B OP1   1 
ATOM   858 O OP2   . G   B 1 22 ? 16.758  21.181  -3.087  1.00 69.60  ? 45 G   B OP2   1 
ATOM   859 O "O5'" . G   B 1 22 ? 17.298  19.952  -0.982  1.00 67.12  ? 45 G   B "O5'" 1 
ATOM   860 C "C5'" . G   B 1 22 ? 17.378  19.818  0.421   1.00 66.45  ? 45 G   B "C5'" 1 
ATOM   861 C "C4'" . G   B 1 22 ? 18.173  18.594  0.771   1.00 66.52  ? 45 G   B "C4'" 1 
ATOM   862 O "O4'" . G   B 1 22 ? 17.506  17.434  0.224   1.00 64.60  ? 45 G   B "O4'" 1 
ATOM   863 C "C3'" . G   B 1 22 ? 19.544  18.505  0.138   1.00 67.54  ? 45 G   B "C3'" 1 
ATOM   864 O "O3'" . G   B 1 22 ? 20.472  19.276  0.872   1.00 71.18  ? 45 G   B "O3'" 1 
ATOM   865 C "C2'" . G   B 1 22 ? 19.830  17.016  0.247   1.00 64.98  ? 45 G   B "C2'" 1 
ATOM   866 O "O2'" . G   B 1 22 ? 20.181  16.629  1.555   1.00 64.98  ? 45 G   B "O2'" 1 
ATOM   867 C "C1'" . G   B 1 22 ? 18.460  16.436  -0.056  1.00 62.50  ? 45 G   B "C1'" 1 
ATOM   868 N N9    . G   B 1 22 ? 18.312  16.019  -1.441  1.00 61.36  ? 45 G   B N9    1 
ATOM   869 C C8    . G   B 1 22 ? 17.687  16.679  -2.476  1.00 59.71  ? 45 G   B C8    1 
ATOM   870 N N7    . G   B 1 22 ? 17.685  15.989  -3.587  1.00 59.44  ? 45 G   B N7    1 
ATOM   871 C C5    . G   B 1 22 ? 18.366  14.816  -3.263  1.00 59.99  ? 45 G   B C5    1 
ATOM   872 C C6    . G   B 1 22 ? 18.685  13.671  -4.049  1.00 60.88  ? 45 G   B C6    1 
ATOM   873 O O6    . G   B 1 22 ? 18.434  13.457  -5.248  1.00 63.00  ? 45 G   B O6    1 
ATOM   874 N N1    . G   B 1 22 ? 19.371  12.712  -3.305  1.00 59.80  ? 45 G   B N1    1 
ATOM   875 C C2    . G   B 1 22 ? 19.710  12.833  -1.986  1.00 58.72  ? 45 G   B C2    1 
ATOM   876 N N2    . G   B 1 22 ? 20.341  11.789  -1.432  1.00 58.11  ? 45 G   B N2    1 
ATOM   877 N N3    . G   B 1 22 ? 19.443  13.893  -1.256  1.00 59.01  ? 45 G   B N3    1 
ATOM   878 C C4    . G   B 1 22 ? 18.767  14.832  -1.947  1.00 59.96  ? 45 G   B C4    1 
ATOM   879 P P     . C   B 1 23 ? 21.951  19.486  0.300   1.00 74.38  ? 46 C   B P     1 
ATOM   880 O OP1   . C   B 1 23 ? 22.747  19.950  1.464   1.00 76.53  ? 46 C   B OP1   1 
ATOM   881 O OP2   . C   B 1 23 ? 21.937  20.290  -0.947  1.00 74.08  ? 46 C   B OP2   1 
ATOM   882 O "O5'" . C   B 1 23 ? 22.449  18.013  -0.019  1.00 75.26  ? 46 C   B "O5'" 1 
ATOM   883 C "C5'" . C   B 1 23 ? 22.806  17.155  1.049   1.00 79.14  ? 46 C   B "C5'" 1 
ATOM   884 C "C4'" . C   B 1 23 ? 23.669  16.042  0.544   1.00 82.16  ? 46 C   B "C4'" 1 
ATOM   885 O "O4'" . C   B 1 23 ? 22.899  15.064  -0.199  1.00 82.53  ? 46 C   B "O4'" 1 
ATOM   886 C "C3'" . C   B 1 23 ? 24.702  16.494  -0.458  1.00 83.19  ? 46 C   B "C3'" 1 
ATOM   887 O "O3'" . C   B 1 23 ? 25.651  17.288  0.263   1.00 85.91  ? 46 C   B "O3'" 1 
ATOM   888 C "C2'" . C   B 1 23 ? 25.096  15.168  -1.106  1.00 83.88  ? 46 C   B "C2'" 1 
ATOM   889 O "O2'" . C   B 1 23 ? 26.012  14.401  -0.340  1.00 83.98  ? 46 C   B "O2'" 1 
ATOM   890 C "C1'" . C   B 1 23 ? 23.747  14.438  -1.149  1.00 82.14  ? 46 C   B "C1'" 1 
ATOM   891 N N1    . C   B 1 23 ? 23.115  14.506  -2.470  1.00 80.70  ? 46 C   B N1    1 
ATOM   892 C C2    . C   B 1 23 ? 23.247  13.407  -3.330  1.00 80.44  ? 46 C   B C2    1 
ATOM   893 O O2    . C   B 1 23 ? 23.838  12.390  -2.911  1.00 80.38  ? 46 C   B O2    1 
ATOM   894 N N3    . C   B 1 23 ? 22.724  13.477  -4.578  1.00 79.44  ? 46 C   B N3    1 
ATOM   895 C C4    . C   B 1 23 ? 22.072  14.581  -4.968  1.00 80.72  ? 46 C   B C4    1 
ATOM   896 N N4    . C   B 1 23 ? 21.585  14.625  -6.212  1.00 79.33  ? 46 C   B N4    1 
ATOM   897 C C5    . C   B 1 23 ? 21.894  15.699  -4.096  1.00 80.73  ? 46 C   B C5    1 
ATOM   898 C C6    . C   B 1 23 ? 22.429  15.620  -2.869  1.00 80.59  ? 46 C   B C6    1 
HETATM 899 C C11   . N30 C 2 .  ? 10.016  6.072   -8.432  1.00 60.01  ? 1  N30 B C11   1 
HETATM 900 O O11   . N30 C 2 .  ? 11.011  6.892   -9.059  1.00 58.82  ? 1  N30 B O11   1 
HETATM 901 C C21   . N30 C 2 .  ? 10.062  4.655   -9.087  1.00 58.52  ? 1  N30 B C21   1 
HETATM 902 N N21   . N30 C 2 .  ? 11.445  4.123   -9.173  1.00 57.57  ? 1  N30 B N21   1 
HETATM 903 C C31   . N30 C 2 .  ? 9.466   4.666   -10.507 1.00 55.30  ? 1  N30 B C31   1 
HETATM 904 O O31   . N30 C 2 .  ? 9.471   3.373   -11.056 1.00 53.21  ? 1  N30 B O31   1 
HETATM 905 C C41   . N30 C 2 .  ? 8.053   5.222   -10.466 1.00 55.18  ? 1  N30 B C41   1 
HETATM 906 O O41   . N30 C 2 .  ? 7.504   5.212   -11.745 1.00 54.95  ? 1  N30 B O41   1 
HETATM 907 C C51   . N30 C 2 .  ? 8.069   6.670   -9.900  1.00 57.31  ? 1  N30 B C51   1 
HETATM 908 O O51   . N30 C 2 .  ? 8.654   6.670   -8.580  1.00 59.43  ? 1  N30 B O51   1 
HETATM 909 C C61   . N30 C 2 .  ? 6.686   7.274   -9.816  1.00 57.78  ? 1  N30 B C61   1 
HETATM 910 O O61   . N30 C 2 .  ? 6.732   8.654   -9.827  1.00 57.89  ? 1  N30 B O61   1 
HETATM 911 C C12   . N30 C 2 .  ? 13.606  10.063  -7.830  1.00 55.98  ? 1  N30 B C12   1 
HETATM 912 N N12   . N30 C 2 .  ? 14.182  11.240  -7.143  1.00 59.41  ? 1  N30 B N12   1 
HETATM 913 C C22   . N30 C 2 .  ? 12.355  10.438  -8.692  1.00 55.31  ? 1  N30 B C22   1 
HETATM 914 C C32   . N30 C 2 .  ? 11.837  9.134   -9.401  1.00 58.25  ? 1  N30 B C32   1 
HETATM 915 N N32   . N30 C 2 .  ? 10.650  9.412   -10.263 1.00 58.49  ? 1  N30 B N32   1 
HETATM 916 C C42   . N30 C 2 .  ? 11.441  8.061   -8.347  1.00 59.12  ? 1  N30 B C42   1 
HETATM 917 C C52   . N30 C 2 .  ? 12.591  7.696   -7.387  1.00 60.24  ? 1  N30 B C52   1 
HETATM 918 O O52   . N30 C 2 .  ? 11.968  6.881   -6.332  1.00 62.48  ? 1  N30 B O52   1 
HETATM 919 C C62   . N30 C 2 .  ? 13.231  9.016   -6.766  1.00 58.08  ? 1  N30 B C62   1 
HETATM 920 O O62   . N30 C 2 .  ? 14.437  8.723   -6.044  1.00 58.70  ? 1  N30 B O62   1 
HETATM 921 C C13   . N30 C 2 .  ? 12.809  6.140   -5.435  1.00 66.91  ? 1  N30 B C13   1 
HETATM 922 C C23   . N30 C 2 .  ? 12.049  5.652   -4.157  1.00 70.28  ? 1  N30 B C23   1 
HETATM 923 O O23   . N30 C 2 .  ? 12.054  6.565   -3.025  1.00 70.25  ? 1  N30 B O23   1 
HETATM 924 C C33   . N30 C 2 .  ? 12.780  4.335   -3.957  1.00 72.53  ? 1  N30 B C33   1 
HETATM 925 O O33   . N30 C 2 .  ? 14.084  4.545   -3.316  1.00 75.37  ? 1  N30 B O33   1 
HETATM 926 C C43   . N30 C 2 .  ? 12.948  3.776   -5.365  1.00 73.03  ? 1  N30 B C43   1 
HETATM 927 O O43   . N30 C 2 .  ? 13.300  4.958   -6.079  1.00 69.39  ? 1  N30 B O43   1 
HETATM 928 C C53   . N30 C 2 .  ? 11.661  3.126   -5.976  1.00 75.00  ? 1  N30 B C53   1 
HETATM 929 N N53   . N30 C 2 .  ? 11.224  2.044   -5.157  1.00 76.75  ? 1  N30 B N53   1 
# 
loop_
_pdbx_poly_seq_scheme.asym_id 
_pdbx_poly_seq_scheme.entity_id 
_pdbx_poly_seq_scheme.seq_id 
_pdbx_poly_seq_scheme.mon_id 
_pdbx_poly_seq_scheme.ndb_seq_num 
_pdbx_poly_seq_scheme.pdb_seq_num 
_pdbx_poly_seq_scheme.auth_seq_num 
_pdbx_poly_seq_scheme.pdb_mon_id 
_pdbx_poly_seq_scheme.auth_mon_id 
_pdbx_poly_seq_scheme.pdb_strand_id 
_pdbx_poly_seq_scheme.pdb_ins_code 
_pdbx_poly_seq_scheme.hetero 
A 1 1  U 1  1  ?  ? ? A . n 
A 1 2  U 2  2  ?  ? ? A . n 
A 1 3  G 3  3  3  G G A . n 
A 1 4  C 4  4  4  C C A . n 
A 1 5  G 5  5  5  G G A . n 
A 1 6  U 6  6  6  U U A . n 
A 1 7  C 7  7  7  C C A . n 
A 1 8  A 8  8  8  A A A . n 
A 1 9  C 9  9  9  C C A . n 
A 1 10 A 10 10 10 A A A . n 
A 1 11 C 11 11 11 C C A . n 
A 1 12 C 12 12 12 C C A . n 
A 1 13 G 13 13 13 G G A . n 
A 1 14 G 14 14 14 G G A . n 
A 1 15 U 15 15 15 U U A . n 
A 1 16 G 16 16 16 G G A . n 
A 1 17 A 17 17 17 A A A . n 
A 1 18 A 18 18 18 A A A . n 
A 1 19 G 19 19 19 G G A . n 
A 1 20 U 20 20 20 U U A . n 
A 1 21 C 21 21 21 C C A . n 
A 1 22 G 22 22 22 G G A . n 
A 1 23 C 23 23 23 C C A . n 
B 1 1  U 1  24 ?  ? ? B . n 
B 1 2  U 2  25 ?  ? ? B . n 
B 1 3  G 3  26 26 G G B . n 
B 1 4  C 4  27 27 C C B . n 
B 1 5  G 5  28 28 G G B . n 
B 1 6  U 6  29 29 U U B . n 
B 1 7  C 7  30 30 C C B . n 
B 1 8  A 8  31 31 A A B . n 
B 1 9  C 9  32 32 C C B . n 
B 1 10 A 10 33 33 A A B . n 
B 1 11 C 11 34 34 C C B . n 
B 1 12 C 12 35 35 C C B . n 
B 1 13 G 13 36 36 G G B . n 
B 1 14 G 14 37 37 G G B . n 
B 1 15 U 15 38 38 U U B . n 
B 1 16 G 16 39 39 G G B . n 
B 1 17 A 17 40 40 A A B . n 
B 1 18 A 18 41 41 A A B . n 
B 1 19 G 19 42 42 G G B . n 
B 1 20 U 20 43 43 U U B . n 
B 1 21 C 21 44 44 C C B . n 
B 1 22 G 22 45 45 G G B . n 
B 1 23 C 23 46 46 C C B . n 
# 
_pdbx_nonpoly_scheme.asym_id         C 
_pdbx_nonpoly_scheme.entity_id       2 
_pdbx_nonpoly_scheme.mon_id          N30 
_pdbx_nonpoly_scheme.ndb_seq_num     1 
_pdbx_nonpoly_scheme.pdb_seq_num     1 
_pdbx_nonpoly_scheme.auth_seq_num    1 
_pdbx_nonpoly_scheme.pdb_mon_id      N30 
_pdbx_nonpoly_scheme.auth_mon_id     N30 
_pdbx_nonpoly_scheme.pdb_strand_id   B 
_pdbx_nonpoly_scheme.pdb_ins_code    . 
# 
_struct_site_keywords.site_id   1 
_struct_site_keywords.text      'MAJOR GROOVE BINDER' 
# 
_pdbx_struct_assembly.id                   1 
_pdbx_struct_assembly.details              author_defined_assembly 
_pdbx_struct_assembly.method_details       ? 
_pdbx_struct_assembly.oligomeric_details   dimeric 
_pdbx_struct_assembly.oligomeric_count     2 
# 
_pdbx_struct_assembly_gen.assembly_id       1 
_pdbx_struct_assembly_gen.oper_expression   1 
_pdbx_struct_assembly_gen.asym_id_list      A,B,C 
# 
_pdbx_struct_oper_list.id                   1 
_pdbx_struct_oper_list.type                 'identity operation' 
_pdbx_struct_oper_list.name                 1_555 
_pdbx_struct_oper_list.symmetry_operation   x,y,z 
_pdbx_struct_oper_list.matrix[1][1]         1.0000000000 
_pdbx_struct_oper_list.matrix[1][2]         0.0000000000 
_pdbx_struct_oper_list.matrix[1][3]         0.0000000000 
_pdbx_struct_oper_list.vector[1]            0.0000000000 
_pdbx_struct_oper_list.matrix[2][1]         0.0000000000 
_pdbx_struct_oper_list.matrix[2][2]         1.0000000000 
_pdbx_struct_oper_list.matrix[2][3]         0.0000000000 
_pdbx_struct_oper_list.vector[2]            0.0000000000 
_pdbx_struct_oper_list.matrix[3][1]         0.0000000000 
_pdbx_struct_oper_list.matrix[3][2]         0.0000000000 
_pdbx_struct_oper_list.matrix[3][3]         1.0000000000 
_pdbx_struct_oper_list.vector[3]            0.0000000000 
# 
loop_
_pdbx_audit_revision_history.ordinal 
_pdbx_audit_revision_history.data_content_type 
_pdbx_audit_revision_history.major_revision 
_pdbx_audit_revision_history.minor_revision 
_pdbx_audit_revision_history.revision_date 
1 'Structure model' 1 0 2007-11-06 
2 'Structure model' 1 1 2011-07-13 
3 'Structure model' 1 2 2023-08-30 
# 
_pdbx_audit_revision_details.ordinal             1 
_pdbx_audit_revision_details.revision_ordinal    1 
_pdbx_audit_revision_details.data_content_type   'Structure model' 
_pdbx_audit_revision_details.provider            repository 
_pdbx_audit_revision_details.type                'Initial release' 
_pdbx_audit_revision_details.description         ? 
_pdbx_audit_revision_details.details             ? 
# 
loop_
_pdbx_audit_revision_group.ordinal 
_pdbx_audit_revision_group.revision_ordinal 
_pdbx_audit_revision_group.data_content_type 
_pdbx_audit_revision_group.group 
1 2 'Structure model' 'Version format compliance' 
2 3 'Structure model' 'Data collection'           
3 3 'Structure model' 'Database references'       
4 3 'Structure model' 'Derived calculations'      
5 3 'Structure model' 'Refinement description'    
# 
loop_
_pdbx_audit_revision_category.ordinal 
_pdbx_audit_revision_category.revision_ordinal 
_pdbx_audit_revision_category.data_content_type 
_pdbx_audit_revision_category.category 
1 3 'Structure model' chem_comp_atom                
2 3 'Structure model' chem_comp_bond                
3 3 'Structure model' database_2                    
4 3 'Structure model' pdbx_initial_refinement_model 
5 3 'Structure model' struct_ref_seq                
6 3 'Structure model' struct_site                   
# 
loop_
_pdbx_audit_revision_item.ordinal 
_pdbx_audit_revision_item.revision_ordinal 
_pdbx_audit_revision_item.data_content_type 
_pdbx_audit_revision_item.item 
1 3 'Structure model' '_database_2.pdbx_DOI'                
2 3 'Structure model' '_database_2.pdbx_database_accession' 
3 3 'Structure model' '_struct_ref_seq.db_align_beg'        
4 3 'Structure model' '_struct_ref_seq.db_align_end'        
5 3 'Structure model' '_struct_site.pdbx_auth_asym_id'      
6 3 'Structure model' '_struct_site.pdbx_auth_comp_id'      
7 3 'Structure model' '_struct_site.pdbx_auth_seq_id'       
# 
loop_
_software.name 
_software.version 
_software.date 
_software.type 
_software.contact_author 
_software.contact_author_email 
_software.classification 
_software.location 
_software.language 
_software.citation_id 
_software.pdbx_ordinal 
d*TREK       9.4SSI  'Apr 27 2005'    package 'Pflugrath, J.W.' jwp@RigakuMSC.com        'data processing' 
http://www.msc.com/protein/dtrek.html ?          ? 1 
CNS          .       ?                package 'Axel T. Brunger' axel.brunger@yale.edu    refinement        
http://cns.csb.yale.edu/v1.1/         Fortran_77 ? 2 
PDB_EXTRACT  2.000   'April. 3, 2006' package PDB               sw-help@rcsb.rutgers.edu 'data extraction' 
http://pdb.rutgers.edu/software/      C++        ? 3 
ADSC         Quantum ?                ?       ?                 ?                        'data collection' ? ?          ? 4 
CrystalClear .       ?                ?       ?                 ?                        'data reduction'  ? ?          ? 5 
CrystalClear .       ?                ?       ?                 ?                        'data scaling'    ? ?          ? 6 
AMoRE        .       ?                ?       ?                 ?                        phasing           ? ?          ? 7 
# 
_pdbx_validate_planes.id              1 
_pdbx_validate_planes.PDB_model_num   1 
_pdbx_validate_planes.auth_comp_id    U 
_pdbx_validate_planes.auth_asym_id    B 
_pdbx_validate_planes.auth_seq_id     43 
_pdbx_validate_planes.PDB_ins_code    ? 
_pdbx_validate_planes.label_alt_id    ? 
_pdbx_validate_planes.rmsd            0.064 
_pdbx_validate_planes.type            'SIDE CHAIN' 
# 
loop_
_pdbx_unobs_or_zero_occ_residues.id 
_pdbx_unobs_or_zero_occ_residues.PDB_model_num 
_pdbx_unobs_or_zero_occ_residues.polymer_flag 
_pdbx_unobs_or_zero_occ_residues.occupancy_flag 
_pdbx_unobs_or_zero_occ_residues.auth_asym_id 
_pdbx_unobs_or_zero_occ_residues.auth_comp_id 
_pdbx_unobs_or_zero_occ_residues.auth_seq_id 
_pdbx_unobs_or_zero_occ_residues.PDB_ins_code 
_pdbx_unobs_or_zero_occ_residues.label_asym_id 
_pdbx_unobs_or_zero_occ_residues.label_comp_id 
_pdbx_unobs_or_zero_occ_residues.label_seq_id 
1 1 Y 1 A U 1  ? A U 1 
2 1 Y 1 A U 2  ? A U 2 
3 1 Y 1 B U 24 ? B U 1 
4 1 Y 1 B U 25 ? B U 2 
# 
loop_
_chem_comp_atom.comp_id 
_chem_comp_atom.atom_id 
_chem_comp_atom.type_symbol 
_chem_comp_atom.pdbx_aromatic_flag 
_chem_comp_atom.pdbx_stereo_config 
_chem_comp_atom.pdbx_ordinal 
A   OP3    O N N 1   
A   P      P N N 2   
A   OP1    O N N 3   
A   OP2    O N N 4   
A   "O5'"  O N N 5   
A   "C5'"  C N N 6   
A   "C4'"  C N R 7   
A   "O4'"  O N N 8   
A   "C3'"  C N S 9   
A   "O3'"  O N N 10  
A   "C2'"  C N R 11  
A   "O2'"  O N N 12  
A   "C1'"  C N R 13  
A   N9     N Y N 14  
A   C8     C Y N 15  
A   N7     N Y N 16  
A   C5     C Y N 17  
A   C6     C Y N 18  
A   N6     N N N 19  
A   N1     N Y N 20  
A   C2     C Y N 21  
A   N3     N Y N 22  
A   C4     C Y N 23  
A   HOP3   H N N 24  
A   HOP2   H N N 25  
A   "H5'"  H N N 26  
A   "H5''" H N N 27  
A   "H4'"  H N N 28  
A   "H3'"  H N N 29  
A   "HO3'" H N N 30  
A   "H2'"  H N N 31  
A   "HO2'" H N N 32  
A   "H1'"  H N N 33  
A   H8     H N N 34  
A   H61    H N N 35  
A   H62    H N N 36  
A   H2     H N N 37  
C   OP3    O N N 38  
C   P      P N N 39  
C   OP1    O N N 40  
C   OP2    O N N 41  
C   "O5'"  O N N 42  
C   "C5'"  C N N 43  
C   "C4'"  C N R 44  
C   "O4'"  O N N 45  
C   "C3'"  C N S 46  
C   "O3'"  O N N 47  
C   "C2'"  C N R 48  
C   "O2'"  O N N 49  
C   "C1'"  C N R 50  
C   N1     N N N 51  
C   C2     C N N 52  
C   O2     O N N 53  
C   N3     N N N 54  
C   C4     C N N 55  
C   N4     N N N 56  
C   C5     C N N 57  
C   C6     C N N 58  
C   HOP3   H N N 59  
C   HOP2   H N N 60  
C   "H5'"  H N N 61  
C   "H5''" H N N 62  
C   "H4'"  H N N 63  
C   "H3'"  H N N 64  
C   "HO3'" H N N 65  
C   "H2'"  H N N 66  
C   "HO2'" H N N 67  
C   "H1'"  H N N 68  
C   H41    H N N 69  
C   H42    H N N 70  
C   H5     H N N 71  
C   H6     H N N 72  
G   OP3    O N N 73  
G   P      P N N 74  
G   OP1    O N N 75  
G   OP2    O N N 76  
G   "O5'"  O N N 77  
G   "C5'"  C N N 78  
G   "C4'"  C N R 79  
G   "O4'"  O N N 80  
G   "C3'"  C N S 81  
G   "O3'"  O N N 82  
G   "C2'"  C N R 83  
G   "O2'"  O N N 84  
G   "C1'"  C N R 85  
G   N9     N Y N 86  
G   C8     C Y N 87  
G   N7     N Y N 88  
G   C5     C Y N 89  
G   C6     C N N 90  
G   O6     O N N 91  
G   N1     N N N 92  
G   C2     C N N 93  
G   N2     N N N 94  
G   N3     N N N 95  
G   C4     C Y N 96  
G   HOP3   H N N 97  
G   HOP2   H N N 98  
G   "H5'"  H N N 99  
G   "H5''" H N N 100 
G   "H4'"  H N N 101 
G   "H3'"  H N N 102 
G   "HO3'" H N N 103 
G   "H2'"  H N N 104 
G   "HO2'" H N N 105 
G   "H1'"  H N N 106 
G   H8     H N N 107 
G   H1     H N N 108 
G   H21    H N N 109 
G   H22    H N N 110 
N30 C11    C N R 111 
N30 O11    O N N 112 
N30 C21    C N R 113 
N30 N21    N N N 114 
N30 C31    C N R 115 
N30 O31    O N N 116 
N30 C41    C N S 117 
N30 O41    O N N 118 
N30 C51    C N R 119 
N30 O51    O N N 120 
N30 C61    C N N 121 
N30 O61    O N N 122 
N30 C12    C N R 123 
N30 N12    N N N 124 
N30 C22    C N N 125 
N30 C32    C N S 126 
N30 N32    N N N 127 
N30 C42    C N R 128 
N30 C52    C N R 129 
N30 O52    O N N 130 
N30 C62    C N S 131 
N30 O62    O N N 132 
N30 C13    C N S 133 
N30 C23    C N R 134 
N30 O23    O N N 135 
N30 C33    C N S 136 
N30 O33    O N N 137 
N30 C43    C N R 138 
N30 O43    O N N 139 
N30 C53    C N N 140 
N30 N53    N N N 141 
N30 H11    H N N 142 
N30 H21    H N N 143 
N30 H211   H N N 144 
N30 H212   H N N 145 
N30 H31    H N N 146 
N30 HO31   H N N 147 
N30 H41    H N N 148 
N30 HO41   H N N 149 
N30 H51    H N N 150 
N30 H611   H N N 151 
N30 H612   H N N 152 
N30 HO61   H N N 153 
N30 H12    H N N 154 
N30 H121   H N N 155 
N30 H122   H N N 156 
N30 H221   H N N 157 
N30 H222   H N N 158 
N30 H32    H N N 159 
N30 H321   H N N 160 
N30 H322   H N N 161 
N30 H42    H N N 162 
N30 H52    H N N 163 
N30 H62    H N N 164 
N30 HO62   H N N 165 
N30 H13    H N N 166 
N30 H23    H N N 167 
N30 HO23   H N N 168 
N30 H33    H N N 169 
N30 HO33   H N N 170 
N30 H43    H N N 171 
N30 H531   H N N 172 
N30 H532   H N N 173 
N30 HN1    H N N 174 
N30 HN2    H N N 175 
U   OP3    O N N 176 
U   P      P N N 177 
U   OP1    O N N 178 
U   OP2    O N N 179 
U   "O5'"  O N N 180 
U   "C5'"  C N N 181 
U   "C4'"  C N R 182 
U   "O4'"  O N N 183 
U   "C3'"  C N S 184 
U   "O3'"  O N N 185 
U   "C2'"  C N R 186 
U   "O2'"  O N N 187 
U   "C1'"  C N R 188 
U   N1     N N N 189 
U   C2     C N N 190 
U   O2     O N N 191 
U   N3     N N N 192 
U   C4     C N N 193 
U   O4     O N N 194 
U   C5     C N N 195 
U   C6     C N N 196 
U   HOP3   H N N 197 
U   HOP2   H N N 198 
U   "H5'"  H N N 199 
U   "H5''" H N N 200 
U   "H4'"  H N N 201 
U   "H3'"  H N N 202 
U   "HO3'" H N N 203 
U   "H2'"  H N N 204 
U   "HO2'" H N N 205 
U   "H1'"  H N N 206 
U   H3     H N N 207 
U   H5     H N N 208 
U   H6     H N N 209 
# 
loop_
_chem_comp_bond.comp_id 
_chem_comp_bond.atom_id_1 
_chem_comp_bond.atom_id_2 
_chem_comp_bond.value_order 
_chem_comp_bond.pdbx_aromatic_flag 
_chem_comp_bond.pdbx_stereo_config 
_chem_comp_bond.pdbx_ordinal 
A   OP3   P      sing N N 1   
A   OP3   HOP3   sing N N 2   
A   P     OP1    doub N N 3   
A   P     OP2    sing N N 4   
A   P     "O5'"  sing N N 5   
A   OP2   HOP2   sing N N 6   
A   "O5'" "C5'"  sing N N 7   
A   "C5'" "C4'"  sing N N 8   
A   "C5'" "H5'"  sing N N 9   
A   "C5'" "H5''" sing N N 10  
A   "C4'" "O4'"  sing N N 11  
A   "C4'" "C3'"  sing N N 12  
A   "C4'" "H4'"  sing N N 13  
A   "O4'" "C1'"  sing N N 14  
A   "C3'" "O3'"  sing N N 15  
A   "C3'" "C2'"  sing N N 16  
A   "C3'" "H3'"  sing N N 17  
A   "O3'" "HO3'" sing N N 18  
A   "C2'" "O2'"  sing N N 19  
A   "C2'" "C1'"  sing N N 20  
A   "C2'" "H2'"  sing N N 21  
A   "O2'" "HO2'" sing N N 22  
A   "C1'" N9     sing N N 23  
A   "C1'" "H1'"  sing N N 24  
A   N9    C8     sing Y N 25  
A   N9    C4     sing Y N 26  
A   C8    N7     doub Y N 27  
A   C8    H8     sing N N 28  
A   N7    C5     sing Y N 29  
A   C5    C6     sing Y N 30  
A   C5    C4     doub Y N 31  
A   C6    N6     sing N N 32  
A   C6    N1     doub Y N 33  
A   N6    H61    sing N N 34  
A   N6    H62    sing N N 35  
A   N1    C2     sing Y N 36  
A   C2    N3     doub Y N 37  
A   C2    H2     sing N N 38  
A   N3    C4     sing Y N 39  
C   OP3   P      sing N N 40  
C   OP3   HOP3   sing N N 41  
C   P     OP1    doub N N 42  
C   P     OP2    sing N N 43  
C   P     "O5'"  sing N N 44  
C   OP2   HOP2   sing N N 45  
C   "O5'" "C5'"  sing N N 46  
C   "C5'" "C4'"  sing N N 47  
C   "C5'" "H5'"  sing N N 48  
C   "C5'" "H5''" sing N N 49  
C   "C4'" "O4'"  sing N N 50  
C   "C4'" "C3'"  sing N N 51  
C   "C4'" "H4'"  sing N N 52  
C   "O4'" "C1'"  sing N N 53  
C   "C3'" "O3'"  sing N N 54  
C   "C3'" "C2'"  sing N N 55  
C   "C3'" "H3'"  sing N N 56  
C   "O3'" "HO3'" sing N N 57  
C   "C2'" "O2'"  sing N N 58  
C   "C2'" "C1'"  sing N N 59  
C   "C2'" "H2'"  sing N N 60  
C   "O2'" "HO2'" sing N N 61  
C   "C1'" N1     sing N N 62  
C   "C1'" "H1'"  sing N N 63  
C   N1    C2     sing N N 64  
C   N1    C6     sing N N 65  
C   C2    O2     doub N N 66  
C   C2    N3     sing N N 67  
C   N3    C4     doub N N 68  
C   C4    N4     sing N N 69  
C   C4    C5     sing N N 70  
C   N4    H41    sing N N 71  
C   N4    H42    sing N N 72  
C   C5    C6     doub N N 73  
C   C5    H5     sing N N 74  
C   C6    H6     sing N N 75  
G   OP3   P      sing N N 76  
G   OP3   HOP3   sing N N 77  
G   P     OP1    doub N N 78  
G   P     OP2    sing N N 79  
G   P     "O5'"  sing N N 80  
G   OP2   HOP2   sing N N 81  
G   "O5'" "C5'"  sing N N 82  
G   "C5'" "C4'"  sing N N 83  
G   "C5'" "H5'"  sing N N 84  
G   "C5'" "H5''" sing N N 85  
G   "C4'" "O4'"  sing N N 86  
G   "C4'" "C3'"  sing N N 87  
G   "C4'" "H4'"  sing N N 88  
G   "O4'" "C1'"  sing N N 89  
G   "C3'" "O3'"  sing N N 90  
G   "C3'" "C2'"  sing N N 91  
G   "C3'" "H3'"  sing N N 92  
G   "O3'" "HO3'" sing N N 93  
G   "C2'" "O2'"  sing N N 94  
G   "C2'" "C1'"  sing N N 95  
G   "C2'" "H2'"  sing N N 96  
G   "O2'" "HO2'" sing N N 97  
G   "C1'" N9     sing N N 98  
G   "C1'" "H1'"  sing N N 99  
G   N9    C8     sing Y N 100 
G   N9    C4     sing Y N 101 
G   C8    N7     doub Y N 102 
G   C8    H8     sing N N 103 
G   N7    C5     sing Y N 104 
G   C5    C6     sing N N 105 
G   C5    C4     doub Y N 106 
G   C6    O6     doub N N 107 
G   C6    N1     sing N N 108 
G   N1    C2     sing N N 109 
G   N1    H1     sing N N 110 
G   C2    N2     sing N N 111 
G   C2    N3     doub N N 112 
G   N2    H21    sing N N 113 
G   N2    H22    sing N N 114 
G   N3    C4     sing N N 115 
N30 C11   C21    sing N N 116 
N30 C11   O51    sing N N 117 
N30 C11   O11    sing N N 118 
N30 C11   H11    sing N N 119 
N30 O11   C42    sing N N 120 
N30 C21   C31    sing N N 121 
N30 C21   N21    sing N N 122 
N30 C21   H21    sing N N 123 
N30 N21   H211   sing N N 124 
N30 N21   H212   sing N N 125 
N30 C31   O31    sing N N 126 
N30 C31   C41    sing N N 127 
N30 C31   H31    sing N N 128 
N30 O31   HO31   sing N N 129 
N30 C41   O41    sing N N 130 
N30 C41   C51    sing N N 131 
N30 C41   H41    sing N N 132 
N30 O41   HO41   sing N N 133 
N30 C51   C61    sing N N 134 
N30 C51   O51    sing N N 135 
N30 C51   H51    sing N N 136 
N30 C61   O61    sing N N 137 
N30 C61   H611   sing N N 138 
N30 C61   H612   sing N N 139 
N30 O61   HO61   sing N N 140 
N30 C12   C22    sing N N 141 
N30 C12   N12    sing N N 142 
N30 C12   C62    sing N N 143 
N30 C12   H12    sing N N 144 
N30 N12   H121   sing N N 145 
N30 N12   H122   sing N N 146 
N30 C22   C32    sing N N 147 
N30 C22   H221   sing N N 148 
N30 C22   H222   sing N N 149 
N30 C32   N32    sing N N 150 
N30 C32   C42    sing N N 151 
N30 C32   H32    sing N N 152 
N30 N32   H321   sing N N 153 
N30 N32   H322   sing N N 154 
N30 C42   C52    sing N N 155 
N30 C42   H42    sing N N 156 
N30 C52   C62    sing N N 157 
N30 C52   O52    sing N N 158 
N30 C52   H52    sing N N 159 
N30 O52   C13    sing N N 160 
N30 C62   O62    sing N N 161 
N30 C62   H62    sing N N 162 
N30 O62   HO62   sing N N 163 
N30 C13   O43    sing N N 164 
N30 C13   C23    sing N N 165 
N30 C13   H13    sing N N 166 
N30 C23   C33    sing N N 167 
N30 C23   O23    sing N N 168 
N30 C23   H23    sing N N 169 
N30 O23   HO23   sing N N 170 
N30 C33   C43    sing N N 171 
N30 C33   O33    sing N N 172 
N30 C33   H33    sing N N 173 
N30 O33   HO33   sing N N 174 
N30 C43   C53    sing N N 175 
N30 C43   O43    sing N N 176 
N30 C43   H43    sing N N 177 
N30 C53   N53    sing N N 178 
N30 C53   H531   sing N N 179 
N30 C53   H532   sing N N 180 
N30 N53   HN1    sing N N 181 
N30 N53   HN2    sing N N 182 
U   OP3   P      sing N N 183 
U   OP3   HOP3   sing N N 184 
U   P     OP1    doub N N 185 
U   P     OP2    sing N N 186 
U   P     "O5'"  sing N N 187 
U   OP2   HOP2   sing N N 188 
U   "O5'" "C5'"  sing N N 189 
U   "C5'" "C4'"  sing N N 190 
U   "C5'" "H5'"  sing N N 191 
U   "C5'" "H5''" sing N N 192 
U   "C4'" "O4'"  sing N N 193 
U   "C4'" "C3'"  sing N N 194 
U   "C4'" "H4'"  sing N N 195 
U   "O4'" "C1'"  sing N N 196 
U   "C3'" "O3'"  sing N N 197 
U   "C3'" "C2'"  sing N N 198 
U   "C3'" "H3'"  sing N N 199 
U   "O3'" "HO3'" sing N N 200 
U   "C2'" "O2'"  sing N N 201 
U   "C2'" "C1'"  sing N N 202 
U   "C2'" "H2'"  sing N N 203 
U   "O2'" "HO2'" sing N N 204 
U   "C1'" N1     sing N N 205 
U   "C1'" "H1'"  sing N N 206 
U   N1    C2     sing N N 207 
U   N1    C6     sing N N 208 
U   C2    O2     doub N N 209 
U   C2    N3     sing N N 210 
U   N3    C4     sing N N 211 
U   N3    H3     sing N N 212 
U   C4    O4     doub N N 213 
U   C4    C5     sing N N 214 
U   C5    C6     doub N N 215 
U   C5    H5     sing N N 216 
U   C6    H6     sing N N 217 
# 
loop_
_ndb_struct_conf_na.entry_id 
_ndb_struct_conf_na.feature 
2O3X 'double helix'         
2O3X 'a-form double helix'  
2O3X 'mismatched base pair' 
2O3X 'internal loop'        
# 
loop_
_ndb_struct_na_base_pair.model_number 
_ndb_struct_na_base_pair.i_label_asym_id 
_ndb_struct_na_base_pair.i_label_comp_id 
_ndb_struct_na_base_pair.i_label_seq_id 
_ndb_struct_na_base_pair.i_symmetry 
_ndb_struct_na_base_pair.j_label_asym_id 
_ndb_struct_na_base_pair.j_label_comp_id 
_ndb_struct_na_base_pair.j_label_seq_id 
_ndb_struct_na_base_pair.j_symmetry 
_ndb_struct_na_base_pair.shear 
_ndb_struct_na_base_pair.stretch 
_ndb_struct_na_base_pair.stagger 
_ndb_struct_na_base_pair.buckle 
_ndb_struct_na_base_pair.propeller 
_ndb_struct_na_base_pair.opening 
_ndb_struct_na_base_pair.pair_number 
_ndb_struct_na_base_pair.pair_name 
_ndb_struct_na_base_pair.i_auth_asym_id 
_ndb_struct_na_base_pair.i_auth_seq_id 
_ndb_struct_na_base_pair.i_PDB_ins_code 
_ndb_struct_na_base_pair.j_auth_asym_id 
_ndb_struct_na_base_pair.j_auth_seq_id 
_ndb_struct_na_base_pair.j_PDB_ins_code 
_ndb_struct_na_base_pair.hbond_type_28 
_ndb_struct_na_base_pair.hbond_type_12 
1 A G 3  1_555 B C 23 1_555 -0.302 -0.352 0.084  -7.606  -2.755  -2.241 1  A_G3:C46_B  A 3  ? B 46 ? 19 1 
1 A C 4  1_555 B G 22 1_555 -0.072 -0.041 -0.470 4.280   -5.494  -0.152 2  A_C4:G45_B  A 4  ? B 45 ? 19 1 
1 A G 5  1_555 B C 21 1_555 -0.014 -0.143 0.260  -2.873  -1.526  4.945  3  A_G5:C44_B  A 5  ? B 44 ? 19 1 
1 A C 7  1_555 B G 19 1_555 0.139  -0.100 -0.450 4.593   -8.442  0.714  4  A_C7:G42_B  A 7  ? B 42 ? 19 1 
1 A C 9  1_555 B G 16 1_555 0.461  0.092  0.109  5.449   -23.438 7.132  5  A_C9:G39_B  A 9  ? B 39 ? 19 1 
1 A A 10 1_555 B U 15 1_555 0.039  -0.220 0.254  2.117   -16.191 2.570  6  A_A10:U38_B A 10 ? B 38 ? 20 1 
1 A C 11 1_555 B G 14 1_555 0.169  -0.150 -0.507 9.589   -17.260 6.308  7  A_C11:G37_B A 11 ? B 37 ? 19 1 
1 A C 12 1_555 B G 13 1_555 0.003  -0.188 0.393  -0.720  -9.088  -5.142 8  A_C12:G36_B A 12 ? B 36 ? 19 1 
1 A G 13 1_555 B C 12 1_555 -0.151 -0.098 -0.121 -3.676  -23.030 3.417  9  A_G13:C35_B A 13 ? B 35 ? 19 1 
1 A G 14 1_555 B C 11 1_555 0.156  -0.149 0.065  -6.051  -12.800 -2.689 10 A_G14:C34_B A 14 ? B 34 ? 19 1 
1 A U 15 1_555 B A 10 1_555 0.244  -0.314 -0.062 2.692   -12.792 7.230  11 A_U15:A33_B A 15 ? B 33 ? 20 1 
1 A G 16 1_555 B C 9  1_555 0.689  -0.143 0.353  -6.379  -11.633 -0.099 12 A_G16:C32_B A 16 ? B 32 ? 19 1 
1 A G 19 1_555 B C 7  1_555 0.037  -0.071 0.017  -0.923  -5.035  -4.056 13 A_G19:C30_B A 19 ? B 30 ? 19 1 
1 A U 20 1_555 B U 6  1_555 -1.525 -1.827 0.552  -6.866  -11.753 13.635 14 A_U20:U29_B A 20 ? B 29 ? 16 1 
1 A C 21 1_555 B G 5  1_555 0.183  -0.151 0.959  -14.516 -10.527 1.710  15 A_C21:G28_B A 21 ? B 28 ? 19 1 
1 A G 22 1_555 B C 4  1_555 -0.222 -0.168 -0.167 -11.141 -10.368 5.228  16 A_G22:C27_B A 22 ? B 27 ? 19 1 
1 A C 23 1_555 B G 3  1_555 0.281  -0.217 -0.158 -1.909  -2.984  0.916  17 A_C23:G26_B A 23 ? B 26 ? 19 1 
# 
loop_
_ndb_struct_na_base_pair_step.model_number 
_ndb_struct_na_base_pair_step.i_label_asym_id_1 
_ndb_struct_na_base_pair_step.i_label_comp_id_1 
_ndb_struct_na_base_pair_step.i_label_seq_id_1 
_ndb_struct_na_base_pair_step.i_symmetry_1 
_ndb_struct_na_base_pair_step.j_label_asym_id_1 
_ndb_struct_na_base_pair_step.j_label_comp_id_1 
_ndb_struct_na_base_pair_step.j_label_seq_id_1 
_ndb_struct_na_base_pair_step.j_symmetry_1 
_ndb_struct_na_base_pair_step.i_label_asym_id_2 
_ndb_struct_na_base_pair_step.i_label_comp_id_2 
_ndb_struct_na_base_pair_step.i_label_seq_id_2 
_ndb_struct_na_base_pair_step.i_symmetry_2 
_ndb_struct_na_base_pair_step.j_label_asym_id_2 
_ndb_struct_na_base_pair_step.j_label_comp_id_2 
_ndb_struct_na_base_pair_step.j_label_seq_id_2 
_ndb_struct_na_base_pair_step.j_symmetry_2 
_ndb_struct_na_base_pair_step.shift 
_ndb_struct_na_base_pair_step.slide 
_ndb_struct_na_base_pair_step.rise 
_ndb_struct_na_base_pair_step.tilt 
_ndb_struct_na_base_pair_step.roll 
_ndb_struct_na_base_pair_step.twist 
_ndb_struct_na_base_pair_step.x_displacement 
_ndb_struct_na_base_pair_step.y_displacement 
_ndb_struct_na_base_pair_step.helical_rise 
_ndb_struct_na_base_pair_step.inclination 
_ndb_struct_na_base_pair_step.tip 
_ndb_struct_na_base_pair_step.helical_twist 
_ndb_struct_na_base_pair_step.step_number 
_ndb_struct_na_base_pair_step.step_name 
_ndb_struct_na_base_pair_step.i_auth_asym_id_1 
_ndb_struct_na_base_pair_step.i_auth_seq_id_1 
_ndb_struct_na_base_pair_step.i_PDB_ins_code_1 
_ndb_struct_na_base_pair_step.j_auth_asym_id_1 
_ndb_struct_na_base_pair_step.j_auth_seq_id_1 
_ndb_struct_na_base_pair_step.j_PDB_ins_code_1 
_ndb_struct_na_base_pair_step.i_auth_asym_id_2 
_ndb_struct_na_base_pair_step.i_auth_seq_id_2 
_ndb_struct_na_base_pair_step.i_PDB_ins_code_2 
_ndb_struct_na_base_pair_step.j_auth_asym_id_2 
_ndb_struct_na_base_pair_step.j_auth_seq_id_2 
_ndb_struct_na_base_pair_step.j_PDB_ins_code_2 
1 A G 3  1_555 B C 23 1_555 A C 4  1_555 B G 22 1_555 0.101  -2.023 3.138 2.833  1.264  29.655 -4.183 0.364  3.047 2.462  -5.516  
29.813 1  AA_G3C4:G45C46_BB   A 3  ? B 46 ? A 4  ? B 45 ? 
1 A C 4  1_555 B G 22 1_555 A G 5  1_555 B C 21 1_555 0.083  -1.707 3.499 -4.292 7.896  30.171 -4.632 -0.959 2.930 14.762 8.025   
31.451 2  AA_C4G5:C44G45_BB   A 4  ? B 45 ? A 5  ? B 44 ? 
1 A G 5  1_555 B C 21 1_555 A C 7  1_555 B G 19 1_555 0.671  -2.913 6.212 8.663  8.721  63.757 -3.400 0.052  5.852 8.177  -8.122  
64.808 3  AA_G5C7:G42C44_BB   A 5  ? B 44 ? A 7  ? B 42 ? 
1 A C 9  1_555 B G 16 1_555 A A 10 1_555 B U 15 1_555 -0.020 -1.699 3.161 -1.807 17.497 30.591 -4.997 -0.193 1.936 30.232 3.122   
35.182 4  AA_C9A10:U38G39_BB  A 9  ? B 39 ? A 10 ? B 38 ? 
1 A A 10 1_555 B U 15 1_555 A C 11 1_555 B G 14 1_555 0.855  -1.449 2.976 5.740  1.371  30.541 -2.946 -0.579 3.017 2.573  -10.771 
31.093 5  AA_A10C11:G37U38_BB A 10 ? B 38 ? A 11 ? B 37 ? 
1 A C 11 1_555 B G 14 1_555 A C 12 1_555 B G 13 1_555 -1.077 -1.853 3.604 -8.341 6.719  32.229 -4.351 0.388  3.329 11.707 14.533  
33.917 6  AA_C11C12:G36G37_BB A 11 ? B 37 ? A 12 ? B 36 ? 
1 A C 12 1_555 B G 13 1_555 A G 13 1_555 B C 12 1_555 0.394  -1.798 3.265 5.304  9.132  27.293 -5.395 0.282  2.572 18.499 -10.743 
29.229 7  AA_C12G13:C35G36_BB A 12 ? B 36 ? A 13 ? B 35 ? 
1 A G 13 1_555 B C 12 1_555 A G 14 1_555 B C 11 1_555 -0.410 -1.602 3.262 -3.548 7.501  34.258 -3.711 0.175  2.884 12.507 5.917   
35.220 8  AA_G13G14:C34C35_BB A 13 ? B 35 ? A 14 ? B 34 ? 
1 A G 14 1_555 B C 11 1_555 A U 15 1_555 B A 10 1_555 0.494  -0.944 2.940 3.258  3.137  30.975 -2.278 -0.366 2.869 5.836  -6.060  
31.296 9  AA_G14U15:A33C34_BB A 14 ? B 34 ? A 15 ? B 33 ? 
1 A U 15 1_555 B A 10 1_555 A G 16 1_555 B C 9  1_555 0.195  -1.498 3.242 1.293  17.065 35.289 -4.078 -0.151 2.310 26.325 -1.994  
39.100 10 AA_U15G16:C32A33_BB A 15 ? B 33 ? A 16 ? B 32 ? 
1 A G 16 1_555 B C 9  1_555 A G 19 1_555 B C 7  1_555 -1.537 -2.579 5.931 0.844  16.685 72.037 -3.075 1.328  5.296 14.002 -0.708  
73.693 11 AA_G16G19:C30C32_BB A 16 ? B 32 ? A 19 ? B 30 ? 
1 A G 19 1_555 B C 7  1_555 A U 20 1_555 B U 6  1_555 0.640  -2.554 3.275 -7.882 0.091  24.477 -5.768 -3.593 2.920 0.207  18.004  
25.696 12 AA_G19U20:U29C30_BB A 19 ? B 30 ? A 20 ? B 29 ? 
1 A U 20 1_555 B U 6  1_555 A C 21 1_555 B G 5  1_555 -0.576 -1.436 3.548 -2.823 -2.320 42.263 -1.724 0.480  3.648 -3.211 3.906   
42.414 13 AA_U20C21:G28U29_BB A 20 ? B 29 ? A 21 ? B 28 ? 
1 A C 21 1_555 B G 5  1_555 A G 22 1_555 B C 4  1_555 -0.046 -2.278 2.852 7.408  9.300  31.837 -5.063 1.002  2.063 16.262 -12.953 
33.931 14 AA_C21G22:C27G28_BB A 21 ? B 28 ? A 22 ? B 27 ? 
1 A G 22 1_555 B C 4  1_555 A C 23 1_555 B G 3  1_555 0.206  -0.738 3.163 0.337  4.159  34.311 -1.856 -0.297 3.057 7.017  -0.568  
34.556 15 AA_G22C23:G26C27_BB A 22 ? B 27 ? A 23 ? B 26 ? 
# 
_pdbx_entity_nonpoly.entity_id   2 
_pdbx_entity_nonpoly.name        
;(1R,2R,3S,4R,6S)-4,6-DIAMINO-2-[(5-AMINO-5-DEOXY-BETA-D-RIBOFURANOSYL)OXY]-3-HYDROXYCYCLOHEXYL 2-AMINO-2-DEOXY-ALPHA-D-GLUCOPYRANOSIDE
;
_pdbx_entity_nonpoly.comp_id     N30 
# 
_pdbx_initial_refinement_model.id               1 
_pdbx_initial_refinement_model.entity_id_list   ? 
_pdbx_initial_refinement_model.type             'experimental model' 
_pdbx_initial_refinement_model.source_name      PDB 
_pdbx_initial_refinement_model.accession_code   1J7T 
_pdbx_initial_refinement_model.details          ? 
# 
